data_8DFV
#
_entry.id   8DFV
#
_cell.length_a   1.00
_cell.length_b   1.00
_cell.length_c   1.00
_cell.angle_alpha   90.00
_cell.angle_beta   90.00
_cell.angle_gamma   90.00
#
_symmetry.space_group_name_H-M   'P 1'
#
loop_
_entity.id
_entity.type
_entity.pdbx_description
1 polymer 'Endoribonuclease Dcr-1'
2 polymer 'RNA (60-MER)'
3 polymer 'Loquacious, isoform B'
4 non-polymer 'CALCIUM ION'
#
loop_
_entity_poly.entity_id
_entity_poly.type
_entity_poly.pdbx_seq_one_letter_code
_entity_poly.pdbx_strand_id
1 'polypeptide(L)'
;MAFHWCDNNLHTTVFTPRDFQVELLATAYERNTIICLGHRSSKEFIALKLLQELSRRARRHGRVSVYLSCEVGTSTEPCS
IYTMLTHLTDLRVWQEQPDMQIPFDHCWTDYHVSILRPEGFLYLLETRELLLSRVELIVLEDCHDSAVYQRIRPLFENHI
MPAPPADRPRILGLAGPLHSAGCELQQLSAMLATLEQSVLCQIESASDIVTVLRYCSRPHEYIVQCAPFEMDELSLVLAD
VLNTHKSFLLDHRYDPYEIYGTDQFMDELKDIPDPKVDPLNVINSLLVVLHEMGPWCTQRAAHHFYQCNEKLKVKTPHER
HYLLYCLVSTALIQLYSLCEHAFHRHLGSGSDSRQTIERYSSPKVRRLLQTLRCFKPEEVHTQADGLRRMRHQVDQADFN
RLSHTLESKCRMVDQLDQPPTETRALVATLEQILHTTEDRQTNRSAARVTPTPTPAHAKPKPSSGANTAQPRTRRRVYTR
RHHRDHNDGSDTLCALIYCNQNHTARVLFELLAEISRRDPDLKFLRCQYTTDRVADPTTEPKEAELEHRRQEEVLKRFRM
HDCNVLIGTSVLEEGIDVPKCNLVVRWDPPTTYRSYVQCKGRARAAPAYHVILVAPSYKSPTVGSVQLTDRSHRYICATG
DTTEADSDSDDSAMPNSSGSDPYTFGTARGTVKILNPEVFSKQPPTACDIKLQEIQDELPASAQLDTSNSSDEAVSMSNT
SPSESSTEQKSRRFQCELSSLTEPEDTSDTTAEIDTAHSLASTTKDLVHQMAQYREIEQMLLSKCANTEPPEQEQCEAER
FSACLAAYRPKPHLLTGASVDLGSAIALVNKYCARLPSDTFTKLTALWRCTRNERAGVTLFQYTLRLPINSPLKHDIVGL
PMPTQTLARRLAALQACVELHRIGELDDQLQPIGKEGFRALEPDWECFELEPEDEQIVQLSDEPRPGTTKRRQYYYKRIA
SEFCDCRPVAGAPCYLYFIQLTLQCPIPEEQNTRGRKIYPPEDAQQGFGILTTKRIPKLSAFSIFTRSGEVKVSLELAKE
RVILTSEQIVCINGFLNYTFTNVLRLQKFLMLFDPDSTENCVFIVPTVKAPAGGKHIDWQFLELIQANGNTMPRAVPDEE
RQAQPFDPQRFQDAVVMPWYRNQDQPQYFYVAEICPHLSPLSCFPGDNYRTFKHYYLVKYGLTIQNTSQPLLDVDHTSAR
LNFLTPRYVNRKGVALPTSSEETKRAKRENLEQKQILVPELCTVHPFPASLWRTAVCLPCILYRINGLLLADDIRKQVSA
DLGLGRQQIEDEDFEWPMLDFGWSLSEVLKKSRESKQKESLKDDTINGKDLVDVEKKAISEETQIDKDSKDDKVEKSAIE
LIIEGEEKLQEADDFIEIGTWSNDMADDIASFNQEDDDEDDAFHLPVLPANVKFCDQQTRYGSPTFWDVSNGESGFKGPK
SSQNKQGGKGKAKGPAKPTFNYYDSDNSLGSSYDDDDNAGPLNYMHHNYSSDDDDVADDIDAGRIAFTSKNEAETIETAQ
EVEKRQKQLSIIQATNANERQYQQTKNLLIGFNFKHEDQKEPATIRYEESIAKLKTEIESGGMLVPHDQQLVLKRSDAAE
AQVAKVSMMELLKQLLPYVNEDVLAKKLGDRRELLLSDLVELNADWVARHEQETYNVMGCGDSFDNYNDHHRLNLDEKQL
KLQYERIEIEPPTSTKAITSAILPAGFSFDRQPDLVGHPGPSPSIILQALTMSNANDGINLERLETIGDSFLKYAITTYL
YITYENVHEGKLSHLRSKQVANLNLYRLGRRKRLGEYMIATKFEPHDNWLPPCYYVPKELEKALIEAKIPTHHWKLADLL
DIKNLSSVQICEMVREKADALGLEQNGGAQNGQLDDSNDSCNDFSCFIPYNLVSQHSIPDKSIADCVEALIGAYLIECGP
RGALLFMAWLGVRVLPITRQLDGGNQEQRIPGSTKPNAENVVTVYGAWPTPRSPLLHFAPNATEELDQLLSGFEEFEESL
GYKFRDRSYLLQAMTHASYTPNRLTDCYQRLEFLGDAVLDYLITRHLYEDPRQHSPGALTDLRSALVNNTIFASLAVRHG
FHKFFRHLSPGLNDVIDRFVRIQQENGHCISEEYYLLSEEECDDAEDVEVPKALGDVFESIAGAIFLDSNMSLDVVWHVY
SNMMSPEIEQFSNSVPKSPIRELLELEPETAKFGKPEKLADGRRVRVTVDVFCKGTFRGIGRNYRIAKCTAAKCALRQLK
KQGLIAKKD
;
A
2 'polyribonucleotide' UGAGGUAGUAGGUUGUAUAGUAGUAAUUACACAUCAUACUAUACAACCUACUACCUCUCU E
3 'polypeptide(L)'
;MDQENFHGSSLPQQLQNLHIQPQQASPNPVQTGFAPRRHYNNLVGLGNGNAVSGSPVKGAPLGQRHVKLKKEKISAQVAQ
LSQPGQLQLSDVGDPALAGGSGLQGGVGLMGVILPSDEALKFVSETDANGLAMKTPVSILQELLSRRGITPGYELVQIEG
AIHEPTFRFRVSFKDKDTPFTAMGAGRSKKEAKHAAARALIDKLIGAQLPESPSSSAGPSVTGLTVAGSGGDGNANATGG
GDASDKTVGNPIGWLQEMCMQRRWPPPSYETETEVGLPHERLFTIACSILNYREMGKGKSKKIAKRLAAHRMWMRLQETP
IDSGKISDSICGELEGEPRSSENYYGELKDISVPTLTTQHSNKVSQFHKTLKNATGKKLLKLQKTCLKNNKIDYIKLLGE
IATENQFEVTYVDIEEKTFSGQFQCLVQLSTLPVGVCHGSGPTAADAQRHAAQNALEYLKIMTKK
;
K
#
# COMPACT_ATOMS: atom_id res chain seq x y z
N MET A 1 -20.51 -5.15 -2.95
CA MET A 1 -20.86 -6.16 -1.96
C MET A 1 -22.16 -5.80 -1.27
N ALA A 2 -22.08 -4.89 -0.30
CA ALA A 2 -23.26 -4.37 0.36
C ALA A 2 -23.81 -3.14 -0.34
N PHE A 3 -22.93 -2.36 -0.99
CA PHE A 3 -23.36 -1.17 -1.70
C PHE A 3 -23.91 -1.51 -3.09
N HIS A 4 -23.05 -2.01 -3.98
CA HIS A 4 -23.30 -2.72 -5.25
C HIS A 4 -24.40 -2.14 -6.14
N TRP A 5 -24.68 -0.84 -6.05
CA TRP A 5 -25.80 -0.29 -6.79
C TRP A 5 -25.27 0.57 -7.94
N CYS A 6 -26.18 1.25 -8.64
CA CYS A 6 -25.84 1.94 -9.87
C CYS A 6 -24.94 3.15 -9.62
N ASP A 7 -25.30 3.99 -8.63
CA ASP A 7 -24.61 5.24 -8.29
C ASP A 7 -24.50 6.18 -9.49
N ASN A 8 -25.49 6.10 -10.40
CA ASN A 8 -25.62 6.81 -11.67
C ASN A 8 -24.59 6.35 -12.71
N ASN A 9 -23.65 5.50 -12.30
CA ASN A 9 -22.45 5.13 -13.05
C ASN A 9 -21.78 6.36 -13.67
N LEU A 10 -22.25 6.72 -14.86
CA LEU A 10 -21.71 7.81 -15.66
C LEU A 10 -22.76 8.26 -16.66
N HIS A 11 -22.61 9.49 -17.13
CA HIS A 11 -23.68 10.15 -17.85
C HIS A 11 -23.73 9.72 -19.30
N THR A 12 -24.93 9.81 -19.88
CA THR A 12 -25.21 9.23 -21.17
C THR A 12 -25.56 10.25 -22.26
N THR A 13 -25.81 11.50 -21.92
CA THR A 13 -26.26 12.49 -22.91
C THR A 13 -25.51 13.80 -22.91
N VAL A 14 -24.63 14.05 -21.92
CA VAL A 14 -24.05 15.36 -21.71
C VAL A 14 -22.54 15.28 -21.55
N PHE A 15 -21.99 14.06 -21.72
CA PHE A 15 -20.56 13.74 -21.67
C PHE A 15 -19.94 13.73 -20.28
N THR A 16 -20.70 13.52 -19.16
CA THR A 16 -20.15 13.38 -17.79
C THR A 16 -19.28 14.58 -17.37
N PRO A 17 -19.90 15.62 -16.80
CA PRO A 17 -19.27 16.94 -16.72
C PRO A 17 -17.96 17.00 -15.97
N ARG A 18 -17.08 17.90 -16.41
CA ARG A 18 -15.89 18.21 -15.64
C ARG A 18 -16.28 18.97 -14.38
N ASP A 19 -15.41 18.95 -13.38
CA ASP A 19 -15.70 19.68 -12.16
C ASP A 19 -15.52 21.17 -12.40
N PHE A 20 -16.33 21.98 -11.70
CA PHE A 20 -16.61 23.35 -12.09
C PHE A 20 -15.42 24.28 -12.05
N GLN A 21 -14.39 23.95 -11.28
CA GLN A 21 -13.34 24.90 -10.97
C GLN A 21 -12.45 25.14 -12.18
N VAL A 22 -12.09 24.08 -12.87
CA VAL A 22 -11.28 24.21 -14.05
C VAL A 22 -12.10 24.76 -15.22
N GLU A 23 -13.42 24.54 -15.21
CA GLU A 23 -14.28 25.21 -16.17
C GLU A 23 -14.35 26.71 -15.93
N LEU A 24 -14.41 27.13 -14.67
CA LEU A 24 -14.40 28.55 -14.35
C LEU A 24 -13.12 29.20 -14.78
N LEU A 25 -11.99 28.52 -14.58
CA LEU A 25 -10.76 29.15 -14.99
C LEU A 25 -10.56 29.06 -16.49
N ALA A 26 -11.26 28.14 -17.15
CA ALA A 26 -11.33 28.14 -18.61
C ALA A 26 -12.04 29.39 -19.12
N THR A 27 -13.21 29.68 -18.56
CA THR A 27 -13.94 30.89 -18.96
C THR A 27 -13.17 32.15 -18.58
N ALA A 28 -12.54 32.13 -17.41
CA ALA A 28 -11.76 33.27 -16.93
C ALA A 28 -10.54 33.51 -17.78
N TYR A 29 -10.01 32.47 -18.42
CA TYR A 29 -8.84 32.57 -19.27
C TYR A 29 -9.07 33.43 -20.51
N GLU A 30 -10.33 33.59 -20.95
CA GLU A 30 -10.62 34.39 -22.13
C GLU A 30 -11.71 35.44 -21.95
N ARG A 31 -12.51 35.38 -20.90
CA ARG A 31 -13.41 36.46 -20.56
C ARG A 31 -13.02 37.15 -19.26
N ASN A 32 -13.26 38.45 -19.20
CA ASN A 32 -13.35 39.15 -17.93
C ASN A 32 -14.54 38.58 -17.19
N THR A 33 -14.33 37.77 -16.17
CA THR A 33 -15.43 37.13 -15.48
C THR A 33 -15.57 37.69 -14.08
N ILE A 34 -16.54 37.14 -13.35
CA ILE A 34 -16.78 37.43 -11.94
C ILE A 34 -17.20 36.09 -11.35
N ILE A 35 -16.31 35.45 -10.61
CA ILE A 35 -16.52 34.08 -10.20
C ILE A 35 -17.23 34.09 -8.86
N CYS A 36 -18.39 33.47 -8.81
CA CYS A 36 -19.29 33.60 -7.68
C CYS A 36 -19.25 32.34 -6.84
N LEU A 37 -18.29 32.28 -5.93
CA LEU A 37 -18.03 31.10 -5.11
C LEU A 37 -17.98 31.52 -3.65
N GLY A 38 -18.80 30.87 -2.82
CA GLY A 38 -18.77 31.16 -1.40
C GLY A 38 -17.53 30.68 -0.70
N HIS A 39 -16.85 29.70 -1.26
CA HIS A 39 -15.67 29.13 -0.62
C HIS A 39 -14.44 29.93 -1.02
N ARG A 40 -13.73 30.42 0.00
CA ARG A 40 -12.51 31.18 -0.24
C ARG A 40 -11.42 30.29 -0.78
N SER A 41 -11.45 29.00 -0.45
CA SER A 41 -10.40 28.10 -0.92
C SER A 41 -10.56 27.80 -2.39
N SER A 42 -11.80 27.69 -2.87
CA SER A 42 -12.03 27.50 -4.31
C SER A 42 -11.62 28.73 -5.10
N LYS A 43 -12.05 29.91 -4.64
CA LYS A 43 -11.62 31.17 -5.24
C LYS A 43 -10.11 31.30 -5.24
N GLU A 44 -9.47 30.82 -4.18
CA GLU A 44 -8.03 30.87 -4.05
C GLU A 44 -7.35 29.89 -5.00
N PHE A 45 -7.96 28.73 -5.22
CA PHE A 45 -7.43 27.77 -6.20
C PHE A 45 -7.50 28.31 -7.62
N ILE A 46 -8.67 28.86 -8.00
CA ILE A 46 -8.83 29.45 -9.33
C ILE A 46 -7.88 30.60 -9.52
N ALA A 47 -7.75 31.45 -8.50
CA ALA A 47 -6.82 32.57 -8.60
C ALA A 47 -5.40 32.10 -8.75
N LEU A 48 -5.01 31.07 -8.00
CA LEU A 48 -3.65 30.53 -8.08
C LEU A 48 -3.34 30.01 -9.47
N LYS A 49 -4.21 29.13 -9.98
CA LYS A 49 -4.05 28.56 -11.31
C LYS A 49 -4.11 29.63 -12.38
N LEU A 50 -5.01 30.59 -12.23
CA LEU A 50 -5.20 31.60 -13.26
C LEU A 50 -4.02 32.55 -13.33
N LEU A 51 -3.46 32.92 -12.16
CA LEU A 51 -2.24 33.71 -12.14
C LEU A 51 -1.08 32.92 -12.71
N GLN A 52 -1.08 31.59 -12.52
CA GLN A 52 -0.04 30.75 -13.10
C GLN A 52 -0.11 30.71 -14.63
N GLU A 53 -1.30 30.43 -15.19
CA GLU A 53 -1.45 30.34 -16.65
C GLU A 53 -1.20 31.69 -17.29
N LEU A 54 -1.83 32.74 -16.79
CA LEU A 54 -1.59 34.04 -17.40
C LEU A 54 -0.23 34.60 -17.02
N SER A 55 0.46 34.01 -16.05
CA SER A 55 1.85 34.38 -15.81
C SER A 55 2.75 33.75 -16.85
N ARG A 56 2.44 32.52 -17.23
CA ARG A 56 3.12 31.87 -18.36
C ARG A 56 2.93 32.67 -19.62
N ARG A 57 1.72 33.18 -19.84
CA ARG A 57 1.49 34.12 -20.93
C ARG A 57 2.20 35.45 -20.70
N ALA A 58 2.45 35.81 -19.45
CA ALA A 58 2.92 37.16 -19.14
C ALA A 58 4.40 37.31 -19.43
N ARG A 59 5.24 36.44 -18.87
CA ARG A 59 6.69 36.63 -18.94
C ARG A 59 7.26 36.20 -20.28
N ARG A 60 6.72 36.73 -21.36
CA ARG A 60 7.19 36.45 -22.71
C ARG A 60 7.53 37.71 -23.46
N HIS A 61 6.73 38.77 -23.29
CA HIS A 61 7.09 40.11 -23.69
C HIS A 61 7.01 41.09 -22.54
N GLY A 62 6.73 40.62 -21.34
CA GLY A 62 6.91 41.39 -20.12
C GLY A 62 5.62 41.97 -19.57
N ARG A 63 5.00 41.27 -18.63
CA ARG A 63 3.76 41.71 -18.03
C ARG A 63 3.84 41.41 -16.54
N VAL A 64 2.70 41.54 -15.85
CA VAL A 64 2.65 41.44 -14.39
C VAL A 64 1.20 41.16 -13.99
N SER A 65 1.02 40.51 -12.86
CA SER A 65 -0.31 40.35 -12.28
C SER A 65 -0.45 41.28 -11.09
N VAL A 66 -1.68 41.44 -10.60
CA VAL A 66 -1.99 42.24 -9.41
C VAL A 66 -3.09 41.49 -8.66
N TYR A 67 -3.12 41.59 -7.33
CA TYR A 67 -4.14 40.96 -6.49
C TYR A 67 -4.62 41.97 -5.43
N LEU A 68 -5.27 43.05 -5.88
CA LEU A 68 -5.99 43.98 -5.01
C LEU A 68 -6.81 43.26 -3.94
N SER A 69 -6.47 43.50 -2.66
CA SER A 69 -7.00 42.70 -1.55
C SER A 69 -7.29 43.56 -0.34
N CYS A 70 -8.54 43.54 0.14
CA CYS A 70 -8.95 44.44 1.21
C CYS A 70 -8.35 44.06 2.56
N GLU A 71 -8.05 42.79 2.78
CA GLU A 71 -7.53 42.33 4.08
C GLU A 71 -6.00 42.34 4.10
N VAL A 72 -5.40 43.43 3.61
CA VAL A 72 -3.96 43.56 3.48
C VAL A 72 -3.64 45.00 3.85
N GLY A 73 -2.49 45.21 4.49
CA GLY A 73 -2.03 46.54 4.79
C GLY A 73 -2.30 47.00 6.19
N THR A 74 -2.73 46.10 7.07
CA THR A 74 -2.90 46.38 8.48
C THR A 74 -1.85 45.69 9.32
N SER A 75 -1.67 44.38 9.13
CA SER A 75 -0.64 43.62 9.81
C SER A 75 0.40 43.20 8.79
N THR A 76 1.63 42.99 9.25
CA THR A 76 2.69 42.50 8.39
C THR A 76 2.66 40.99 8.23
N GLU A 77 1.67 40.32 8.83
CA GLU A 77 1.41 38.91 8.57
C GLU A 77 1.06 38.72 7.10
N PRO A 78 1.70 37.79 6.40
CA PRO A 78 1.35 37.55 5.00
C PRO A 78 -0.03 36.94 4.86
N CYS A 79 -0.69 37.26 3.74
CA CYS A 79 -2.14 37.07 3.65
C CYS A 79 -2.53 35.62 3.40
N SER A 80 -3.77 35.42 2.99
CA SER A 80 -4.26 34.08 2.69
C SER A 80 -3.51 33.47 1.52
N ILE A 81 -3.28 34.25 0.48
CA ILE A 81 -2.84 33.71 -0.80
C ILE A 81 -1.35 33.91 -1.04
N TYR A 82 -0.67 34.70 -0.20
CA TYR A 82 0.77 34.85 -0.31
C TYR A 82 1.49 33.54 0.00
N THR A 83 0.95 32.77 0.94
CA THR A 83 1.48 31.44 1.24
C THR A 83 1.44 30.55 0.01
N MET A 84 0.25 30.41 -0.60
CA MET A 84 0.09 29.53 -1.76
C MET A 84 0.89 30.01 -2.95
N LEU A 85 0.96 31.31 -3.15
CA LEU A 85 1.68 31.82 -4.31
C LEU A 85 3.18 31.75 -4.12
N THR A 86 3.70 31.81 -2.88
CA THR A 86 5.14 31.81 -2.74
C THR A 86 5.71 30.41 -2.49
N HIS A 87 4.88 29.45 -2.08
CA HIS A 87 5.40 28.13 -1.83
C HIS A 87 4.89 27.06 -2.78
N LEU A 88 4.09 27.42 -3.79
CA LEU A 88 3.59 26.45 -4.77
C LEU A 88 3.77 26.91 -6.21
N THR A 89 4.44 28.03 -6.44
CA THR A 89 4.77 28.50 -7.77
C THR A 89 6.24 28.91 -7.77
N ASP A 90 6.81 29.10 -8.95
CA ASP A 90 8.17 29.61 -9.01
C ASP A 90 8.22 31.12 -9.05
N LEU A 91 7.07 31.80 -8.95
CA LEU A 91 7.03 33.24 -9.10
C LEU A 91 7.50 33.94 -7.83
N ARG A 92 7.75 35.24 -7.96
CA ARG A 92 8.17 36.09 -6.87
C ARG A 92 7.03 37.06 -6.55
N VAL A 93 6.51 36.98 -5.33
CA VAL A 93 5.26 37.62 -4.92
C VAL A 93 5.53 38.55 -3.74
N TRP A 94 4.84 39.70 -3.73
CA TRP A 94 5.15 40.86 -2.89
C TRP A 94 3.91 41.46 -2.23
N GLN A 95 3.27 40.71 -1.35
CA GLN A 95 2.33 41.37 -0.44
C GLN A 95 3.00 42.52 0.26
N GLU A 96 2.44 43.71 0.13
CA GLU A 96 3.02 44.91 0.69
C GLU A 96 2.68 45.04 2.17
N GLN A 97 3.58 45.68 2.90
CA GLN A 97 3.47 45.84 4.34
C GLN A 97 2.42 46.89 4.68
N PRO A 98 1.92 46.89 5.91
CA PRO A 98 1.16 48.05 6.40
C PRO A 98 2.02 49.29 6.39
N ASP A 99 1.54 50.33 5.71
CA ASP A 99 2.31 51.54 5.37
C ASP A 99 3.64 51.18 4.70
N MET A 100 3.56 50.31 3.69
CA MET A 100 4.75 49.91 2.96
C MET A 100 5.29 51.09 2.16
N GLN A 101 6.61 51.28 2.24
CA GLN A 101 7.28 52.39 1.58
C GLN A 101 8.56 51.92 0.90
N ILE A 102 8.44 50.89 0.07
CA ILE A 102 9.45 50.50 -0.94
C ILE A 102 10.78 50.13 -0.28
N PRO A 103 10.91 48.90 0.29
CA PRO A 103 12.19 48.49 0.90
C PRO A 103 13.38 48.59 -0.04
N PHE A 104 14.26 49.54 0.27
CA PHE A 104 15.48 49.88 -0.46
C PHE A 104 15.20 50.17 -1.93
N ASP A 105 15.64 49.30 -2.85
CA ASP A 105 15.45 49.48 -4.29
C ASP A 105 14.60 48.33 -4.80
N HIS A 106 13.40 48.66 -5.27
CA HIS A 106 12.31 47.70 -5.38
C HIS A 106 11.55 47.88 -6.69
N CYS A 107 12.28 47.85 -7.81
CA CYS A 107 11.71 47.90 -9.17
C CYS A 107 10.57 46.90 -9.34
N TRP A 108 9.36 47.43 -9.60
CA TRP A 108 8.13 46.64 -9.50
C TRP A 108 7.99 45.65 -10.64
N THR A 109 8.64 45.87 -11.78
CA THR A 109 8.50 44.96 -12.92
C THR A 109 9.22 43.64 -12.73
N ASP A 110 10.05 43.49 -11.71
CA ASP A 110 10.60 42.19 -11.37
C ASP A 110 9.77 41.49 -10.30
N TYR A 111 8.45 41.48 -10.49
CA TYR A 111 7.54 40.80 -9.59
C TYR A 111 6.40 40.28 -10.44
N HIS A 112 5.85 39.13 -10.07
CA HIS A 112 4.97 38.43 -10.97
C HIS A 112 3.53 38.42 -10.48
N VAL A 113 3.25 37.91 -9.31
CA VAL A 113 2.02 38.24 -8.60
C VAL A 113 2.40 39.31 -7.61
N SER A 114 1.52 40.28 -7.40
CA SER A 114 1.90 41.50 -6.73
C SER A 114 0.80 41.95 -5.77
N ILE A 115 0.41 41.08 -4.83
CA ILE A 115 -0.67 41.29 -3.86
C ILE A 115 -0.67 42.69 -3.25
N LEU A 116 -1.81 43.37 -3.31
CA LEU A 116 -1.93 44.74 -2.87
C LEU A 116 -3.28 44.92 -2.20
N ARG A 117 -3.47 46.03 -1.70
CA ARG A 117 -4.78 46.46 -1.27
C ARG A 117 -5.34 47.44 -2.28
N PRO A 118 -6.68 47.58 -2.39
CA PRO A 118 -7.27 48.34 -3.52
C PRO A 118 -6.78 49.77 -3.64
N GLU A 119 -6.75 50.49 -2.52
CA GLU A 119 -6.19 51.84 -2.48
C GLU A 119 -4.69 51.81 -2.70
N GLY A 120 -4.03 50.71 -2.34
CA GLY A 120 -2.63 50.55 -2.68
C GLY A 120 -2.39 50.50 -4.17
N PHE A 121 -3.28 49.85 -4.92
CA PHE A 121 -3.08 49.86 -6.37
C PHE A 121 -3.57 51.15 -7.01
N LEU A 122 -4.55 51.85 -6.41
CA LEU A 122 -4.82 53.23 -6.84
C LEU A 122 -3.59 54.10 -6.66
N TYR A 123 -2.93 53.98 -5.51
CA TYR A 123 -1.67 54.65 -5.26
C TYR A 123 -0.62 54.26 -6.30
N LEU A 124 -0.42 52.97 -6.49
CA LEU A 124 0.68 52.44 -7.27
C LEU A 124 0.46 52.63 -8.77
N LEU A 125 -0.77 52.87 -9.19
CA LEU A 125 -1.06 53.19 -10.57
C LEU A 125 -1.09 54.69 -10.81
N GLU A 126 -1.42 55.48 -9.78
CA GLU A 126 -1.12 56.90 -9.85
C GLU A 126 0.35 57.20 -9.59
N THR A 127 1.09 56.25 -9.01
CA THR A 127 2.53 56.40 -8.94
C THR A 127 3.16 56.17 -10.32
N ARG A 128 2.48 55.42 -11.20
CA ARG A 128 2.82 55.22 -12.61
C ARG A 128 4.15 54.48 -12.76
N GLU A 129 4.39 53.54 -11.86
CA GLU A 129 5.50 52.61 -12.00
C GLU A 129 5.02 51.19 -12.14
N LEU A 130 3.71 50.96 -12.13
CA LEU A 130 3.07 49.68 -12.45
C LEU A 130 1.98 49.96 -13.47
N LEU A 131 2.36 50.02 -14.75
CA LEU A 131 1.46 50.48 -15.80
C LEU A 131 0.33 49.48 -16.02
N LEU A 132 -0.84 50.01 -16.40
CA LEU A 132 -2.01 49.14 -16.57
C LEU A 132 -1.87 48.25 -17.80
N SER A 133 -1.20 48.71 -18.84
CA SER A 133 -0.94 47.84 -19.99
C SER A 133 0.07 46.74 -19.69
N ARG A 134 0.83 46.88 -18.61
CA ARG A 134 1.67 45.78 -18.14
C ARG A 134 0.91 44.80 -17.28
N VAL A 135 -0.18 45.21 -16.63
CA VAL A 135 -0.94 44.28 -15.82
C VAL A 135 -1.69 43.32 -16.74
N GLU A 136 -1.62 42.03 -16.44
CA GLU A 136 -2.25 40.99 -17.23
C GLU A 136 -3.41 40.32 -16.51
N LEU A 137 -3.61 40.63 -15.25
CA LEU A 137 -4.70 40.05 -14.48
C LEU A 137 -4.94 40.96 -13.29
N ILE A 138 -6.20 41.20 -12.98
CA ILE A 138 -6.59 42.06 -11.86
C ILE A 138 -7.60 41.27 -11.07
N VAL A 139 -7.20 40.76 -9.93
CA VAL A 139 -8.07 39.89 -9.17
C VAL A 139 -8.61 40.72 -8.02
N LEU A 140 -9.78 41.31 -8.23
CA LEU A 140 -10.50 41.97 -7.16
C LEU A 140 -10.82 40.92 -6.12
N GLU A 141 -10.18 40.98 -4.94
CA GLU A 141 -10.36 39.92 -3.96
C GLU A 141 -11.80 39.85 -3.48
N ASP A 142 -12.40 41.00 -3.20
CA ASP A 142 -13.83 41.12 -3.01
C ASP A 142 -14.29 42.24 -3.91
N CYS A 143 -15.39 42.00 -4.62
CA CYS A 143 -16.13 43.05 -5.32
C CYS A 143 -17.61 42.78 -5.25
N HIS A 144 -18.07 42.17 -4.16
CA HIS A 144 -19.44 41.75 -3.95
C HIS A 144 -19.98 42.24 -2.62
N ASP A 145 -19.41 43.32 -2.10
CA ASP A 145 -20.01 44.07 -1.01
C ASP A 145 -19.58 45.52 -1.17
N SER A 146 -20.38 46.41 -0.57
CA SER A 146 -20.40 47.79 -1.03
C SER A 146 -19.15 48.56 -0.63
N ALA A 147 -18.48 48.15 0.44
CA ALA A 147 -17.34 48.91 0.96
C ALA A 147 -16.15 48.85 0.00
N VAL A 148 -15.67 47.64 -0.29
CA VAL A 148 -14.58 47.48 -1.24
C VAL A 148 -15.02 47.88 -2.64
N TYR A 149 -16.33 47.83 -2.93
CA TYR A 149 -16.81 48.27 -4.23
C TYR A 149 -16.61 49.77 -4.39
N GLN A 150 -16.95 50.55 -3.35
CA GLN A 150 -16.68 51.98 -3.40
C GLN A 150 -15.19 52.27 -3.37
N ARG A 151 -14.40 51.37 -2.77
CA ARG A 151 -12.95 51.59 -2.76
C ARG A 151 -12.29 51.29 -4.10
N ILE A 152 -12.81 50.30 -4.86
CA ILE A 152 -12.25 49.95 -6.16
C ILE A 152 -12.89 50.74 -7.30
N ARG A 153 -14.01 51.41 -7.06
CA ARG A 153 -14.58 52.29 -8.07
C ARG A 153 -13.65 53.38 -8.61
N PRO A 154 -12.79 54.04 -7.83
CA PRO A 154 -11.84 54.96 -8.46
C PRO A 154 -10.87 54.29 -9.43
N LEU A 155 -10.57 53.00 -9.23
CA LEU A 155 -9.68 52.30 -10.15
C LEU A 155 -10.29 52.16 -11.53
N PHE A 156 -11.50 51.59 -11.60
CA PHE A 156 -12.18 51.43 -12.87
C PHE A 156 -12.57 52.78 -13.45
N GLU A 157 -13.23 53.61 -12.65
CA GLU A 157 -13.74 54.88 -13.14
C GLU A 157 -12.64 55.93 -13.29
N ASN A 158 -11.39 55.59 -13.03
CA ASN A 158 -10.26 56.46 -13.37
C ASN A 158 -9.33 55.86 -14.41
N HIS A 159 -9.07 54.56 -14.35
CA HIS A 159 -8.02 53.97 -15.18
C HIS A 159 -8.50 52.86 -16.10
N ILE A 160 -9.39 51.98 -15.64
CA ILE A 160 -9.78 50.85 -16.47
C ILE A 160 -10.81 51.27 -17.51
N MET A 161 -11.85 52.01 -17.11
CA MET A 161 -12.80 52.51 -18.10
C MET A 161 -12.18 53.47 -19.12
N PRO A 162 -11.33 54.46 -18.77
CA PRO A 162 -10.64 55.18 -19.85
C PRO A 162 -9.41 54.43 -20.37
N ALA A 163 -9.64 53.23 -20.89
CA ALA A 163 -8.59 52.41 -21.43
C ALA A 163 -9.21 51.56 -22.54
N PRO A 164 -8.55 51.46 -23.70
CA PRO A 164 -9.10 50.64 -24.78
C PRO A 164 -9.05 49.17 -24.41
N PRO A 165 -10.00 48.36 -24.90
CA PRO A 165 -10.03 46.94 -24.52
C PRO A 165 -8.87 46.12 -25.08
N ALA A 166 -8.05 46.68 -25.96
CA ALA A 166 -6.77 46.10 -26.33
C ALA A 166 -5.71 46.24 -25.25
N ASP A 167 -6.01 46.98 -24.18
CA ASP A 167 -5.09 47.14 -23.07
C ASP A 167 -5.67 46.74 -21.72
N ARG A 168 -6.98 46.62 -21.59
CA ARG A 168 -7.58 46.24 -20.31
C ARG A 168 -7.31 44.77 -20.03
N PRO A 169 -6.68 44.43 -18.91
CA PRO A 169 -6.40 43.02 -18.62
C PRO A 169 -7.64 42.23 -18.22
N ARG A 170 -7.45 40.95 -17.95
CA ARG A 170 -8.54 40.16 -17.41
C ARG A 170 -8.86 40.67 -16.03
N ILE A 171 -10.14 40.75 -15.72
CA ILE A 171 -10.63 41.38 -14.49
C ILE A 171 -11.38 40.32 -13.71
N LEU A 172 -10.78 39.14 -13.54
CA LEU A 172 -11.31 38.14 -12.62
C LEU A 172 -11.69 38.79 -11.31
N GLY A 173 -12.96 38.77 -11.00
CA GLY A 173 -13.41 39.39 -9.79
C GLY A 173 -13.90 38.33 -8.85
N LEU A 174 -13.19 38.11 -7.76
CA LEU A 174 -13.54 37.04 -6.85
C LEU A 174 -14.72 37.47 -5.98
N ALA A 175 -15.89 37.53 -6.60
CA ALA A 175 -17.09 37.78 -5.83
C ALA A 175 -17.47 36.53 -5.05
N GLY A 176 -18.42 36.69 -4.16
CA GLY A 176 -18.99 35.56 -3.48
C GLY A 176 -20.20 35.17 -4.24
N PRO A 177 -21.11 34.42 -3.62
CA PRO A 177 -22.35 34.03 -4.28
C PRO A 177 -23.20 35.22 -4.68
N LEU A 178 -23.44 35.35 -5.99
CA LEU A 178 -24.50 36.23 -6.46
C LEU A 178 -25.86 35.65 -6.11
N HIS A 179 -25.89 34.37 -5.80
CA HIS A 179 -27.05 33.68 -5.32
C HIS A 179 -27.21 33.76 -3.81
N SER A 180 -26.29 34.43 -3.12
CA SER A 180 -26.49 34.88 -1.74
C SER A 180 -25.98 36.33 -1.67
N ALA A 181 -26.85 37.27 -2.03
CA ALA A 181 -26.56 38.68 -1.91
C ALA A 181 -27.65 39.45 -1.18
N GLY A 182 -28.80 38.83 -0.92
CA GLY A 182 -29.82 39.30 0.01
C GLY A 182 -30.32 40.72 -0.10
N CYS A 183 -31.05 41.02 -1.17
CA CYS A 183 -31.64 42.35 -1.37
C CYS A 183 -33.07 42.21 -1.86
N GLU A 184 -33.86 41.38 -1.16
CA GLU A 184 -35.05 40.71 -1.68
C GLU A 184 -34.56 40.05 -2.96
N LEU A 185 -35.21 40.30 -4.10
CA LEU A 185 -34.54 40.17 -5.38
C LEU A 185 -34.91 41.28 -6.36
N GLN A 186 -35.85 42.17 -6.01
CA GLN A 186 -36.46 43.08 -6.98
C GLN A 186 -35.45 44.06 -7.57
N GLN A 187 -34.32 44.24 -6.92
CA GLN A 187 -33.24 45.04 -7.41
C GLN A 187 -31.99 44.23 -7.69
N LEU A 188 -32.02 42.91 -7.46
CA LEU A 188 -30.87 42.04 -7.68
C LEU A 188 -30.37 42.14 -9.10
N SER A 189 -31.28 41.99 -10.06
CA SER A 189 -30.94 42.02 -11.47
C SER A 189 -30.33 43.35 -11.89
N ALA A 190 -30.58 44.42 -11.13
CA ALA A 190 -29.90 45.67 -11.40
C ALA A 190 -28.43 45.59 -11.04
N MET A 191 -28.15 45.21 -9.78
CA MET A 191 -26.87 45.58 -9.17
C MET A 191 -25.71 44.84 -9.82
N LEU A 192 -25.87 43.54 -10.09
CA LEU A 192 -24.80 42.78 -10.72
C LEU A 192 -24.55 43.30 -12.13
N ALA A 193 -25.62 43.69 -12.83
CA ALA A 193 -25.46 44.38 -14.10
C ALA A 193 -24.73 45.69 -13.90
N THR A 194 -25.11 46.42 -12.84
CA THR A 194 -24.36 47.59 -12.38
C THR A 194 -22.92 47.22 -12.11
N LEU A 195 -22.72 46.12 -11.38
CA LEU A 195 -21.40 45.58 -11.12
C LEU A 195 -20.68 45.25 -12.43
N GLU A 196 -21.40 44.60 -13.35
CA GLU A 196 -20.81 44.26 -14.63
C GLU A 196 -20.54 45.52 -15.45
N GLN A 197 -21.33 46.56 -15.24
CA GLN A 197 -21.08 47.82 -15.90
C GLN A 197 -19.89 48.54 -15.31
N SER A 198 -19.56 48.28 -14.04
CA SER A 198 -18.63 49.11 -13.30
C SER A 198 -17.30 48.43 -12.99
N VAL A 199 -17.26 47.11 -12.88
CA VAL A 199 -15.97 46.41 -12.86
C VAL A 199 -15.63 45.81 -14.21
N LEU A 200 -16.51 45.99 -15.20
CA LEU A 200 -16.25 45.73 -16.62
C LEU A 200 -16.00 44.24 -16.86
N CYS A 201 -16.95 43.42 -16.42
CA CYS A 201 -16.91 41.99 -16.61
C CYS A 201 -18.30 41.54 -16.99
N GLN A 202 -18.47 40.23 -17.02
CA GLN A 202 -19.79 39.63 -17.04
C GLN A 202 -19.70 38.32 -16.29
N ILE A 203 -20.69 38.07 -15.44
CA ILE A 203 -20.60 36.99 -14.49
C ILE A 203 -20.74 35.66 -15.21
N GLU A 204 -19.79 34.76 -14.96
CA GLU A 204 -19.75 33.44 -15.57
C GLU A 204 -19.90 32.40 -14.48
N SER A 205 -20.91 32.58 -13.65
CA SER A 205 -21.12 31.82 -12.43
C SER A 205 -21.41 30.37 -12.73
N ALA A 206 -20.37 29.53 -12.65
CA ALA A 206 -20.45 28.10 -12.91
C ALA A 206 -19.89 27.41 -11.66
N SER A 207 -20.74 27.22 -10.68
CA SER A 207 -20.30 26.67 -9.41
C SER A 207 -20.69 25.21 -9.30
N ASP A 208 -20.50 24.63 -8.10
CA ASP A 208 -21.08 23.34 -7.79
C ASP A 208 -22.60 23.41 -7.77
N ILE A 209 -23.15 24.58 -7.50
CA ILE A 209 -24.57 24.85 -7.68
C ILE A 209 -24.96 24.66 -9.14
N VAL A 210 -24.21 25.30 -10.04
CA VAL A 210 -24.59 25.35 -11.44
C VAL A 210 -24.26 24.04 -12.16
N THR A 211 -23.21 23.33 -11.75
CA THR A 211 -22.90 22.06 -12.38
C THR A 211 -23.96 21.00 -12.08
N VAL A 212 -24.66 21.12 -10.95
CA VAL A 212 -25.86 20.32 -10.79
C VAL A 212 -27.02 20.91 -11.59
N LEU A 213 -27.02 22.20 -11.89
CA LEU A 213 -28.11 22.78 -12.67
C LEU A 213 -28.08 22.32 -14.12
N ARG A 214 -26.92 22.37 -14.76
CA ARG A 214 -26.87 21.94 -16.15
C ARG A 214 -26.85 20.42 -16.25
N TYR A 215 -25.78 19.80 -15.79
CA TYR A 215 -25.47 18.42 -16.11
C TYR A 215 -25.94 17.44 -15.06
N CYS A 216 -27.21 17.51 -14.66
CA CYS A 216 -27.76 16.52 -13.73
C CYS A 216 -29.22 16.30 -14.02
N SER A 217 -29.73 15.20 -13.50
CA SER A 217 -31.15 14.90 -13.55
C SER A 217 -31.89 15.91 -12.69
N ARG A 218 -32.61 16.81 -13.35
CA ARG A 218 -33.39 17.83 -12.63
C ARG A 218 -34.51 17.13 -11.88
N PRO A 219 -34.57 17.24 -10.57
CA PRO A 219 -35.60 16.51 -9.82
C PRO A 219 -36.95 17.16 -9.98
N HIS A 220 -37.98 16.43 -9.58
CA HIS A 220 -39.34 16.91 -9.69
C HIS A 220 -39.71 17.67 -8.42
N GLU A 221 -40.15 18.91 -8.59
CA GLU A 221 -40.36 19.85 -7.51
C GLU A 221 -41.81 19.81 -7.07
N TYR A 222 -42.06 19.57 -5.79
CA TYR A 222 -43.40 19.26 -5.28
C TYR A 222 -43.72 20.10 -4.04
N ILE A 223 -43.69 21.43 -4.14
CA ILE A 223 -43.83 22.22 -2.93
C ILE A 223 -45.26 22.13 -2.38
N VAL A 224 -45.45 21.24 -1.42
CA VAL A 224 -46.78 20.87 -0.93
C VAL A 224 -47.18 21.84 0.17
N GLN A 225 -48.31 22.50 -0.03
CA GLN A 225 -48.97 23.15 1.11
C GLN A 225 -49.63 22.08 1.96
N CYS A 226 -49.35 22.10 3.26
CA CYS A 226 -49.80 20.95 4.05
C CYS A 226 -51.26 21.10 4.48
N ALA A 227 -51.52 21.98 5.44
CA ALA A 227 -52.82 22.44 5.94
C ALA A 227 -52.57 23.44 7.06
N PRO A 228 -53.56 24.21 7.48
CA PRO A 228 -53.48 24.81 8.82
C PRO A 228 -53.54 23.74 9.90
N PHE A 229 -52.86 24.02 11.00
CA PHE A 229 -52.83 23.11 12.15
C PHE A 229 -53.83 23.61 13.19
N GLU A 230 -54.98 22.96 13.26
CA GLU A 230 -55.93 23.26 14.31
C GLU A 230 -55.53 22.54 15.59
N MET A 231 -56.08 23.02 16.70
CA MET A 231 -55.74 22.50 18.03
C MET A 231 -56.93 21.73 18.59
N ASP A 232 -56.67 20.57 19.16
CA ASP A 232 -57.69 19.82 19.87
C ASP A 232 -57.67 20.22 21.34
N GLU A 233 -58.30 19.42 22.21
CA GLU A 233 -58.38 19.77 23.62
C GLU A 233 -57.03 19.64 24.30
N LEU A 234 -56.34 18.52 24.06
CA LEU A 234 -55.08 18.24 24.75
C LEU A 234 -53.99 19.24 24.38
N SER A 235 -53.87 19.55 23.08
CA SER A 235 -52.87 20.52 22.64
C SER A 235 -53.19 21.92 23.15
N LEU A 236 -54.47 22.25 23.32
CA LEU A 236 -54.84 23.52 23.93
C LEU A 236 -54.42 23.56 25.40
N VAL A 237 -54.57 22.45 26.11
CA VAL A 237 -54.13 22.40 27.50
C VAL A 237 -52.62 22.55 27.59
N LEU A 238 -51.90 21.88 26.68
CA LEU A 238 -50.44 21.98 26.68
C LEU A 238 -49.96 23.38 26.35
N ALA A 239 -50.61 24.04 25.39
CA ALA A 239 -50.29 25.42 25.07
C ALA A 239 -50.60 26.34 26.25
N ASP A 240 -51.70 26.07 26.96
CA ASP A 240 -52.01 26.83 28.17
C ASP A 240 -50.92 26.69 29.22
N VAL A 241 -50.43 25.46 29.43
CA VAL A 241 -49.44 25.20 30.47
C VAL A 241 -48.12 25.88 30.14
N LEU A 242 -47.65 25.75 28.90
CA LEU A 242 -46.39 26.36 28.55
C LEU A 242 -46.48 27.88 28.40
N ASN A 243 -47.65 28.42 28.02
CA ASN A 243 -47.79 29.87 28.00
C ASN A 243 -47.83 30.42 29.42
N THR A 244 -48.50 29.70 30.34
CA THR A 244 -48.51 30.07 31.76
C THR A 244 -47.10 30.13 32.32
N HIS A 245 -46.31 29.07 32.06
CA HIS A 245 -44.96 29.02 32.59
C HIS A 245 -44.05 30.04 31.91
N LYS A 246 -44.25 30.30 30.62
CA LYS A 246 -43.47 31.30 29.91
C LYS A 246 -43.71 32.70 30.47
N SER A 247 -44.98 33.05 30.67
CA SER A 247 -45.31 34.36 31.22
C SER A 247 -44.89 34.47 32.68
N PHE A 248 -44.85 33.36 33.42
CA PHE A 248 -44.30 33.43 34.77
C PHE A 248 -42.81 33.68 34.74
N LEU A 249 -42.08 32.92 33.91
CA LEU A 249 -40.63 32.99 33.89
C LEU A 249 -40.13 34.30 33.28
N LEU A 250 -41.01 35.02 32.57
CA LEU A 250 -40.74 36.43 32.30
C LEU A 250 -40.57 37.22 33.59
N ASP A 251 -41.32 36.88 34.64
CA ASP A 251 -41.35 37.66 35.88
C ASP A 251 -40.54 37.03 37.02
N HIS A 252 -40.12 35.78 36.90
CA HIS A 252 -39.25 35.17 37.90
C HIS A 252 -37.90 35.88 37.94
N ARG A 253 -37.30 35.93 39.12
CA ARG A 253 -36.29 36.92 39.43
C ARG A 253 -34.93 36.30 39.73
N TYR A 254 -33.90 36.79 39.02
CA TYR A 254 -32.48 36.62 39.38
C TYR A 254 -31.86 38.00 39.18
N ASP A 255 -31.89 38.82 40.22
CA ASP A 255 -31.36 40.17 40.16
C ASP A 255 -29.90 40.19 40.60
N ASP A 278 -31.65 31.15 28.91
CA ASP A 278 -31.60 29.70 28.64
C ASP A 278 -32.90 28.89 28.85
N PRO A 279 -33.78 29.27 29.79
CA PRO A 279 -35.13 28.69 29.74
C PRO A 279 -35.96 29.19 28.58
N LEU A 280 -35.71 30.42 28.12
CA LEU A 280 -36.38 30.90 26.92
C LEU A 280 -35.97 30.11 25.68
N ASN A 281 -34.80 29.47 25.70
CA ASN A 281 -34.45 28.51 24.66
C ASN A 281 -35.43 27.34 24.62
N VAL A 282 -35.73 26.77 25.79
CA VAL A 282 -36.66 25.64 25.85
C VAL A 282 -38.08 26.10 25.53
N ILE A 283 -38.46 27.29 25.97
CA ILE A 283 -39.80 27.80 25.69
C ILE A 283 -39.97 28.08 24.19
N ASN A 284 -39.01 28.81 23.59
CA ASN A 284 -39.02 29.19 22.18
C ASN A 284 -38.69 28.04 21.24
N SER A 285 -38.30 26.89 21.77
CA SER A 285 -38.23 25.69 20.96
C SER A 285 -39.47 24.82 21.08
N LEU A 286 -39.98 24.62 22.29
CA LEU A 286 -41.09 23.70 22.47
C LEU A 286 -42.42 24.28 22.05
N LEU A 287 -42.58 25.61 22.06
CA LEU A 287 -43.78 26.18 21.49
C LEU A 287 -43.84 25.97 19.98
N VAL A 288 -42.70 26.09 19.30
CA VAL A 288 -42.65 25.85 17.85
C VAL A 288 -42.91 24.38 17.54
N VAL A 289 -42.36 23.47 18.35
CA VAL A 289 -42.64 22.04 18.14
C VAL A 289 -44.12 21.75 18.34
N LEU A 290 -44.75 22.40 19.32
CA LEU A 290 -46.19 22.23 19.53
C LEU A 290 -46.99 22.76 18.35
N HIS A 291 -46.59 23.91 17.79
CA HIS A 291 -47.36 24.54 16.72
C HIS A 291 -47.00 24.04 15.32
N GLU A 292 -46.00 23.19 15.16
CA GLU A 292 -45.69 22.62 13.85
C GLU A 292 -45.78 21.11 13.78
N MET A 293 -45.83 20.40 14.90
CA MET A 293 -45.85 18.95 14.80
C MET A 293 -46.96 18.31 15.63
N GLY A 294 -47.32 18.92 16.75
CA GLY A 294 -48.40 18.43 17.57
C GLY A 294 -47.95 17.90 18.90
N PRO A 295 -48.90 17.45 19.72
CA PRO A 295 -48.58 16.98 21.08
C PRO A 295 -47.66 15.77 21.14
N TRP A 296 -47.75 14.87 20.16
CA TRP A 296 -46.92 13.66 20.17
C TRP A 296 -45.45 14.01 20.01
N CYS A 297 -45.12 14.82 19.00
CA CYS A 297 -43.75 15.27 18.88
C CYS A 297 -43.39 16.29 19.95
N THR A 298 -44.38 16.92 20.59
CA THR A 298 -44.07 17.75 21.74
C THR A 298 -43.59 16.91 22.92
N GLN A 299 -44.18 15.73 23.15
CA GLN A 299 -43.64 14.90 24.22
C GLN A 299 -42.31 14.27 23.81
N ARG A 300 -42.14 13.92 22.54
CA ARG A 300 -40.85 13.33 22.18
C ARG A 300 -39.76 14.38 21.94
N ALA A 301 -40.08 15.67 22.04
CA ALA A 301 -39.05 16.69 22.22
C ALA A 301 -38.93 17.15 23.67
N ALA A 302 -39.96 16.90 24.48
CA ALA A 302 -39.80 17.00 25.93
C ALA A 302 -38.78 16.00 26.43
N HIS A 303 -38.75 14.82 25.81
CA HIS A 303 -37.61 13.89 25.86
C HIS A 303 -36.25 14.58 25.77
N HIS A 304 -36.01 15.28 24.66
CA HIS A 304 -34.68 15.84 24.39
C HIS A 304 -34.35 16.98 25.34
N PHE A 305 -35.33 17.83 25.62
CA PHE A 305 -35.03 18.98 26.46
C PHE A 305 -34.97 18.61 27.95
N TYR A 306 -35.73 17.61 28.40
CA TYR A 306 -35.57 17.15 29.76
C TYR A 306 -34.29 16.37 29.95
N GLN A 307 -33.83 15.67 28.91
CA GLN A 307 -32.51 15.05 28.98
C GLN A 307 -31.40 16.10 28.98
N CYS A 308 -31.64 17.26 28.36
CA CYS A 308 -30.71 18.37 28.53
C CYS A 308 -30.73 18.91 29.97
N ASN A 309 -31.94 19.07 30.54
CA ASN A 309 -32.05 19.59 31.90
C ASN A 309 -31.50 18.64 32.95
N GLU A 310 -31.62 17.32 32.74
CA GLU A 310 -31.19 16.35 33.74
C GLU A 310 -29.69 16.35 33.94
N LYS A 311 -28.93 16.92 33.01
CA LYS A 311 -27.51 17.20 33.20
C LYS A 311 -27.24 18.65 33.55
N LEU A 312 -27.99 19.59 32.97
CA LEU A 312 -27.66 21.00 33.14
C LEU A 312 -28.32 21.65 34.36
N LYS A 313 -29.12 20.90 35.12
CA LYS A 313 -29.55 21.35 36.44
C LYS A 313 -28.57 20.93 37.51
N VAL A 314 -27.85 19.83 37.29
CA VAL A 314 -26.81 19.43 38.23
C VAL A 314 -25.51 20.17 37.92
N LYS A 315 -25.23 20.42 36.65
CA LYS A 315 -23.96 21.00 36.22
C LYS A 315 -23.83 22.49 36.54
N THR A 316 -24.82 23.14 37.20
CA THR A 316 -24.65 24.55 37.47
C THR A 316 -24.29 24.80 38.94
N PRO A 317 -23.48 25.84 39.24
CA PRO A 317 -23.15 26.12 40.64
C PRO A 317 -24.04 27.14 41.33
N HIS A 318 -24.79 27.91 40.55
CA HIS A 318 -25.68 28.90 41.12
C HIS A 318 -26.96 28.23 41.58
N GLU A 319 -27.35 28.48 42.84
CA GLU A 319 -28.51 27.80 43.40
C GLU A 319 -29.81 28.32 42.82
N ARG A 320 -29.88 29.61 42.48
CA ARG A 320 -31.10 30.12 41.88
C ARG A 320 -31.19 29.79 40.39
N HIS A 321 -30.06 29.74 39.68
CA HIS A 321 -30.05 29.16 38.34
C HIS A 321 -30.34 27.66 38.40
N TYR A 322 -29.92 26.97 39.46
CA TYR A 322 -30.35 25.60 39.68
C TYR A 322 -31.86 25.51 39.85
N LEU A 323 -32.44 26.45 40.60
CA LEU A 323 -33.89 26.51 40.74
C LEU A 323 -34.57 26.76 39.41
N LEU A 324 -33.97 27.62 38.58
CA LEU A 324 -34.56 27.99 37.29
C LEU A 324 -34.54 26.81 36.31
N TYR A 325 -33.39 26.15 36.19
CA TYR A 325 -33.30 24.99 35.30
C TYR A 325 -34.15 23.84 35.81
N CYS A 326 -34.26 23.67 37.13
CA CYS A 326 -35.06 22.56 37.60
C CYS A 326 -36.55 22.86 37.51
N LEU A 327 -36.96 24.13 37.57
CA LEU A 327 -38.37 24.43 37.37
C LEU A 327 -38.76 24.25 35.91
N VAL A 328 -37.85 24.57 34.98
CA VAL A 328 -38.12 24.27 33.58
C VAL A 328 -38.16 22.75 33.36
N SER A 329 -37.32 22.01 34.10
CA SER A 329 -37.36 20.55 34.04
C SER A 329 -38.69 20.00 34.54
N THR A 330 -39.24 20.58 35.60
CA THR A 330 -40.54 20.13 36.08
C THR A 330 -41.65 20.54 35.13
N ALA A 331 -41.47 21.64 34.40
CA ALA A 331 -42.43 22.00 33.35
C ALA A 331 -42.44 20.97 32.24
N LEU A 332 -41.26 20.49 31.84
CA LEU A 332 -41.18 19.44 30.83
C LEU A 332 -41.75 18.13 31.35
N ILE A 333 -41.58 17.85 32.65
CA ILE A 333 -42.23 16.69 33.28
C ILE A 333 -43.75 16.82 33.18
N GLN A 334 -44.26 18.02 33.45
CA GLN A 334 -45.70 18.26 33.40
C GLN A 334 -46.27 18.02 32.01
N LEU A 335 -45.56 18.52 30.98
CA LEU A 335 -45.99 18.28 29.60
C LEU A 335 -45.94 16.80 29.25
N TYR A 336 -44.87 16.12 29.67
CA TYR A 336 -44.70 14.72 29.30
C TYR A 336 -45.77 13.86 29.97
N SER A 337 -46.12 14.18 31.21
CA SER A 337 -47.17 13.46 31.92
C SER A 337 -48.53 13.74 31.31
N LEU A 338 -48.77 14.98 30.89
CA LEU A 338 -50.00 15.32 30.19
C LEU A 338 -50.17 14.52 28.90
N CYS A 339 -49.10 14.40 28.12
CA CYS A 339 -49.23 13.65 26.87
C CYS A 339 -49.32 12.15 27.13
N GLU A 340 -48.61 11.65 28.15
CA GLU A 340 -48.63 10.23 28.48
C GLU A 340 -50.00 9.81 29.01
N HIS A 341 -50.71 10.73 29.65
CA HIS A 341 -52.04 10.46 30.17
C HIS A 341 -53.14 10.73 29.14
N ALA A 342 -52.82 10.70 27.85
CA ALA A 342 -53.74 11.25 26.85
C ALA A 342 -54.07 10.31 25.70
N PHE A 343 -53.17 9.40 25.36
CA PHE A 343 -53.46 8.43 24.32
C PHE A 343 -53.08 7.00 24.66
N HIS A 344 -52.27 6.78 25.68
CA HIS A 344 -52.17 5.46 26.28
C HIS A 344 -53.17 5.26 27.40
N ARG A 345 -53.56 6.34 28.06
CA ARG A 345 -54.41 6.30 29.25
C ARG A 345 -55.86 6.66 28.96
N HIS A 346 -56.09 7.64 28.07
CA HIS A 346 -57.47 7.95 27.68
C HIS A 346 -58.07 6.85 26.81
N LEU A 347 -57.23 6.09 26.12
CA LEU A 347 -57.71 4.94 25.37
C LEU A 347 -57.63 3.70 26.25
N SER A 353 -50.97 1.65 16.04
CA SER A 353 -51.36 2.98 16.52
C SER A 353 -51.05 4.04 15.49
N ARG A 354 -51.19 3.69 14.21
CA ARG A 354 -50.95 4.67 13.16
C ARG A 354 -52.10 5.67 13.05
N GLN A 355 -53.33 5.25 13.37
CA GLN A 355 -54.42 6.20 13.50
C GLN A 355 -54.23 7.07 14.75
N THR A 356 -53.52 6.54 15.75
CA THR A 356 -53.25 7.32 16.95
C THR A 356 -52.22 8.41 16.69
N ILE A 357 -51.13 8.09 15.96
CA ILE A 357 -50.18 9.14 15.61
C ILE A 357 -50.76 10.09 14.57
N GLU A 358 -51.57 9.60 13.64
CA GLU A 358 -52.14 10.48 12.63
C GLU A 358 -53.20 11.41 13.23
N ARG A 359 -53.88 10.97 14.29
CA ARG A 359 -54.83 11.84 14.97
C ARG A 359 -54.12 13.02 15.61
N TYR A 360 -52.98 12.79 16.26
CA TYR A 360 -52.33 13.79 17.08
C TYR A 360 -51.23 14.55 16.38
N SER A 361 -50.80 14.10 15.22
CA SER A 361 -49.78 14.83 14.49
C SER A 361 -50.39 16.07 13.84
N SER A 362 -49.56 17.07 13.63
CA SER A 362 -49.95 18.18 12.79
C SER A 362 -50.00 17.70 11.35
N PRO A 363 -50.73 18.40 10.47
CA PRO A 363 -50.79 17.99 9.06
C PRO A 363 -49.46 18.02 8.33
N LYS A 364 -48.50 18.83 8.75
CA LYS A 364 -47.19 18.82 8.09
C LYS A 364 -46.50 17.47 8.27
N VAL A 365 -46.64 16.88 9.46
CA VAL A 365 -46.18 15.51 9.69
C VAL A 365 -46.94 14.54 8.80
N ARG A 366 -48.24 14.78 8.61
CA ARG A 366 -49.07 13.91 7.77
C ARG A 366 -48.63 13.94 6.31
N ARG A 367 -48.23 15.12 5.82
CA ARG A 367 -47.79 15.20 4.44
C ARG A 367 -46.42 14.60 4.27
N LEU A 368 -45.56 14.68 5.30
CA LEU A 368 -44.32 13.92 5.25
C LEU A 368 -44.58 12.42 5.23
N LEU A 369 -45.60 11.96 5.97
CA LEU A 369 -45.97 10.54 5.94
C LEU A 369 -46.50 10.12 4.58
N GLN A 370 -47.29 10.98 3.92
CA GLN A 370 -47.77 10.65 2.57
C GLN A 370 -46.63 10.70 1.55
N THR A 371 -45.68 11.63 1.72
CA THR A 371 -44.56 11.73 0.80
C THR A 371 -43.64 10.51 0.92
N LEU A 372 -43.48 9.99 2.12
CA LEU A 372 -42.71 8.74 2.25
C LEU A 372 -43.52 7.53 1.82
N ARG A 373 -44.84 7.51 2.10
CA ARG A 373 -45.68 6.38 1.72
C ARG A 373 -45.77 6.24 0.22
N CYS A 374 -45.93 7.36 -0.50
CA CYS A 374 -46.04 7.32 -1.95
C CYS A 374 -44.74 6.86 -2.59
N PHE A 375 -43.61 7.34 -2.09
CA PHE A 375 -42.32 7.02 -2.69
C PHE A 375 -41.86 5.67 -2.15
N LYS A 376 -42.52 4.62 -2.62
CA LYS A 376 -42.27 3.29 -2.09
C LYS A 376 -41.21 2.56 -2.91
N THR A 492 -35.02 0.73 -2.14
CA THR A 492 -35.37 1.62 -3.24
C THR A 492 -35.04 3.09 -2.92
N LEU A 493 -35.51 3.55 -1.77
CA LEU A 493 -35.44 4.96 -1.39
C LEU A 493 -34.04 5.33 -0.89
N CYS A 494 -33.63 6.58 -1.18
CA CYS A 494 -32.53 7.24 -0.48
C CYS A 494 -32.98 8.65 -0.09
N ALA A 495 -33.67 8.76 1.05
CA ALA A 495 -34.29 9.99 1.51
C ALA A 495 -33.35 10.81 2.36
N LEU A 496 -33.45 12.13 2.24
CA LEU A 496 -32.50 13.06 2.84
C LEU A 496 -33.24 14.28 3.42
N ILE A 497 -34.20 14.02 4.34
CA ILE A 497 -34.91 15.08 5.06
C ILE A 497 -33.94 16.06 5.71
N TYR A 498 -34.28 17.35 5.67
CA TYR A 498 -33.43 18.40 6.23
C TYR A 498 -34.16 19.18 7.30
N CYS A 499 -33.40 19.70 8.25
CA CYS A 499 -33.93 20.55 9.30
C CYS A 499 -32.96 21.69 9.51
N ASN A 500 -33.15 22.40 10.62
CA ASN A 500 -32.19 23.41 11.05
C ASN A 500 -31.96 23.46 12.56
N GLN A 501 -32.63 22.62 13.36
CA GLN A 501 -32.40 22.53 14.80
C GLN A 501 -32.33 21.07 15.21
N ASN A 502 -31.52 20.78 16.23
CA ASN A 502 -31.15 19.40 16.54
C ASN A 502 -32.28 18.63 17.19
N HIS A 503 -33.08 19.30 18.03
CA HIS A 503 -34.23 18.63 18.63
C HIS A 503 -35.27 18.30 17.58
N THR A 504 -35.38 19.13 16.54
CA THR A 504 -36.29 18.87 15.44
C THR A 504 -35.91 17.58 14.71
N ALA A 505 -34.61 17.42 14.43
CA ALA A 505 -34.14 16.22 13.76
C ALA A 505 -34.32 15.00 14.63
N ARG A 506 -34.07 15.13 15.92
CA ARG A 506 -34.24 14.00 16.83
C ARG A 506 -35.71 13.58 16.93
N VAL A 507 -36.63 14.54 16.94
CA VAL A 507 -38.01 14.13 17.11
C VAL A 507 -38.59 13.64 15.79
N LEU A 508 -38.05 14.10 14.65
CA LEU A 508 -38.39 13.47 13.37
C LEU A 508 -37.89 12.04 13.30
N PHE A 509 -36.70 11.79 13.86
CA PHE A 509 -36.20 10.42 13.95
C PHE A 509 -37.13 9.55 14.76
N GLU A 510 -37.59 10.06 15.89
CA GLU A 510 -38.46 9.26 16.75
C GLU A 510 -39.82 9.00 16.08
N LEU A 511 -40.36 9.98 15.36
CA LEU A 511 -41.62 9.75 14.66
C LEU A 511 -41.48 8.74 13.53
N LEU A 512 -40.40 8.84 12.74
CA LEU A 512 -40.23 7.87 11.67
C LEU A 512 -39.92 6.48 12.21
N ALA A 513 -39.21 6.38 13.32
CA ALA A 513 -38.95 5.08 13.93
C ALA A 513 -40.25 4.43 14.40
N GLU A 514 -41.11 5.21 15.07
CA GLU A 514 -42.38 4.66 15.55
C GLU A 514 -43.28 4.24 14.39
N ILE A 515 -43.48 5.13 13.41
CA ILE A 515 -44.41 4.82 12.33
C ILE A 515 -43.85 3.72 11.42
N SER A 516 -42.52 3.65 11.26
CA SER A 516 -41.94 2.60 10.44
C SER A 516 -41.99 1.25 11.13
N ARG A 517 -41.98 1.24 12.46
CA ARG A 517 -42.24 0.00 13.17
C ARG A 517 -43.74 -0.28 13.32
N ARG A 518 -44.61 0.63 12.89
CA ARG A 518 -46.04 0.34 12.88
C ARG A 518 -46.59 -0.02 11.50
N ASP A 519 -46.42 0.86 10.52
CA ASP A 519 -47.29 0.81 9.33
C ASP A 519 -46.84 -0.25 8.32
N PRO A 520 -47.74 -0.69 7.44
CA PRO A 520 -47.31 -1.62 6.38
C PRO A 520 -46.50 -0.96 5.28
N ASP A 521 -46.79 0.31 4.93
CA ASP A 521 -46.17 0.91 3.77
C ASP A 521 -44.69 1.18 3.99
N LEU A 522 -44.36 1.77 5.13
CA LEU A 522 -42.98 2.18 5.42
C LEU A 522 -42.24 1.15 6.25
N LYS A 523 -42.25 -0.11 5.80
CA LYS A 523 -41.38 -1.09 6.41
C LYS A 523 -39.93 -0.82 6.03
N PHE A 524 -39.72 -0.35 4.81
CA PHE A 524 -38.40 -0.12 4.24
C PHE A 524 -37.73 1.13 4.79
N LEU A 525 -38.42 1.93 5.59
CA LEU A 525 -37.76 3.06 6.23
C LEU A 525 -37.10 2.52 7.48
N ARG A 526 -35.79 2.41 7.47
CA ARG A 526 -35.03 2.30 8.68
C ARG A 526 -34.25 3.60 8.78
N CYS A 527 -34.58 4.41 9.79
CA CYS A 527 -34.21 5.82 9.83
C CYS A 527 -33.10 6.06 10.83
N GLN A 528 -32.23 7.03 10.49
CA GLN A 528 -31.10 7.40 11.32
C GLN A 528 -30.90 8.90 11.25
N TYR A 529 -30.74 9.56 12.39
CA TYR A 529 -30.71 11.02 12.37
C TYR A 529 -29.33 11.58 12.67
N THR A 530 -29.29 12.90 12.80
CA THR A 530 -28.07 13.68 12.94
C THR A 530 -28.39 14.83 13.87
N THR A 531 -27.37 15.35 14.56
CA THR A 531 -27.40 16.65 15.21
C THR A 531 -26.17 17.44 14.76
N ASP A 532 -26.07 18.69 15.21
CA ASP A 532 -24.89 19.48 14.94
C ASP A 532 -23.86 19.29 16.05
N ARG A 533 -22.82 20.12 16.08
CA ARG A 533 -21.69 19.98 16.99
C ARG A 533 -21.93 20.90 18.19
N VAL A 534 -22.66 20.37 19.18
CA VAL A 534 -23.03 21.17 20.35
C VAL A 534 -21.97 21.17 21.44
N ALA A 535 -21.05 20.21 21.44
CA ALA A 535 -19.95 20.17 22.40
C ALA A 535 -18.69 20.75 21.76
N ASP A 536 -17.67 20.90 22.59
CA ASP A 536 -16.45 21.57 22.17
C ASP A 536 -15.25 20.69 22.49
N PRO A 537 -14.18 20.76 21.69
CA PRO A 537 -12.99 19.96 21.97
C PRO A 537 -12.19 20.42 23.18
N THR A 538 -12.50 21.59 23.72
CA THR A 538 -11.80 22.06 24.91
C THR A 538 -12.33 21.37 26.17
N THR A 539 -13.62 21.51 26.45
CA THR A 539 -14.22 20.98 27.66
C THR A 539 -15.18 19.84 27.36
N GLU A 540 -15.31 18.96 28.34
CA GLU A 540 -16.02 17.68 28.23
C GLU A 540 -15.64 16.87 26.99
N PRO A 541 -14.39 16.43 26.86
CA PRO A 541 -13.99 15.69 25.65
C PRO A 541 -14.54 14.27 25.59
N LYS A 542 -15.05 13.74 26.70
CA LYS A 542 -15.63 12.40 26.68
C LYS A 542 -16.96 12.39 25.93
N GLU A 543 -17.85 13.32 26.25
CA GLU A 543 -19.12 13.38 25.54
C GLU A 543 -18.96 13.97 24.15
N ALA A 544 -17.98 14.86 23.96
CA ALA A 544 -17.69 15.38 22.61
C ALA A 544 -17.16 14.27 21.70
N GLU A 545 -16.30 13.40 22.24
CA GLU A 545 -15.81 12.28 21.45
C GLU A 545 -16.90 11.25 21.20
N LEU A 546 -17.79 11.04 22.18
CA LEU A 546 -18.91 10.14 21.95
C LEU A 546 -19.87 10.69 20.89
N GLU A 547 -20.04 12.01 20.86
CA GLU A 547 -20.78 12.66 19.78
C GLU A 547 -20.12 12.45 18.42
N HIS A 548 -18.80 12.61 18.36
CA HIS A 548 -18.08 12.43 17.10
C HIS A 548 -18.17 10.98 16.61
N ARG A 549 -18.10 10.02 17.53
CA ARG A 549 -18.29 8.63 17.12
C ARG A 549 -19.73 8.34 16.72
N ARG A 550 -20.71 9.07 17.27
CA ARG A 550 -22.08 8.85 16.78
C ARG A 550 -22.26 9.39 15.38
N GLN A 551 -21.65 10.55 15.06
CA GLN A 551 -21.68 11.02 13.67
C GLN A 551 -20.96 10.06 12.73
N GLU A 552 -19.82 9.52 13.15
CA GLU A 552 -19.10 8.54 12.35
C GLU A 552 -19.96 7.29 12.10
N GLU A 553 -20.58 6.75 13.15
CA GLU A 553 -21.31 5.51 13.00
C GLU A 553 -22.65 5.68 12.33
N VAL A 554 -23.17 6.90 12.25
CA VAL A 554 -24.39 7.14 11.49
C VAL A 554 -24.08 7.37 10.01
N LEU A 555 -23.07 8.18 9.69
CA LEU A 555 -22.77 8.43 8.30
C LEU A 555 -22.02 7.30 7.62
N LYS A 556 -21.49 6.33 8.36
CA LYS A 556 -21.00 5.15 7.65
C LYS A 556 -22.14 4.26 7.19
N ARG A 557 -23.14 4.04 8.04
CA ARG A 557 -24.24 3.15 7.68
C ARG A 557 -25.33 3.84 6.86
N PHE A 558 -25.25 5.15 6.65
CA PHE A 558 -26.02 5.71 5.56
C PHE A 558 -25.31 5.57 4.23
N ARG A 559 -24.00 5.39 4.24
CA ARG A 559 -23.24 5.42 2.99
C ARG A 559 -23.50 4.19 2.14
N MET A 560 -23.63 3.00 2.73
CA MET A 560 -23.89 1.88 1.84
C MET A 560 -25.37 1.73 1.53
N HIS A 561 -26.12 1.03 2.39
CA HIS A 561 -27.58 1.06 2.32
C HIS A 561 -28.25 0.69 3.63
N ASP A 562 -27.55 0.71 4.78
CA ASP A 562 -28.14 0.16 6.00
C ASP A 562 -29.32 0.99 6.46
N CYS A 563 -29.26 2.29 6.24
CA CYS A 563 -30.42 3.15 6.44
C CYS A 563 -30.63 3.97 5.18
N ASN A 564 -31.89 4.13 4.80
CA ASN A 564 -32.25 4.90 3.63
C ASN A 564 -32.54 6.36 3.92
N VAL A 565 -32.77 6.71 5.19
CA VAL A 565 -33.31 8.00 5.61
C VAL A 565 -32.34 8.68 6.55
N LEU A 566 -31.91 9.89 6.21
CA LEU A 566 -30.94 10.66 6.99
C LEU A 566 -31.53 12.01 7.36
N ILE A 567 -32.10 12.11 8.57
CA ILE A 567 -32.92 13.27 8.95
C ILE A 567 -31.97 14.28 9.57
N GLY A 568 -31.30 15.03 8.71
CA GLY A 568 -30.18 15.83 9.14
C GLY A 568 -30.54 17.26 9.50
N THR A 569 -29.49 18.06 9.60
CA THR A 569 -29.55 19.46 10.00
C THR A 569 -28.56 20.16 9.07
N SER A 570 -28.14 21.39 9.39
CA SER A 570 -27.39 22.22 8.46
C SER A 570 -26.00 21.70 8.14
N VAL A 571 -25.49 20.69 8.86
CA VAL A 571 -24.18 20.14 8.56
C VAL A 571 -24.17 19.35 7.27
N LEU A 572 -25.32 18.84 6.81
CA LEU A 572 -25.36 17.93 5.68
C LEU A 572 -25.34 18.66 4.34
N GLU A 573 -25.32 19.99 4.34
CA GLU A 573 -25.40 20.73 3.08
C GLU A 573 -24.13 20.56 2.26
N GLU A 574 -22.97 20.76 2.88
CA GLU A 574 -21.70 20.59 2.21
C GLU A 574 -20.82 19.71 3.09
N GLY A 575 -19.72 19.20 2.52
CA GLY A 575 -18.91 18.32 3.32
C GLY A 575 -19.30 16.87 3.12
N ILE A 576 -20.22 16.42 3.98
CA ILE A 576 -20.66 15.04 4.09
C ILE A 576 -21.12 14.49 2.76
N ASP A 577 -20.58 13.32 2.39
CA ASP A 577 -20.95 12.63 1.16
C ASP A 577 -22.03 11.61 1.45
N VAL A 578 -23.05 11.58 0.60
CA VAL A 578 -24.18 10.66 0.74
C VAL A 578 -24.31 9.90 -0.56
N PRO A 579 -25.06 8.80 -0.57
CA PRO A 579 -25.41 8.14 -1.84
C PRO A 579 -26.24 9.01 -2.76
N LYS A 580 -26.46 8.50 -3.97
CA LYS A 580 -27.41 9.14 -4.87
C LYS A 580 -28.79 9.08 -4.25
N CYS A 581 -29.52 10.20 -4.34
CA CYS A 581 -30.78 10.33 -3.63
C CYS A 581 -31.92 10.46 -4.62
N ASN A 582 -33.06 9.93 -4.23
CA ASN A 582 -34.27 10.00 -5.03
C ASN A 582 -35.38 10.74 -4.32
N LEU A 583 -35.07 11.41 -3.21
CA LEU A 583 -36.04 12.17 -2.43
C LEU A 583 -35.33 13.08 -1.45
N VAL A 584 -35.61 14.38 -1.47
CA VAL A 584 -35.24 15.26 -0.37
C VAL A 584 -36.50 15.98 0.13
N VAL A 585 -37.01 15.54 1.29
CA VAL A 585 -38.18 16.18 1.88
C VAL A 585 -37.68 17.25 2.82
N ARG A 586 -37.65 18.48 2.36
CA ARG A 586 -37.27 19.54 3.26
C ARG A 586 -38.45 19.95 4.12
N TRP A 587 -38.20 20.07 5.43
CA TRP A 587 -39.23 20.18 6.44
C TRP A 587 -39.64 21.64 6.65
N ASP A 588 -38.72 22.48 7.03
CA ASP A 588 -38.98 23.90 6.99
C ASP A 588 -38.89 24.38 5.55
N PRO A 589 -39.47 25.52 5.23
CA PRO A 589 -39.07 26.21 4.00
C PRO A 589 -37.61 26.58 4.06
N PRO A 590 -36.90 26.49 2.97
CA PRO A 590 -35.49 26.89 2.99
C PRO A 590 -35.39 28.41 2.96
N THR A 591 -35.09 29.01 4.11
CA THR A 591 -35.15 30.46 4.24
C THR A 591 -34.02 31.16 3.49
N THR A 592 -32.98 30.42 3.12
CA THR A 592 -31.88 30.91 2.31
C THR A 592 -31.95 30.21 0.97
N TYR A 593 -31.44 30.87 -0.08
CA TYR A 593 -31.33 30.20 -1.38
C TYR A 593 -30.37 29.02 -1.31
N ARG A 594 -29.27 29.18 -0.57
CA ARG A 594 -28.21 28.18 -0.58
C ARG A 594 -28.65 26.90 0.10
N SER A 595 -29.45 27.01 1.16
CA SER A 595 -30.03 25.83 1.78
C SER A 595 -30.95 25.10 0.81
N TYR A 596 -31.72 25.85 0.03
CA TYR A 596 -32.58 25.28 -1.01
C TYR A 596 -31.75 24.50 -2.03
N VAL A 597 -30.67 25.10 -2.53
CA VAL A 597 -30.03 24.51 -3.71
C VAL A 597 -29.02 23.44 -3.34
N GLN A 598 -28.25 23.59 -2.24
CA GLN A 598 -27.26 22.57 -1.92
C GLN A 598 -27.87 21.31 -1.34
N CYS A 599 -29.17 21.31 -1.06
CA CYS A 599 -29.83 20.15 -0.51
C CYS A 599 -30.96 19.66 -1.38
N LYS A 600 -31.45 20.47 -2.31
CA LYS A 600 -32.15 19.95 -3.47
C LYS A 600 -31.18 19.34 -4.45
N GLY A 601 -29.97 19.91 -4.57
CA GLY A 601 -28.94 19.39 -5.44
C GLY A 601 -28.21 18.18 -4.90
N ARG A 602 -28.82 17.47 -3.97
CA ARG A 602 -28.36 16.18 -3.51
C ARG A 602 -29.22 15.03 -4.01
N ALA A 603 -30.35 15.32 -4.64
CA ALA A 603 -31.27 14.29 -5.11
C ALA A 603 -30.93 13.96 -6.55
N ARG A 604 -30.16 12.88 -6.76
CA ARG A 604 -29.63 12.58 -8.08
C ARG A 604 -29.97 11.19 -8.62
N ALA A 605 -30.70 10.36 -7.88
CA ALA A 605 -31.19 9.12 -8.45
C ALA A 605 -32.35 9.46 -9.38
N ALA A 606 -32.12 9.33 -10.70
CA ALA A 606 -32.73 10.02 -11.84
C ALA A 606 -34.23 10.35 -11.71
N PRO A 607 -35.12 9.44 -11.22
CA PRO A 607 -36.47 9.95 -10.90
C PRO A 607 -36.54 10.55 -9.49
N ALA A 608 -35.69 11.56 -9.24
CA ALA A 608 -35.55 12.14 -7.92
C ALA A 608 -36.61 13.19 -7.66
N TYR A 609 -36.90 13.40 -6.38
CA TYR A 609 -37.97 14.26 -5.92
C TYR A 609 -37.40 15.32 -4.98
N HIS A 610 -38.05 16.47 -4.92
CA HIS A 610 -37.71 17.52 -3.96
C HIS A 610 -39.02 18.06 -3.41
N VAL A 611 -39.34 17.69 -2.18
CA VAL A 611 -40.65 17.94 -1.60
C VAL A 611 -40.48 18.90 -0.44
N ILE A 612 -41.02 20.11 -0.56
CA ILE A 612 -40.92 21.13 0.47
C ILE A 612 -42.25 21.22 1.17
N LEU A 613 -42.25 21.08 2.49
CA LEU A 613 -43.52 21.16 3.21
C LEU A 613 -43.83 22.60 3.61
N VAL A 614 -45.11 22.97 3.55
CA VAL A 614 -45.55 24.34 3.85
C VAL A 614 -46.64 24.26 4.93
N ALA A 615 -46.44 24.96 6.04
CA ALA A 615 -47.39 25.00 7.14
C ALA A 615 -47.47 26.44 7.63
N PRO A 616 -48.55 26.81 8.34
CA PRO A 616 -48.60 28.16 8.94
C PRO A 616 -47.52 28.35 10.00
N SER A 617 -46.90 29.52 9.97
CA SER A 617 -45.79 29.82 10.85
C SER A 617 -46.28 30.06 12.28
N TYR A 618 -45.36 30.32 13.19
CA TYR A 618 -45.70 30.37 14.61
C TYR A 618 -46.40 31.68 14.96
N LYS A 619 -47.55 31.56 15.60
CA LYS A 619 -48.27 32.69 16.20
C LYS A 619 -48.49 32.34 17.67
N SER A 620 -48.01 33.19 18.56
CA SER A 620 -48.07 32.89 19.99
C SER A 620 -49.49 33.08 20.51
N PRO A 621 -50.10 32.06 21.11
CA PRO A 621 -51.43 32.24 21.70
C PRO A 621 -51.39 32.70 23.15
N THR A 622 -50.24 33.22 23.57
CA THR A 622 -50.05 33.65 24.96
C THR A 622 -50.95 34.84 25.29
N VAL A 623 -51.62 34.77 26.43
CA VAL A 623 -52.54 35.82 26.87
C VAL A 623 -52.06 36.58 28.09
N GLY A 624 -51.05 36.09 28.79
CA GLY A 624 -50.56 36.74 29.99
C GLY A 624 -50.20 35.73 31.03
N SER A 625 -50.09 36.19 32.28
CA SER A 625 -49.62 35.39 33.40
C SER A 625 -50.75 34.65 34.10
N VAL A 626 -51.81 34.29 33.36
CA VAL A 626 -52.98 33.69 33.96
C VAL A 626 -52.68 32.27 34.42
N GLN A 627 -53.57 31.74 35.26
CA GLN A 627 -53.53 30.35 35.69
C GLN A 627 -54.14 29.45 34.61
N LEU A 628 -54.46 28.21 34.98
CA LEU A 628 -55.05 27.27 34.04
C LEU A 628 -56.43 27.73 33.62
N THR A 629 -56.77 27.49 32.36
CA THR A 629 -58.02 27.99 31.83
C THR A 629 -59.18 27.08 32.23
N ASP A 630 -60.39 27.53 31.87
CA ASP A 630 -61.59 26.75 32.13
C ASP A 630 -61.57 25.44 31.36
N ARG A 631 -61.10 25.47 30.11
CA ARG A 631 -60.96 24.24 29.34
C ARG A 631 -59.81 23.39 29.86
N SER A 632 -58.74 24.01 30.36
CA SER A 632 -57.63 23.24 30.95
C SER A 632 -58.08 22.55 32.23
N HIS A 633 -58.79 23.27 33.09
CA HIS A 633 -59.30 22.68 34.33
C HIS A 633 -60.36 21.62 34.05
N ARG A 634 -61.23 21.88 33.06
CA ARG A 634 -62.25 20.90 32.70
C ARG A 634 -61.63 19.65 32.11
N TYR A 635 -60.53 19.80 31.38
CA TYR A 635 -59.80 18.65 30.86
C TYR A 635 -59.16 17.85 31.96
N ILE A 636 -58.47 18.51 32.90
CA ILE A 636 -57.76 17.77 33.93
C ILE A 636 -58.71 17.19 34.99
N CYS A 637 -59.93 17.73 35.12
CA CYS A 637 -60.86 17.14 36.07
C CYS A 637 -61.74 16.08 35.42
N ALA A 638 -62.20 16.31 34.19
CA ALA A 638 -63.02 15.34 33.50
C ALA A 638 -62.18 14.19 32.95
N THR A 639 -61.21 14.50 32.09
CA THR A 639 -60.38 13.48 31.46
C THR A 639 -59.23 13.09 32.36
N SER A 759 -53.60 30.40 9.22
CA SER A 759 -53.57 31.14 7.96
C SER A 759 -52.62 30.49 6.99
N LEU A 760 -53.09 29.46 6.28
CA LEU A 760 -52.26 28.79 5.28
C LEU A 760 -51.96 29.69 4.10
N ALA A 761 -52.91 30.56 3.74
CA ALA A 761 -52.87 31.27 2.47
C ALA A 761 -51.71 32.26 2.38
N SER A 762 -51.46 33.00 3.47
CA SER A 762 -50.38 33.97 3.43
C SER A 762 -49.02 33.29 3.40
N THR A 763 -48.87 32.21 4.17
CA THR A 763 -47.61 31.46 4.17
C THR A 763 -47.37 30.78 2.83
N THR A 764 -48.42 30.17 2.26
CA THR A 764 -48.28 29.50 0.98
C THR A 764 -47.97 30.48 -0.13
N LYS A 765 -48.64 31.64 -0.12
CA LYS A 765 -48.35 32.68 -1.11
C LYS A 765 -46.93 33.20 -0.96
N ASP A 766 -46.46 33.34 0.28
CA ASP A 766 -45.11 33.87 0.46
C ASP A 766 -44.04 32.84 0.11
N LEU A 767 -44.32 31.55 0.30
CA LEU A 767 -43.37 30.58 -0.22
C LEU A 767 -43.44 30.45 -1.74
N VAL A 768 -44.62 30.66 -2.33
CA VAL A 768 -44.72 30.68 -3.79
C VAL A 768 -43.92 31.84 -4.36
N HIS A 769 -44.02 33.00 -3.73
CA HIS A 769 -43.18 34.12 -4.15
C HIS A 769 -41.71 33.85 -3.86
N GLN A 770 -41.42 33.15 -2.77
CA GLN A 770 -40.05 32.80 -2.42
C GLN A 770 -39.44 31.85 -3.44
N MET A 771 -40.18 30.81 -3.82
CA MET A 771 -39.70 29.85 -4.78
C MET A 771 -39.71 30.40 -6.19
N ALA A 772 -40.61 31.32 -6.50
CA ALA A 772 -40.52 32.03 -7.77
C ALA A 772 -39.27 32.89 -7.81
N GLN A 773 -38.92 33.51 -6.67
CA GLN A 773 -37.63 34.17 -6.57
C GLN A 773 -36.48 33.21 -6.74
N TYR A 774 -36.56 32.02 -6.14
CA TYR A 774 -35.47 31.04 -6.26
C TYR A 774 -35.34 30.52 -7.69
N ARG A 775 -36.48 30.33 -8.37
CA ARG A 775 -36.48 29.99 -9.78
C ARG A 775 -35.88 31.11 -10.60
N GLU A 776 -36.15 32.36 -10.23
CA GLU A 776 -35.55 33.45 -10.97
C GLU A 776 -34.06 33.56 -10.66
N ILE A 777 -33.65 33.14 -9.47
CA ILE A 777 -32.23 33.09 -9.14
C ILE A 777 -31.53 32.06 -10.01
N GLU A 778 -32.09 30.85 -10.09
CA GLU A 778 -31.43 29.81 -10.88
C GLU A 778 -31.56 30.07 -12.37
N GLN A 779 -32.62 30.76 -12.80
CA GLN A 779 -32.71 31.19 -14.18
C GLN A 779 -31.70 32.27 -14.49
N MET A 780 -31.39 33.14 -13.52
CA MET A 780 -30.34 34.10 -13.77
C MET A 780 -28.97 33.44 -13.70
N LEU A 781 -28.84 32.38 -12.90
CA LEU A 781 -27.59 31.63 -12.83
C LEU A 781 -27.31 30.93 -14.15
N LEU A 782 -28.33 30.24 -14.69
CA LEU A 782 -28.21 29.63 -16.00
C LEU A 782 -28.16 30.67 -17.12
N SER A 783 -28.67 31.87 -16.87
CA SER A 783 -28.42 32.97 -17.79
C SER A 783 -26.95 33.35 -17.81
N LYS A 784 -26.32 33.36 -16.64
CA LYS A 784 -24.92 33.78 -16.54
C LYS A 784 -23.96 32.70 -17.02
N CYS A 785 -24.37 31.44 -16.96
CA CYS A 785 -23.50 30.35 -17.40
C CYS A 785 -23.41 30.32 -18.92
N ALA A 786 -22.23 29.96 -19.43
CA ALA A 786 -22.00 30.00 -20.87
C ALA A 786 -22.37 28.69 -21.56
N ASN A 787 -21.88 27.56 -21.08
CA ASN A 787 -22.14 26.29 -21.76
C ASN A 787 -23.60 25.87 -21.58
N THR A 788 -24.45 26.50 -22.39
CA THR A 788 -25.84 26.10 -22.49
C THR A 788 -25.93 24.69 -23.04
N GLU A 789 -26.98 24.00 -22.63
CA GLU A 789 -27.17 22.60 -22.93
C GLU A 789 -28.53 22.38 -23.61
N PRO A 790 -28.66 21.36 -24.46
CA PRO A 790 -29.88 21.20 -25.24
C PRO A 790 -31.08 20.87 -24.38
N PRO A 791 -32.24 21.43 -24.71
CA PRO A 791 -33.47 21.10 -23.97
C PRO A 791 -33.93 19.68 -24.24
N GLU A 792 -34.91 19.27 -23.43
CA GLU A 792 -35.41 17.89 -23.42
C GLU A 792 -36.05 17.49 -24.74
N GLN A 793 -36.70 18.44 -25.42
CA GLN A 793 -37.33 18.13 -26.70
C GLN A 793 -36.30 17.85 -27.79
N GLU A 794 -35.07 18.37 -27.67
CA GLU A 794 -34.04 17.99 -28.62
C GLU A 794 -33.64 16.54 -28.44
N GLN A 795 -33.61 16.07 -27.19
CA GLN A 795 -33.36 14.66 -26.93
C GLN A 795 -34.48 13.79 -27.47
N CYS A 796 -35.73 14.23 -27.33
CA CYS A 796 -36.84 13.46 -27.90
C CYS A 796 -36.79 13.41 -29.42
N GLU A 797 -36.44 14.54 -30.06
CA GLU A 797 -36.32 14.57 -31.52
C GLU A 797 -35.20 13.65 -32.00
N ALA A 798 -34.04 13.69 -31.34
CA ALA A 798 -32.95 12.82 -31.74
C ALA A 798 -33.25 11.35 -31.46
N GLU A 799 -34.00 11.06 -30.39
CA GLU A 799 -34.43 9.70 -30.08
C GLU A 799 -35.34 9.16 -31.17
N ARG A 800 -36.24 9.99 -31.69
CA ARG A 800 -37.01 9.59 -32.86
C ARG A 800 -36.11 9.40 -34.08
N PHE A 801 -35.10 10.23 -34.23
CA PHE A 801 -34.20 10.18 -35.38
C PHE A 801 -33.16 9.07 -35.32
N SER A 802 -33.10 8.30 -34.22
CA SER A 802 -31.98 7.41 -33.96
C SER A 802 -32.19 5.99 -34.49
N ALA A 803 -32.87 5.83 -35.61
CA ALA A 803 -32.98 4.52 -36.24
C ALA A 803 -32.68 4.53 -37.73
N CYS A 804 -32.33 5.68 -38.31
CA CYS A 804 -32.07 5.74 -39.74
C CYS A 804 -30.61 5.53 -40.08
N LEU A 805 -29.86 4.90 -39.19
CA LEU A 805 -28.43 4.74 -39.36
C LEU A 805 -28.07 3.32 -38.97
N ALA A 806 -27.60 2.52 -39.94
CA ALA A 806 -27.13 1.17 -39.66
C ALA A 806 -25.91 1.27 -38.77
N ALA A 807 -26.04 0.77 -37.54
CA ALA A 807 -25.04 1.00 -36.52
C ALA A 807 -23.72 0.33 -36.90
N TYR A 808 -22.63 0.89 -36.38
CA TYR A 808 -21.32 0.32 -36.64
C TYR A 808 -21.20 -1.02 -35.96
N ARG A 809 -20.70 -2.01 -36.68
CA ARG A 809 -20.59 -3.38 -36.19
C ARG A 809 -19.15 -3.86 -36.35
N PRO A 810 -18.55 -4.44 -35.32
CA PRO A 810 -17.25 -5.07 -35.53
C PRO A 810 -17.37 -6.36 -36.32
N LYS A 811 -18.36 -7.19 -35.99
CA LYS A 811 -18.66 -8.45 -36.66
C LYS A 811 -20.05 -8.29 -37.26
N PRO A 812 -20.16 -7.69 -38.45
CA PRO A 812 -21.49 -7.42 -39.01
C PRO A 812 -22.19 -8.65 -39.53
N HIS A 813 -21.49 -9.77 -39.67
CA HIS A 813 -22.13 -11.01 -40.09
C HIS A 813 -22.99 -11.60 -38.99
N LEU A 814 -22.65 -11.36 -37.73
CA LEU A 814 -23.34 -11.94 -36.59
C LEU A 814 -24.21 -10.88 -35.93
N LEU A 815 -25.47 -11.23 -35.71
CA LEU A 815 -26.45 -10.35 -35.09
C LEU A 815 -26.47 -10.45 -33.57
N THR A 816 -25.53 -11.18 -32.99
CA THR A 816 -25.29 -11.21 -31.56
C THR A 816 -24.17 -10.26 -31.16
N GLY A 817 -23.24 -10.00 -32.07
CA GLY A 817 -22.07 -9.19 -31.80
C GLY A 817 -22.40 -7.72 -31.65
N ALA A 818 -21.35 -6.95 -31.36
CA ALA A 818 -21.49 -5.61 -30.79
C ALA A 818 -22.03 -4.61 -31.82
N SER A 819 -22.53 -3.49 -31.29
CA SER A 819 -23.24 -2.48 -32.06
C SER A 819 -23.19 -1.16 -31.33
N VAL A 820 -22.93 -0.08 -32.06
CA VAL A 820 -22.86 1.27 -31.47
C VAL A 820 -23.96 2.09 -32.13
N ASP A 821 -25.06 2.32 -31.39
CA ASP A 821 -26.16 3.14 -31.86
C ASP A 821 -25.88 4.59 -31.45
N LEU A 822 -26.91 5.46 -31.47
CA LEU A 822 -26.64 6.87 -31.17
C LEU A 822 -26.68 7.19 -29.68
N GLY A 823 -27.52 6.53 -28.87
CA GLY A 823 -27.43 6.75 -27.43
C GLY A 823 -26.17 6.13 -26.81
N SER A 824 -25.85 4.91 -27.24
CA SER A 824 -24.66 4.23 -26.75
C SER A 824 -23.40 4.92 -27.21
N ALA A 825 -23.48 5.82 -28.18
CA ALA A 825 -22.31 6.56 -28.62
C ALA A 825 -21.75 7.43 -27.51
N ILE A 826 -22.59 8.26 -26.90
CA ILE A 826 -22.14 9.11 -25.81
C ILE A 826 -21.89 8.28 -24.56
N ALA A 827 -22.76 7.29 -24.29
CA ALA A 827 -22.52 6.44 -23.12
C ALA A 827 -21.22 5.65 -23.24
N LEU A 828 -20.79 5.31 -24.46
CA LEU A 828 -19.57 4.59 -24.68
C LEU A 828 -18.34 5.49 -24.62
N VAL A 829 -18.46 6.74 -25.08
CA VAL A 829 -17.34 7.66 -24.90
C VAL A 829 -17.11 7.95 -23.42
N ASN A 830 -18.19 8.11 -22.66
CA ASN A 830 -18.04 8.33 -21.23
C ASN A 830 -17.49 7.10 -20.51
N LYS A 831 -17.95 5.91 -20.91
CA LYS A 831 -17.42 4.67 -20.32
C LYS A 831 -15.95 4.47 -20.64
N TYR A 832 -15.51 4.85 -21.83
CA TYR A 832 -14.11 4.71 -22.17
C TYR A 832 -13.25 5.67 -21.37
N CYS A 833 -13.67 6.93 -21.24
CA CYS A 833 -12.80 7.87 -20.53
C CYS A 833 -12.80 7.63 -19.02
N ALA A 834 -13.88 7.09 -18.45
CA ALA A 834 -13.88 6.76 -17.03
C ALA A 834 -13.20 5.44 -16.70
N ARG A 835 -12.76 4.69 -17.71
CA ARG A 835 -11.84 3.56 -17.52
C ARG A 835 -10.41 3.89 -17.89
N LEU A 836 -10.14 5.09 -18.38
CA LEU A 836 -8.78 5.54 -18.51
C LEU A 836 -8.19 5.73 -17.12
N PRO A 837 -6.87 5.58 -16.97
CA PRO A 837 -6.29 5.50 -15.63
C PRO A 837 -6.00 6.84 -14.99
N SER A 838 -6.36 6.94 -13.71
CA SER A 838 -6.24 8.18 -12.95
C SER A 838 -5.96 7.86 -11.49
N ASP A 839 -5.40 8.84 -10.80
CA ASP A 839 -5.22 8.83 -9.36
C ASP A 839 -6.44 9.45 -8.68
N THR A 840 -6.33 9.68 -7.38
CA THR A 840 -7.49 10.04 -6.57
C THR A 840 -7.97 11.46 -6.88
N PHE A 841 -7.08 12.31 -7.33
CA PHE A 841 -7.37 13.73 -7.51
C PHE A 841 -7.65 14.11 -8.95
N THR A 842 -7.63 13.17 -9.89
CA THR A 842 -7.82 13.45 -11.31
C THR A 842 -9.26 13.20 -11.72
N LYS A 843 -9.83 14.14 -12.47
CA LYS A 843 -11.10 13.94 -13.15
C LYS A 843 -10.80 13.78 -14.62
N LEU A 844 -11.06 12.60 -15.16
CA LEU A 844 -10.82 12.30 -16.56
C LEU A 844 -12.17 12.28 -17.26
N THR A 845 -12.36 13.22 -18.18
CA THR A 845 -13.63 13.41 -18.86
C THR A 845 -13.36 13.71 -20.32
N ALA A 846 -14.41 13.59 -21.12
CA ALA A 846 -14.37 13.99 -22.51
C ALA A 846 -14.75 15.45 -22.65
N LEU A 847 -13.90 16.23 -23.31
CA LEU A 847 -14.23 17.61 -23.61
C LEU A 847 -15.04 17.68 -24.88
N TRP A 848 -15.72 18.81 -25.09
CA TRP A 848 -16.62 18.92 -26.23
C TRP A 848 -16.88 20.38 -26.56
N ARG A 849 -16.79 20.72 -27.84
CA ARG A 849 -17.02 22.07 -28.32
C ARG A 849 -18.16 22.03 -29.31
N CYS A 850 -19.32 22.58 -28.94
CA CYS A 850 -20.44 22.68 -29.86
C CYS A 850 -20.17 23.75 -30.91
N THR A 851 -21.01 23.82 -31.93
CA THR A 851 -20.84 24.81 -33.00
C THR A 851 -22.22 24.97 -33.66
N ARG A 852 -22.37 25.98 -34.51
CA ARG A 852 -23.52 26.05 -35.42
C ARG A 852 -23.11 26.76 -36.71
N ASN A 853 -23.74 26.38 -37.83
CA ASN A 853 -23.72 27.17 -39.05
C ASN A 853 -24.89 26.75 -39.93
N GLU A 854 -25.29 27.63 -40.84
CA GLU A 854 -26.44 27.32 -41.70
C GLU A 854 -25.96 26.66 -42.99
N ARG A 855 -26.78 25.76 -43.52
CA ARG A 855 -26.39 24.98 -44.70
C ARG A 855 -27.58 24.84 -45.62
N ALA A 856 -27.73 25.81 -46.53
CA ALA A 856 -28.77 25.85 -47.55
C ALA A 856 -30.17 25.66 -46.95
N GLY A 857 -30.48 26.51 -45.98
CA GLY A 857 -31.69 26.27 -45.21
C GLY A 857 -31.43 26.14 -43.72
N VAL A 858 -31.55 24.92 -43.21
CA VAL A 858 -31.49 24.66 -41.78
C VAL A 858 -30.10 24.95 -41.23
N THR A 859 -30.05 25.44 -39.99
CA THR A 859 -28.80 25.62 -39.25
C THR A 859 -28.47 24.32 -38.52
N LEU A 860 -27.19 23.95 -38.55
CA LEU A 860 -26.70 22.64 -38.19
C LEU A 860 -25.62 22.78 -37.11
N PHE A 861 -25.57 21.82 -36.19
CA PHE A 861 -24.81 21.94 -34.94
C PHE A 861 -23.66 20.94 -34.81
N GLN A 862 -22.54 21.21 -35.47
CA GLN A 862 -21.38 20.33 -35.43
C GLN A 862 -20.73 20.29 -34.05
N TYR A 863 -20.15 19.15 -33.67
CA TYR A 863 -19.26 19.14 -32.51
C TYR A 863 -17.81 18.91 -32.89
N THR A 864 -16.95 19.22 -31.93
CA THR A 864 -15.56 18.80 -31.89
C THR A 864 -15.36 18.06 -30.57
N LEU A 865 -14.59 16.98 -30.58
CA LEU A 865 -14.39 16.19 -29.39
C LEU A 865 -12.94 16.15 -28.96
N ARG A 866 -12.76 15.54 -27.81
CA ARG A 866 -11.50 15.51 -27.09
C ARG A 866 -11.61 14.51 -25.96
N LEU A 867 -10.74 13.56 -25.95
CA LEU A 867 -10.62 12.54 -24.94
C LEU A 867 -9.43 12.86 -24.04
N PRO A 868 -9.33 12.25 -22.85
CA PRO A 868 -8.24 12.59 -21.93
C PRO A 868 -6.84 12.41 -22.51
N ILE A 869 -5.90 13.12 -21.89
CA ILE A 869 -4.54 13.19 -22.39
C ILE A 869 -3.85 11.83 -22.30
N ASN A 870 -4.23 10.99 -21.35
CA ASN A 870 -3.57 9.69 -21.27
C ASN A 870 -4.11 8.69 -22.29
N SER A 871 -5.19 9.01 -22.99
CA SER A 871 -5.74 8.12 -24.00
C SER A 871 -4.81 8.08 -25.21
N PRO A 872 -4.74 6.94 -25.92
CA PRO A 872 -3.89 6.87 -27.10
C PRO A 872 -4.42 7.65 -28.27
N LEU A 873 -5.69 8.03 -28.23
CA LEU A 873 -6.34 8.78 -29.28
C LEU A 873 -6.02 10.24 -29.07
N LYS A 874 -5.06 10.76 -29.82
CA LYS A 874 -4.59 12.13 -29.61
C LYS A 874 -5.20 13.12 -30.58
N HIS A 875 -6.24 12.74 -31.33
CA HIS A 875 -6.80 13.65 -32.32
C HIS A 875 -8.14 14.25 -31.88
N ASP A 876 -8.49 15.31 -32.60
CA ASP A 876 -9.74 16.04 -32.43
C ASP A 876 -10.77 15.36 -33.31
N ILE A 877 -11.77 14.74 -32.70
CA ILE A 877 -12.75 13.96 -33.46
C ILE A 877 -13.85 14.95 -33.89
N VAL A 878 -13.65 15.56 -35.05
CA VAL A 878 -14.54 16.59 -35.55
C VAL A 878 -15.85 15.94 -35.98
N GLY A 879 -16.90 16.12 -35.17
CA GLY A 879 -18.16 15.43 -35.37
C GLY A 879 -18.94 16.01 -36.54
N LEU A 880 -20.07 15.36 -36.84
CA LEU A 880 -20.82 15.62 -38.07
C LEU A 880 -22.17 16.28 -37.78
N PRO A 881 -22.59 17.25 -38.59
CA PRO A 881 -23.69 18.12 -38.20
C PRO A 881 -25.04 17.48 -38.36
N MET A 882 -25.96 17.91 -37.51
CA MET A 882 -27.35 17.50 -37.54
C MET A 882 -28.17 18.75 -37.32
N PRO A 883 -29.47 18.72 -37.65
CA PRO A 883 -30.33 19.88 -37.33
C PRO A 883 -30.44 20.22 -35.86
N THR A 884 -30.45 19.23 -34.97
CA THR A 884 -30.61 19.46 -33.55
C THR A 884 -29.37 18.99 -32.81
N GLN A 885 -28.88 19.80 -31.87
CA GLN A 885 -27.53 19.60 -31.34
C GLN A 885 -27.41 18.39 -30.45
N THR A 886 -28.52 17.88 -29.94
CA THR A 886 -28.49 16.57 -29.31
C THR A 886 -28.12 15.50 -30.32
N LEU A 887 -28.71 15.58 -31.52
CA LEU A 887 -28.48 14.58 -32.55
C LEU A 887 -27.05 14.65 -33.08
N ALA A 888 -26.49 15.83 -33.25
CA ALA A 888 -25.11 15.90 -33.69
C ALA A 888 -24.11 15.68 -32.57
N ARG A 889 -24.52 15.87 -31.32
CA ARG A 889 -23.70 15.40 -30.22
C ARG A 889 -23.60 13.89 -30.23
N ARG A 890 -24.75 13.20 -30.37
CA ARG A 890 -24.78 11.75 -30.42
C ARG A 890 -23.98 11.23 -31.59
N LEU A 891 -24.05 11.90 -32.72
CA LEU A 891 -23.28 11.47 -33.87
C LEU A 891 -21.79 11.76 -33.72
N ALA A 892 -21.41 12.84 -33.04
CA ALA A 892 -19.99 13.09 -32.78
C ALA A 892 -19.40 12.02 -31.87
N ALA A 893 -20.17 11.58 -30.87
CA ALA A 893 -19.70 10.46 -30.08
C ALA A 893 -19.77 9.13 -30.82
N LEU A 894 -20.60 9.04 -31.85
CA LEU A 894 -20.61 7.84 -32.67
C LEU A 894 -19.40 7.77 -33.58
N GLN A 895 -19.02 8.92 -34.13
CA GLN A 895 -17.79 9.03 -34.89
C GLN A 895 -16.59 8.71 -34.03
N ALA A 896 -16.63 9.16 -32.76
CA ALA A 896 -15.59 8.81 -31.79
C ALA A 896 -15.53 7.32 -31.50
N CYS A 897 -16.67 6.65 -31.35
CA CYS A 897 -16.62 5.22 -31.03
C CYS A 897 -16.21 4.36 -32.22
N VAL A 898 -16.58 4.74 -33.44
CA VAL A 898 -16.06 4.06 -34.63
C VAL A 898 -14.56 4.25 -34.75
N GLU A 899 -14.05 5.47 -34.51
CA GLU A 899 -12.60 5.67 -34.56
C GLU A 899 -11.89 4.97 -33.42
N LEU A 900 -12.53 4.84 -32.26
CA LEU A 900 -11.95 4.10 -31.15
C LEU A 900 -11.79 2.64 -31.51
N HIS A 901 -12.84 2.03 -32.07
CA HIS A 901 -12.73 0.62 -32.46
C HIS A 901 -11.77 0.43 -33.62
N ARG A 902 -11.66 1.41 -34.51
CA ARG A 902 -10.70 1.33 -35.59
C ARG A 902 -9.27 1.31 -35.05
N ILE A 903 -8.92 2.28 -34.22
CA ILE A 903 -7.55 2.41 -33.74
C ILE A 903 -7.16 1.32 -32.76
N GLY A 904 -8.13 0.58 -32.23
CA GLY A 904 -7.84 -0.62 -31.49
C GLY A 904 -7.97 -0.51 -29.99
N GLU A 905 -8.41 0.62 -29.46
CA GLU A 905 -8.77 0.66 -28.05
C GLU A 905 -9.97 -0.22 -27.80
N LEU A 906 -11.08 0.12 -28.39
CA LEU A 906 -12.25 -0.72 -28.34
C LEU A 906 -11.99 -1.95 -29.21
N ASP A 907 -12.01 -3.11 -28.59
CA ASP A 907 -11.79 -4.36 -29.29
C ASP A 907 -13.10 -4.81 -29.95
N ASP A 908 -13.08 -6.01 -30.54
CA ASP A 908 -14.18 -6.53 -31.34
C ASP A 908 -15.43 -6.87 -30.54
N GLN A 909 -15.47 -6.62 -29.23
CA GLN A 909 -16.70 -6.72 -28.48
C GLN A 909 -17.21 -5.36 -28.01
N LEU A 910 -16.42 -4.30 -28.20
CA LEU A 910 -16.80 -2.90 -27.94
C LEU A 910 -17.20 -2.68 -26.48
N GLN A 911 -16.20 -2.86 -25.62
CA GLN A 911 -16.12 -2.44 -24.24
C GLN A 911 -14.60 -2.37 -24.08
N PRO A 912 -14.08 -1.36 -23.41
CA PRO A 912 -12.61 -1.15 -23.39
C PRO A 912 -11.88 -2.28 -22.68
N ILE A 913 -10.63 -2.49 -23.07
CA ILE A 913 -10.02 -3.81 -23.05
C ILE A 913 -9.71 -4.29 -21.63
N GLY A 914 -9.06 -3.48 -20.81
CA GLY A 914 -8.66 -3.91 -19.49
C GLY A 914 -7.33 -4.66 -19.50
N LYS A 915 -6.80 -4.87 -18.29
CA LYS A 915 -5.48 -5.48 -18.11
C LYS A 915 -5.51 -6.98 -18.41
N GLU A 916 -6.53 -7.68 -17.90
CA GLU A 916 -6.55 -9.15 -17.91
C GLU A 916 -6.64 -9.70 -19.33
N GLY A 917 -7.49 -9.12 -20.16
CA GLY A 917 -7.65 -9.57 -21.52
C GLY A 917 -6.56 -9.17 -22.47
N PHE A 918 -5.60 -8.34 -22.02
CA PHE A 918 -4.51 -7.91 -22.88
C PHE A 918 -3.52 -9.05 -23.09
N ARG A 919 -3.01 -9.17 -24.31
CA ARG A 919 -2.12 -10.25 -24.69
C ARG A 919 -0.84 -9.68 -25.30
N ALA A 920 0.29 -10.30 -24.95
CA ALA A 920 1.58 -9.89 -25.49
C ALA A 920 1.62 -10.02 -27.01
N LEU A 921 2.16 -9.00 -27.67
CA LEU A 921 2.06 -8.96 -29.12
C LEU A 921 3.15 -9.77 -29.79
N GLU A 922 4.39 -9.66 -29.34
CA GLU A 922 5.47 -10.41 -29.95
C GLU A 922 5.33 -11.89 -29.58
N PRO A 923 5.48 -12.80 -30.55
CA PRO A 923 5.08 -14.20 -30.30
C PRO A 923 6.01 -14.95 -29.37
N ASP A 924 7.24 -14.49 -29.16
CA ASP A 924 8.13 -15.16 -28.24
C ASP A 924 7.71 -14.89 -26.79
N TRP A 925 7.13 -13.73 -26.53
CA TRP A 925 6.69 -13.36 -25.19
C TRP A 925 5.42 -14.06 -24.75
N GLU A 926 4.77 -14.79 -25.64
CA GLU A 926 3.49 -15.40 -25.31
C GLU A 926 3.61 -16.87 -24.93
N CYS A 927 4.73 -17.51 -25.26
CA CYS A 927 4.88 -18.97 -25.25
C CYS A 927 4.62 -19.61 -23.90
N PHE A 928 5.52 -19.37 -22.92
CA PHE A 928 5.39 -19.81 -21.52
C PHE A 928 5.11 -21.30 -21.40
N GLU A 929 5.82 -22.09 -22.19
CA GLU A 929 5.63 -23.52 -22.32
C GLU A 929 6.82 -24.24 -21.70
N LEU A 930 6.66 -25.53 -21.44
CA LEU A 930 7.37 -26.22 -20.36
C LEU A 930 7.17 -27.74 -20.45
N GLU A 931 7.90 -28.45 -19.60
CA GLU A 931 7.78 -29.91 -19.51
C GLU A 931 6.46 -30.29 -18.84
N PRO A 932 5.76 -31.31 -19.35
CA PRO A 932 4.32 -31.47 -19.03
C PRO A 932 4.00 -31.83 -17.59
N GLU A 933 4.98 -32.32 -16.80
CA GLU A 933 4.73 -32.50 -15.38
C GLU A 933 4.53 -31.17 -14.67
N ASP A 934 5.23 -30.12 -15.12
CA ASP A 934 5.06 -28.79 -14.51
C ASP A 934 3.63 -28.27 -14.70
N GLU A 935 3.09 -28.40 -15.91
CA GLU A 935 1.71 -27.95 -16.11
C GLU A 935 0.71 -28.91 -15.52
N GLN A 936 1.08 -30.18 -15.33
CA GLN A 936 0.25 -31.08 -14.54
C GLN A 936 0.12 -30.57 -13.10
N ILE A 937 1.23 -30.16 -12.51
CA ILE A 937 1.21 -29.62 -11.15
C ILE A 937 0.49 -28.27 -11.12
N VAL A 938 0.64 -27.47 -12.18
CA VAL A 938 -0.05 -26.17 -12.27
C VAL A 938 -1.56 -26.37 -12.29
N GLN A 939 -2.04 -27.33 -13.10
CA GLN A 939 -3.47 -27.62 -13.15
C GLN A 939 -3.97 -28.36 -11.92
N LEU A 940 -3.09 -29.01 -11.16
CA LEU A 940 -3.52 -29.73 -9.96
C LEU A 940 -3.99 -28.79 -8.86
N SER A 941 -3.20 -27.74 -8.57
CA SER A 941 -3.52 -26.70 -7.57
C SER A 941 -3.70 -27.26 -6.15
N ASP A 942 -3.07 -28.40 -5.86
CA ASP A 942 -3.02 -28.91 -4.49
C ASP A 942 -1.68 -29.46 -4.05
N GLU A 943 -0.73 -29.73 -4.94
CA GLU A 943 0.66 -29.93 -4.58
C GLU A 943 1.36 -28.58 -4.51
N PRO A 944 2.57 -28.52 -3.94
CA PRO A 944 3.40 -27.32 -4.08
C PRO A 944 3.65 -26.98 -5.54
N ARG A 945 3.25 -25.79 -5.92
CA ARG A 945 3.26 -25.40 -7.31
C ARG A 945 4.66 -25.02 -7.76
N PRO A 946 4.95 -25.10 -9.05
CA PRO A 946 6.31 -24.83 -9.52
C PRO A 946 6.71 -23.37 -9.36
N GLY A 947 8.02 -23.16 -9.30
CA GLY A 947 8.57 -21.84 -9.10
C GLY A 947 8.70 -21.46 -7.64
N THR A 948 8.06 -22.18 -6.73
CA THR A 948 8.08 -21.86 -5.32
C THR A 948 9.22 -22.61 -4.61
N THR A 949 9.43 -22.24 -3.35
CA THR A 949 10.42 -22.90 -2.53
C THR A 949 9.85 -24.09 -1.79
N LYS A 950 8.55 -24.31 -1.92
CA LYS A 950 7.85 -25.38 -1.22
C LYS A 950 7.87 -26.70 -1.98
N ARG A 951 8.42 -26.72 -3.19
CA ARG A 951 8.46 -27.93 -4.02
C ARG A 951 9.91 -28.33 -4.23
N ARG A 952 10.28 -29.47 -3.67
CA ARG A 952 11.64 -30.00 -3.78
C ARG A 952 11.71 -30.95 -4.96
N GLN A 953 12.59 -30.68 -5.90
CA GLN A 953 12.84 -31.61 -6.97
C GLN A 953 14.28 -32.08 -6.89
N TYR A 954 14.50 -33.37 -7.17
CA TYR A 954 15.81 -34.00 -7.06
C TYR A 954 16.50 -33.98 -8.41
N TYR A 955 17.79 -33.73 -8.39
CA TYR A 955 18.53 -33.57 -9.63
C TYR A 955 19.77 -34.45 -9.54
N TYR A 956 20.73 -34.32 -10.44
CA TYR A 956 21.91 -35.16 -10.37
C TYR A 956 23.14 -34.32 -10.12
N LYS A 957 23.95 -34.73 -9.15
CA LYS A 957 25.20 -34.05 -8.87
C LYS A 957 26.10 -34.34 -10.05
N ARG A 958 26.01 -33.52 -11.09
CA ARG A 958 26.65 -33.82 -12.35
C ARG A 958 28.16 -33.80 -12.17
N ILE A 959 28.77 -34.97 -12.30
CA ILE A 959 30.22 -35.05 -12.35
C ILE A 959 30.65 -34.34 -13.62
N ALA A 960 31.72 -33.56 -13.53
CA ALA A 960 32.12 -32.71 -14.63
C ALA A 960 32.51 -33.52 -15.85
N SER A 961 32.46 -32.88 -17.01
CA SER A 961 32.82 -33.53 -18.27
C SER A 961 34.32 -33.62 -18.48
N GLU A 962 35.11 -33.22 -17.49
CA GLU A 962 36.53 -33.50 -17.46
C GLU A 962 36.85 -34.70 -16.58
N PHE A 963 35.85 -35.31 -15.94
CA PHE A 963 36.01 -36.44 -15.06
C PHE A 963 35.22 -37.67 -15.48
N CYS A 964 34.46 -37.61 -16.56
CA CYS A 964 33.73 -38.76 -17.06
C CYS A 964 34.44 -39.27 -18.29
N ASP A 965 34.59 -40.61 -18.36
CA ASP A 965 35.39 -41.31 -19.39
C ASP A 965 36.82 -40.79 -19.39
N CYS A 966 37.51 -41.04 -18.27
CA CYS A 966 38.74 -40.34 -17.96
C CYS A 966 39.86 -41.23 -17.45
N ARG A 967 39.58 -42.48 -17.07
CA ARG A 967 40.63 -43.34 -16.51
C ARG A 967 41.64 -43.72 -17.59
N PRO A 968 42.91 -43.78 -17.25
CA PRO A 968 43.90 -44.27 -18.21
C PRO A 968 43.83 -45.78 -18.34
N VAL A 969 44.01 -46.24 -19.57
CA VAL A 969 44.26 -47.64 -19.87
C VAL A 969 45.69 -47.67 -20.40
N ALA A 970 46.25 -48.88 -20.52
CA ALA A 970 47.69 -49.05 -20.73
C ALA A 970 48.15 -48.48 -22.06
N GLY A 971 49.14 -47.61 -22.00
CA GLY A 971 49.69 -46.96 -23.16
C GLY A 971 49.07 -45.62 -23.50
N ALA A 972 47.88 -45.33 -22.97
CA ALA A 972 47.20 -44.08 -23.30
C ALA A 972 47.88 -42.91 -22.60
N PRO A 973 48.38 -41.91 -23.33
CA PRO A 973 49.06 -40.78 -22.70
C PRO A 973 48.13 -39.93 -21.87
N CYS A 974 48.35 -39.93 -20.57
CA CYS A 974 47.52 -39.21 -19.62
C CYS A 974 48.35 -38.16 -18.91
N TYR A 975 47.68 -37.06 -18.55
CA TYR A 975 48.25 -35.90 -17.90
C TYR A 975 48.30 -36.12 -16.39
N LEU A 976 49.33 -35.55 -15.77
CA LEU A 976 49.59 -35.68 -14.35
C LEU A 976 49.56 -34.29 -13.73
N TYR A 977 48.60 -34.06 -12.85
CA TYR A 977 48.41 -32.80 -12.17
C TYR A 977 48.86 -32.97 -10.73
N PHE A 978 49.58 -32.01 -10.20
CA PHE A 978 49.99 -32.09 -8.81
C PHE A 978 49.01 -31.30 -7.97
N ILE A 979 48.51 -31.93 -6.91
CA ILE A 979 47.62 -31.24 -5.98
C ILE A 979 48.50 -30.45 -5.04
N GLN A 980 48.87 -29.25 -5.46
CA GLN A 980 49.81 -28.46 -4.69
C GLN A 980 49.10 -27.79 -3.52
N LEU A 981 49.72 -27.84 -2.35
CA LEU A 981 49.20 -27.17 -1.17
C LEU A 981 50.27 -26.25 -0.61
N THR A 982 49.91 -25.00 -0.34
CA THR A 982 50.82 -23.99 0.20
C THR A 982 50.11 -23.27 1.33
N LEU A 983 50.71 -23.25 2.51
CA LEU A 983 50.09 -22.61 3.67
C LEU A 983 50.33 -21.10 3.60
N GLN A 984 49.23 -20.34 3.55
CA GLN A 984 49.27 -18.89 3.47
C GLN A 984 49.04 -18.20 4.80
N CYS A 985 48.44 -18.88 5.77
CA CYS A 985 48.22 -18.17 7.02
C CYS A 985 48.30 -19.12 8.20
N PRO A 986 49.38 -19.06 8.99
CA PRO A 986 49.50 -19.95 10.15
C PRO A 986 48.45 -19.66 11.20
N ILE A 987 48.16 -20.68 11.99
CA ILE A 987 47.06 -20.60 12.96
C ILE A 987 47.42 -19.59 14.04
N PRO A 988 46.47 -18.81 14.56
CA PRO A 988 46.78 -17.97 15.71
C PRO A 988 46.91 -18.83 16.95
N GLU A 989 47.89 -18.48 17.80
CA GLU A 989 48.22 -19.32 18.94
C GLU A 989 47.17 -19.24 20.04
N GLU A 990 46.19 -18.34 19.92
CA GLU A 990 45.05 -18.38 20.82
C GLU A 990 44.18 -19.60 20.58
N GLN A 991 44.00 -20.00 19.32
CA GLN A 991 43.26 -21.23 19.00
C GLN A 991 44.11 -22.47 19.27
N ASN A 992 45.42 -22.31 19.39
CA ASN A 992 46.34 -23.43 19.58
C ASN A 992 46.26 -23.95 21.02
N THR A 993 45.16 -24.64 21.30
CA THR A 993 44.94 -25.13 22.67
C THR A 993 45.80 -26.32 23.04
N ARG A 994 46.76 -26.75 22.22
CA ARG A 994 47.65 -27.82 22.56
C ARG A 994 49.10 -27.52 22.22
N GLY A 995 49.38 -26.41 21.57
CA GLY A 995 50.76 -25.97 21.41
C GLY A 995 51.57 -26.75 20.41
N ARG A 996 50.93 -27.45 19.48
CA ARG A 996 51.65 -28.24 18.51
C ARG A 996 52.38 -27.34 17.54
N LYS A 997 53.46 -27.85 16.97
CA LYS A 997 54.18 -27.13 15.94
C LYS A 997 53.32 -27.01 14.70
N ILE A 998 53.42 -25.89 14.00
CA ILE A 998 52.73 -25.81 12.73
C ILE A 998 53.56 -26.54 11.69
N TYR A 999 52.89 -27.15 10.73
CA TYR A 999 53.53 -27.91 9.67
C TYR A 999 53.07 -27.34 8.34
N PRO A 1000 53.89 -26.55 7.66
CA PRO A 1000 53.60 -26.18 6.28
C PRO A 1000 53.59 -27.42 5.40
N PRO A 1001 52.73 -27.48 4.41
CA PRO A 1001 52.71 -28.67 3.55
C PRO A 1001 53.52 -28.49 2.28
N GLU A 1002 54.00 -27.27 2.00
CA GLU A 1002 54.78 -27.08 0.78
C GLU A 1002 56.20 -27.58 0.89
N ASP A 1003 56.68 -27.85 2.09
CA ASP A 1003 57.97 -28.51 2.27
C ASP A 1003 57.83 -29.96 2.72
N ALA A 1004 56.62 -30.50 2.76
CA ALA A 1004 56.43 -31.92 2.94
C ALA A 1004 56.88 -32.68 1.69
N GLN A 1005 57.41 -33.88 1.91
CA GLN A 1005 58.04 -34.60 0.80
C GLN A 1005 57.02 -35.31 -0.07
N GLN A 1006 56.10 -36.06 0.53
CA GLN A 1006 55.17 -36.91 -0.20
C GLN A 1006 53.77 -36.32 -0.19
N GLY A 1007 53.29 -35.94 -1.38
CA GLY A 1007 51.97 -35.38 -1.57
C GLY A 1007 51.21 -36.18 -2.61
N PHE A 1008 50.39 -35.54 -3.47
CA PHE A 1008 49.56 -36.33 -4.37
C PHE A 1008 49.57 -35.75 -5.79
N GLY A 1009 48.83 -36.45 -6.66
CA GLY A 1009 48.57 -36.01 -8.02
C GLY A 1009 47.31 -36.59 -8.64
N ILE A 1010 46.58 -35.73 -9.36
CA ILE A 1010 45.58 -36.15 -10.32
C ILE A 1010 46.28 -36.79 -11.51
N LEU A 1011 45.68 -37.81 -12.10
CA LEU A 1011 46.19 -38.40 -13.33
C LEU A 1011 44.99 -38.77 -14.19
N THR A 1012 44.92 -38.19 -15.39
CA THR A 1012 43.69 -37.99 -16.13
C THR A 1012 43.95 -38.04 -17.63
N THR A 1013 43.04 -38.67 -18.40
CA THR A 1013 43.24 -38.72 -19.85
C THR A 1013 42.91 -37.40 -20.54
N LYS A 1014 41.99 -36.61 -19.97
CA LYS A 1014 41.55 -35.35 -20.57
C LYS A 1014 41.80 -34.19 -19.62
N ARG A 1015 42.19 -33.05 -20.18
CA ARG A 1015 42.66 -31.94 -19.36
C ARG A 1015 41.52 -31.25 -18.63
N ILE A 1016 41.67 -31.12 -17.32
CA ILE A 1016 40.92 -30.12 -16.56
C ILE A 1016 41.40 -28.74 -17.00
N PRO A 1017 40.50 -27.80 -17.28
CA PRO A 1017 40.95 -26.45 -17.66
C PRO A 1017 41.36 -25.61 -16.47
N LYS A 1018 41.64 -24.32 -16.69
CA LYS A 1018 42.09 -23.44 -15.62
C LYS A 1018 41.01 -23.29 -14.55
N LEU A 1019 41.44 -23.20 -13.29
CA LEU A 1019 40.52 -23.07 -12.19
C LEU A 1019 41.05 -22.06 -11.18
N SER A 1020 40.14 -21.59 -10.33
CA SER A 1020 40.49 -20.63 -9.30
C SER A 1020 41.24 -21.31 -8.15
N ALA A 1021 42.41 -20.77 -7.80
CA ALA A 1021 43.24 -21.37 -6.77
C ALA A 1021 42.63 -21.08 -5.40
N PHE A 1022 41.68 -21.93 -5.03
CA PHE A 1022 40.92 -21.79 -3.81
C PHE A 1022 41.77 -22.11 -2.59
N SER A 1023 41.19 -21.88 -1.41
CA SER A 1023 41.91 -22.06 -0.15
C SER A 1023 41.14 -22.98 0.78
N ILE A 1024 41.88 -23.78 1.54
CA ILE A 1024 41.32 -24.65 2.55
C ILE A 1024 41.84 -24.26 3.92
N PHE A 1025 41.15 -24.74 4.95
CA PHE A 1025 41.37 -24.29 6.32
C PHE A 1025 41.59 -25.50 7.21
N THR A 1026 42.85 -25.84 7.41
CA THR A 1026 43.27 -27.07 8.03
C THR A 1026 43.49 -26.87 9.51
N ARG A 1027 43.76 -28.00 10.18
CA ARG A 1027 44.25 -28.00 11.56
C ARG A 1027 45.50 -27.13 11.72
N SER A 1028 46.34 -27.09 10.70
CA SER A 1028 47.55 -26.28 10.75
C SER A 1028 47.38 -24.86 10.22
N GLY A 1029 46.15 -24.44 9.89
CA GLY A 1029 45.99 -23.05 9.48
C GLY A 1029 45.18 -22.80 8.21
N GLU A 1030 45.71 -21.99 7.29
CA GLU A 1030 45.06 -21.70 6.02
C GLU A 1030 46.05 -22.00 4.89
N VAL A 1031 45.63 -22.88 3.98
CA VAL A 1031 46.44 -23.44 2.90
C VAL A 1031 45.78 -23.03 1.59
N LYS A 1032 46.57 -22.86 0.53
CA LYS A 1032 46.03 -22.52 -0.78
C LYS A 1032 46.18 -23.71 -1.72
N VAL A 1033 45.06 -24.28 -2.16
CA VAL A 1033 45.06 -25.46 -3.02
C VAL A 1033 45.02 -25.04 -4.47
N SER A 1034 45.97 -25.54 -5.26
CA SER A 1034 46.00 -25.26 -6.69
C SER A 1034 46.08 -26.57 -7.46
N LEU A 1035 46.32 -26.51 -8.76
CA LEU A 1035 46.69 -27.67 -9.55
C LEU A 1035 47.74 -27.23 -10.55
N GLU A 1036 48.76 -28.06 -10.76
CA GLU A 1036 49.79 -27.75 -11.72
C GLU A 1036 50.13 -29.00 -12.52
N LEU A 1037 50.36 -28.82 -13.82
CA LEU A 1037 50.58 -29.94 -14.73
C LEU A 1037 52.00 -30.47 -14.62
N ALA A 1038 52.14 -31.77 -14.78
CA ALA A 1038 53.44 -32.37 -15.09
C ALA A 1038 53.60 -32.40 -16.59
N LYS A 1039 54.72 -31.88 -17.07
CA LYS A 1039 54.91 -31.65 -18.50
C LYS A 1039 54.95 -32.96 -19.29
N GLU A 1040 55.77 -33.90 -18.85
CA GLU A 1040 55.91 -35.17 -19.53
C GLU A 1040 54.64 -36.00 -19.29
N ARG A 1041 53.83 -36.14 -20.34
CA ARG A 1041 52.62 -36.94 -20.25
C ARG A 1041 53.00 -38.39 -19.99
N VAL A 1042 52.30 -39.02 -19.06
CA VAL A 1042 52.78 -40.25 -18.44
C VAL A 1042 52.12 -41.44 -19.12
N ILE A 1043 52.94 -42.37 -19.61
CA ILE A 1043 52.47 -43.61 -20.22
C ILE A 1043 52.44 -44.67 -19.13
N LEU A 1044 51.28 -45.27 -18.92
CA LEU A 1044 51.13 -46.37 -17.98
C LEU A 1044 51.21 -47.71 -18.71
N THR A 1045 51.94 -48.64 -18.12
CA THR A 1045 51.91 -50.02 -18.59
C THR A 1045 50.67 -50.71 -18.02
N SER A 1046 50.46 -51.96 -18.40
CA SER A 1046 49.30 -52.69 -17.88
C SER A 1046 49.47 -53.01 -16.40
N GLU A 1047 50.71 -53.14 -15.94
CA GLU A 1047 50.95 -53.53 -14.57
C GLU A 1047 50.67 -52.38 -13.61
N GLN A 1048 51.12 -51.16 -13.96
CA GLN A 1048 50.99 -50.03 -13.06
C GLN A 1048 49.56 -49.59 -12.86
N ILE A 1049 48.65 -49.94 -13.77
CA ILE A 1049 47.23 -49.66 -13.56
C ILE A 1049 46.70 -50.48 -12.39
N VAL A 1050 47.16 -51.72 -12.24
CA VAL A 1050 46.67 -52.56 -11.16
C VAL A 1050 47.18 -52.05 -9.81
N CYS A 1051 48.42 -51.56 -9.76
CA CYS A 1051 48.91 -51.04 -8.49
C CYS A 1051 48.26 -49.71 -8.16
N ILE A 1052 47.92 -48.90 -9.16
CA ILE A 1052 47.18 -47.67 -8.88
C ILE A 1052 45.74 -47.97 -8.48
N ASN A 1053 45.15 -49.04 -9.00
CA ASN A 1053 43.82 -49.45 -8.53
C ASN A 1053 43.86 -49.88 -7.06
N GLY A 1054 44.85 -50.69 -6.70
CA GLY A 1054 45.00 -51.09 -5.31
C GLY A 1054 45.34 -49.91 -4.41
N PHE A 1055 46.15 -48.98 -4.91
CA PHE A 1055 46.52 -47.81 -4.13
C PHE A 1055 45.32 -46.90 -3.90
N LEU A 1056 44.50 -46.72 -4.93
CA LEU A 1056 43.38 -45.80 -4.80
C LEU A 1056 42.31 -46.39 -3.90
N ASN A 1057 42.14 -47.72 -3.93
CA ASN A 1057 41.28 -48.37 -2.95
C ASN A 1057 41.85 -48.22 -1.54
N TYR A 1058 43.18 -48.26 -1.41
CA TYR A 1058 43.83 -48.06 -0.12
C TYR A 1058 43.62 -46.64 0.40
N THR A 1059 43.84 -45.65 -0.45
CA THR A 1059 43.86 -44.26 0.00
C THR A 1059 42.46 -43.77 0.29
N PHE A 1060 41.46 -44.19 -0.48
CA PHE A 1060 40.13 -43.70 -0.19
C PHE A 1060 39.26 -44.71 0.54
N THR A 1061 39.78 -45.88 0.88
CA THR A 1061 39.04 -46.83 1.70
C THR A 1061 39.73 -47.18 3.00
N ASN A 1062 41.03 -47.43 2.98
CA ASN A 1062 41.70 -47.83 4.20
C ASN A 1062 42.22 -46.64 4.99
N VAL A 1063 42.83 -45.67 4.33
CA VAL A 1063 43.39 -44.50 5.00
C VAL A 1063 42.29 -43.53 5.41
N LEU A 1064 41.59 -42.95 4.43
CA LEU A 1064 40.59 -41.93 4.73
C LEU A 1064 39.24 -42.51 5.08
N ARG A 1065 39.01 -43.80 4.81
CA ARG A 1065 37.76 -44.50 5.13
C ARG A 1065 36.54 -43.86 4.48
N LEU A 1066 36.69 -43.43 3.23
CA LEU A 1066 35.63 -42.70 2.56
C LEU A 1066 34.60 -43.61 1.93
N GLN A 1067 34.99 -44.84 1.59
CA GLN A 1067 34.12 -45.73 0.84
C GLN A 1067 32.96 -46.18 1.70
N LYS A 1068 31.75 -46.01 1.18
CA LYS A 1068 30.54 -46.37 1.90
C LYS A 1068 30.32 -47.87 1.83
N PHE A 1069 29.16 -48.33 2.24
CA PHE A 1069 28.90 -49.75 2.08
C PHE A 1069 28.53 -50.04 0.64
N LEU A 1070 27.45 -49.40 0.16
CA LEU A 1070 26.80 -49.78 -1.08
C LEU A 1070 27.68 -49.57 -2.29
N MET A 1071 28.60 -48.62 -2.23
CA MET A 1071 29.44 -48.34 -3.36
C MET A 1071 30.58 -49.35 -3.44
N LEU A 1072 31.11 -49.50 -4.64
CA LEU A 1072 32.16 -50.45 -4.95
C LEU A 1072 33.31 -49.70 -5.59
N PHE A 1073 34.45 -50.36 -5.64
CA PHE A 1073 35.54 -49.89 -6.46
C PHE A 1073 35.43 -50.59 -7.80
N ASP A 1074 35.25 -49.82 -8.86
CA ASP A 1074 35.14 -50.35 -10.21
C ASP A 1074 36.32 -49.81 -11.00
N PRO A 1075 37.37 -50.62 -11.21
CA PRO A 1075 38.60 -50.10 -11.82
C PRO A 1075 38.44 -49.71 -13.28
N ASP A 1076 37.45 -50.26 -13.97
CA ASP A 1076 37.13 -49.89 -15.34
C ASP A 1076 35.72 -49.31 -15.36
N SER A 1077 35.63 -48.03 -15.01
CA SER A 1077 34.36 -47.37 -14.72
C SER A 1077 34.14 -46.20 -15.67
N THR A 1078 32.86 -45.94 -15.97
CA THR A 1078 32.50 -45.01 -17.03
C THR A 1078 32.66 -43.56 -16.59
N GLU A 1079 31.95 -43.17 -15.54
CA GLU A 1079 31.89 -41.79 -15.09
C GLU A 1079 32.50 -41.66 -13.71
N ASN A 1080 33.09 -40.48 -13.45
CA ASN A 1080 33.84 -40.15 -12.23
C ASN A 1080 34.99 -41.14 -12.04
N CYS A 1081 35.95 -41.05 -12.96
CA CYS A 1081 36.96 -42.08 -13.13
C CYS A 1081 38.35 -41.50 -13.29
N VAL A 1082 38.80 -40.66 -12.37
CA VAL A 1082 40.14 -40.11 -12.47
C VAL A 1082 41.05 -40.82 -11.46
N PHE A 1083 42.35 -40.88 -11.76
CA PHE A 1083 43.32 -41.50 -10.85
C PHE A 1083 43.96 -40.51 -9.89
N ILE A 1084 44.27 -41.00 -8.69
CA ILE A 1084 45.07 -40.28 -7.70
C ILE A 1084 46.32 -41.10 -7.42
N VAL A 1085 47.49 -40.48 -7.56
CA VAL A 1085 48.78 -41.17 -7.43
C VAL A 1085 49.67 -40.45 -6.43
N PRO A 1086 50.43 -41.18 -5.60
CA PRO A 1086 51.24 -40.51 -4.58
C PRO A 1086 52.53 -39.96 -5.17
N THR A 1087 52.75 -38.67 -4.99
CA THR A 1087 53.87 -38.01 -5.63
C THR A 1087 54.96 -37.75 -4.61
N VAL A 1088 56.20 -37.95 -5.05
CA VAL A 1088 57.38 -37.70 -4.23
C VAL A 1088 58.16 -36.58 -4.88
N LYS A 1089 58.67 -35.66 -4.07
CA LYS A 1089 59.54 -34.62 -4.56
C LYS A 1089 60.87 -35.21 -4.99
N ALA A 1090 61.43 -34.65 -6.04
CA ALA A 1090 62.75 -35.02 -6.54
C ALA A 1090 63.83 -34.31 -5.72
N PRO A 1091 65.03 -34.91 -5.63
CA PRO A 1091 66.12 -34.20 -4.94
C PRO A 1091 66.56 -32.93 -5.64
N ALA A 1092 66.69 -32.96 -6.97
CA ALA A 1092 67.07 -31.76 -7.71
C ALA A 1092 65.93 -30.75 -7.74
N GLY A 1093 64.71 -31.20 -8.07
CA GLY A 1093 63.58 -30.31 -8.19
C GLY A 1093 62.38 -30.96 -8.84
N GLY A 1094 61.17 -30.54 -8.44
CA GLY A 1094 59.96 -31.10 -9.00
C GLY A 1094 59.54 -32.38 -8.30
N LYS A 1095 58.46 -32.95 -8.81
CA LYS A 1095 57.92 -34.20 -8.28
C LYS A 1095 57.83 -35.23 -9.41
N HIS A 1096 57.49 -36.46 -9.01
CA HIS A 1096 56.97 -37.46 -9.91
C HIS A 1096 56.13 -38.43 -9.10
N ILE A 1097 55.65 -39.49 -9.72
CA ILE A 1097 54.90 -40.49 -8.99
C ILE A 1097 55.85 -41.36 -8.18
N ASP A 1098 55.49 -41.64 -6.94
CA ASP A 1098 56.33 -42.46 -6.08
C ASP A 1098 56.08 -43.92 -6.45
N TRP A 1099 56.94 -44.44 -7.33
CA TRP A 1099 56.81 -45.83 -7.73
C TRP A 1099 57.26 -46.78 -6.63
N GLN A 1100 58.27 -46.38 -5.85
CA GLN A 1100 58.69 -47.18 -4.72
C GLN A 1100 57.60 -47.26 -3.66
N PHE A 1101 56.93 -46.14 -3.40
CA PHE A 1101 55.84 -46.15 -2.44
C PHE A 1101 54.62 -46.89 -2.98
N LEU A 1102 54.39 -46.83 -4.29
CA LEU A 1102 53.33 -47.62 -4.88
C LEU A 1102 53.60 -49.11 -4.75
N GLU A 1103 54.85 -49.51 -4.92
CA GLU A 1103 55.23 -50.90 -4.70
C GLU A 1103 55.11 -51.29 -3.23
N LEU A 1104 55.43 -50.35 -2.33
CA LEU A 1104 55.26 -50.60 -0.89
C LEU A 1104 53.79 -50.78 -0.53
N ILE A 1105 52.91 -49.95 -1.11
CA ILE A 1105 51.49 -50.06 -0.87
C ILE A 1105 50.94 -51.36 -1.44
N GLN A 1106 51.48 -51.80 -2.59
CA GLN A 1106 51.10 -53.10 -3.12
C GLN A 1106 51.55 -54.23 -2.21
N ALA A 1107 52.77 -54.15 -1.68
CA ALA A 1107 53.28 -55.18 -0.79
C ALA A 1107 52.57 -55.13 0.56
N ASN A 1108 52.61 -53.99 1.24
CA ASN A 1108 51.89 -53.80 2.48
C ASN A 1108 50.42 -53.62 2.14
N GLY A 1109 49.71 -54.74 2.02
CA GLY A 1109 48.32 -54.69 1.63
C GLY A 1109 47.42 -54.34 2.78
N ASN A 1110 46.37 -55.13 2.99
CA ASN A 1110 45.50 -54.99 4.17
C ASN A 1110 46.11 -55.72 5.36
N THR A 1111 47.33 -55.30 5.72
CA THR A 1111 48.12 -55.96 6.74
C THR A 1111 47.59 -55.53 8.10
N MET A 1112 46.82 -56.42 8.72
CA MET A 1112 46.42 -56.25 10.12
C MET A 1112 47.69 -56.22 10.97
N PRO A 1113 47.84 -55.25 11.88
CA PRO A 1113 49.15 -54.99 12.50
C PRO A 1113 49.58 -56.14 13.39
N ARG A 1114 50.82 -56.58 13.18
CA ARG A 1114 51.33 -57.76 13.87
C ARG A 1114 51.50 -57.45 15.36
N ALA A 1115 50.81 -58.20 16.19
CA ALA A 1115 51.03 -58.11 17.64
C ALA A 1115 52.41 -58.71 17.92
N VAL A 1116 53.38 -57.83 18.07
CA VAL A 1116 54.80 -58.23 18.18
C VAL A 1116 54.99 -58.99 19.49
N PRO A 1117 55.55 -60.19 19.46
CA PRO A 1117 55.94 -60.86 20.70
C PRO A 1117 57.21 -60.24 21.27
N ASP A 1118 57.56 -60.66 22.49
CA ASP A 1118 58.58 -59.99 23.27
C ASP A 1118 59.99 -60.18 22.73
N GLU A 1119 60.20 -61.12 21.82
CA GLU A 1119 61.55 -61.37 21.29
C GLU A 1119 62.06 -60.19 20.49
N GLU A 1120 61.23 -59.63 19.60
CA GLU A 1120 61.66 -58.47 18.83
C GLU A 1120 61.70 -57.21 19.70
N ARG A 1121 60.85 -57.16 20.73
CA ARG A 1121 60.86 -56.01 21.62
C ARG A 1121 62.12 -55.97 22.47
N GLN A 1122 62.59 -57.13 22.93
CA GLN A 1122 63.91 -57.20 23.55
C GLN A 1122 65.01 -56.99 22.54
N ALA A 1123 64.80 -57.44 21.29
CA ALA A 1123 65.88 -57.56 20.33
C ALA A 1123 66.29 -56.23 19.72
N GLN A 1124 65.34 -55.34 19.43
CA GLN A 1124 65.70 -54.12 18.74
C GLN A 1124 65.21 -52.89 19.51
N PRO A 1125 66.02 -51.83 19.56
CA PRO A 1125 65.71 -50.68 20.43
C PRO A 1125 64.87 -49.59 19.77
N PHE A 1126 64.67 -48.50 20.51
CA PHE A 1126 63.99 -47.33 19.98
C PHE A 1126 64.81 -46.67 18.88
N ASP A 1127 64.12 -46.10 17.90
CA ASP A 1127 64.72 -45.34 16.82
C ASP A 1127 64.08 -43.97 16.79
N PRO A 1128 64.86 -42.88 16.73
CA PRO A 1128 64.23 -41.57 16.51
C PRO A 1128 63.68 -41.38 15.10
N GLN A 1129 64.38 -41.89 14.09
CA GLN A 1129 63.98 -41.68 12.70
C GLN A 1129 62.78 -42.51 12.29
N ARG A 1130 62.44 -43.56 13.04
CA ARG A 1130 61.24 -44.36 12.76
C ARG A 1130 59.98 -43.73 13.33
N PHE A 1131 60.08 -42.65 14.10
CA PHE A 1131 58.92 -42.04 14.70
C PHE A 1131 58.85 -40.54 14.52
N GLN A 1132 59.97 -39.88 14.23
CA GLN A 1132 59.92 -38.51 13.76
C GLN A 1132 59.23 -38.49 12.40
N ASP A 1133 58.14 -37.71 12.31
CA ASP A 1133 57.28 -37.58 11.14
C ASP A 1133 56.68 -38.93 10.74
N ALA A 1134 55.83 -39.44 11.62
CA ALA A 1134 55.23 -40.75 11.43
C ALA A 1134 53.80 -40.73 11.91
N VAL A 1135 53.09 -41.84 11.66
CA VAL A 1135 51.74 -42.07 12.18
C VAL A 1135 51.78 -43.39 12.90
N VAL A 1136 51.40 -43.39 14.17
CA VAL A 1136 51.86 -44.38 15.13
C VAL A 1136 50.73 -45.14 15.81
N MET A 1137 49.72 -45.51 15.06
CA MET A 1137 48.64 -46.40 15.47
C MET A 1137 49.08 -47.58 16.35
N PRO A 1138 48.36 -47.88 17.42
CA PRO A 1138 48.76 -48.96 18.32
C PRO A 1138 48.08 -50.29 17.99
N TRP A 1139 48.71 -51.38 18.41
CA TRP A 1139 48.31 -52.71 17.97
C TRP A 1139 47.64 -53.57 19.02
N TYR A 1140 47.71 -53.19 20.29
CA TYR A 1140 47.14 -53.99 21.37
C TYR A 1140 45.64 -53.83 21.51
N ARG A 1141 45.05 -52.90 20.79
CA ARG A 1141 43.63 -52.55 20.83
C ARG A 1141 43.35 -51.77 19.55
N ASN A 1142 42.08 -51.81 19.12
CA ASN A 1142 41.66 -51.55 17.73
C ASN A 1142 42.44 -52.44 16.76
N GLN A 1143 42.19 -53.74 16.85
CA GLN A 1143 42.92 -54.68 16.01
C GLN A 1143 42.47 -54.63 14.56
N ASP A 1144 41.18 -54.39 14.31
CA ASP A 1144 40.66 -54.47 12.95
C ASP A 1144 40.29 -53.12 12.34
N GLN A 1145 39.85 -52.16 13.13
CA GLN A 1145 39.54 -50.80 12.66
C GLN A 1145 40.46 -49.90 13.48
N PRO A 1146 41.67 -49.66 12.99
CA PRO A 1146 42.68 -49.02 13.83
C PRO A 1146 42.43 -47.54 14.00
N GLN A 1147 43.11 -46.97 14.99
CA GLN A 1147 43.03 -45.56 15.33
C GLN A 1147 44.40 -44.96 15.10
N TYR A 1148 44.46 -43.91 14.31
CA TYR A 1148 45.75 -43.39 13.88
C TYR A 1148 46.03 -42.07 14.57
N PHE A 1149 47.22 -41.96 15.15
CA PHE A 1149 47.66 -40.73 15.79
C PHE A 1149 48.81 -40.14 15.00
N TYR A 1150 48.97 -38.84 15.07
CA TYR A 1150 50.14 -38.19 14.49
C TYR A 1150 51.31 -38.38 15.45
N VAL A 1151 52.41 -37.65 15.26
CA VAL A 1151 53.45 -37.53 16.27
C VAL A 1151 53.74 -36.05 16.40
N ALA A 1152 53.36 -35.45 17.52
CA ALA A 1152 53.77 -34.08 17.77
C ALA A 1152 55.25 -34.01 18.11
N GLU A 1153 55.64 -34.69 19.19
CA GLU A 1153 57.05 -34.64 19.60
C GLU A 1153 57.49 -36.00 20.11
N ILE A 1154 58.78 -36.26 19.95
CA ILE A 1154 59.45 -37.37 20.63
C ILE A 1154 59.97 -36.81 21.95
N CYS A 1155 59.25 -37.07 23.04
CA CYS A 1155 59.58 -36.43 24.31
C CYS A 1155 60.60 -37.28 25.07
N PRO A 1156 61.80 -36.74 25.35
CA PRO A 1156 62.87 -37.57 25.93
C PRO A 1156 62.82 -37.60 27.45
N HIS A 1157 62.26 -36.56 28.07
CA HIS A 1157 62.27 -36.49 29.52
C HIS A 1157 61.36 -37.54 30.15
N LEU A 1158 60.31 -37.94 29.44
CA LEU A 1158 59.50 -39.05 29.89
C LEU A 1158 60.17 -40.37 29.55
N SER A 1159 59.58 -41.45 30.06
CA SER A 1159 60.09 -42.81 29.95
C SER A 1159 58.97 -43.74 30.39
N PRO A 1160 59.06 -45.06 30.17
CA PRO A 1160 58.09 -45.96 30.81
C PRO A 1160 58.20 -46.01 32.33
N LEU A 1161 59.29 -45.50 32.91
CA LEU A 1161 59.42 -45.35 34.34
C LEU A 1161 59.13 -43.94 34.83
N SER A 1162 58.96 -42.97 33.94
CA SER A 1162 58.49 -41.65 34.33
C SER A 1162 57.03 -41.74 34.78
N CYS A 1163 56.67 -40.90 35.73
CA CYS A 1163 55.51 -41.16 36.59
C CYS A 1163 54.19 -41.10 35.84
N PHE A 1164 53.30 -42.01 36.21
CA PHE A 1164 51.94 -42.04 35.69
C PHE A 1164 51.19 -40.77 36.12
N PRO A 1165 50.44 -40.14 35.22
CA PRO A 1165 49.82 -38.85 35.56
C PRO A 1165 48.67 -38.96 36.54
N GLY A 1166 48.06 -40.13 36.65
CA GLY A 1166 46.98 -40.37 37.58
C GLY A 1166 47.46 -41.02 38.86
N ASP A 1167 46.55 -41.75 39.51
CA ASP A 1167 46.83 -42.36 40.79
C ASP A 1167 46.26 -43.76 40.96
N ASN A 1168 45.62 -44.33 39.94
CA ASN A 1168 45.18 -45.71 40.00
C ASN A 1168 46.27 -46.69 39.59
N TYR A 1169 47.38 -46.20 39.04
CA TYR A 1169 48.52 -47.04 38.71
C TYR A 1169 49.79 -46.30 39.08
N ARG A 1170 50.88 -47.06 39.17
CA ARG A 1170 52.24 -46.50 39.18
C ARG A 1170 52.61 -46.26 37.71
N THR A 1171 53.87 -45.96 37.40
CA THR A 1171 54.31 -45.40 36.13
C THR A 1171 54.06 -46.25 34.89
N PHE A 1172 54.43 -45.68 33.74
CA PHE A 1172 53.99 -46.17 32.43
C PHE A 1172 54.44 -47.59 32.10
N LYS A 1173 55.51 -48.10 32.70
CA LYS A 1173 55.80 -49.52 32.48
C LYS A 1173 54.82 -50.42 33.21
N HIS A 1174 54.11 -49.90 34.20
CA HIS A 1174 53.01 -50.65 34.78
C HIS A 1174 51.78 -50.48 33.89
N TYR A 1175 50.70 -51.14 34.28
CA TYR A 1175 49.35 -51.09 33.70
C TYR A 1175 49.28 -51.49 32.23
N TYR A 1176 50.41 -51.80 31.60
CA TYR A 1176 50.40 -52.60 30.39
C TYR A 1176 50.43 -54.07 30.73
N LEU A 1177 50.94 -54.42 31.91
CA LEU A 1177 50.78 -55.76 32.46
C LEU A 1177 49.38 -55.95 33.03
N VAL A 1178 48.83 -54.91 33.63
CA VAL A 1178 47.60 -55.04 34.39
C VAL A 1178 46.38 -54.91 33.50
N LYS A 1179 46.30 -53.83 32.72
CA LYS A 1179 45.16 -53.64 31.83
C LYS A 1179 45.22 -54.59 30.65
N TYR A 1180 46.40 -54.68 30.00
CA TYR A 1180 46.55 -55.48 28.78
C TYR A 1180 47.11 -56.87 29.07
N GLY A 1181 48.31 -56.94 29.63
CA GLY A 1181 49.12 -58.14 29.63
C GLY A 1181 50.46 -57.97 28.93
N LEU A 1182 50.78 -56.78 28.44
CA LEU A 1182 52.03 -56.54 27.75
C LEU A 1182 53.12 -56.17 28.74
N THR A 1183 54.37 -56.33 28.32
CA THR A 1183 55.51 -55.93 29.13
C THR A 1183 56.42 -55.03 28.32
N ILE A 1184 56.74 -53.86 28.87
CA ILE A 1184 57.71 -52.98 28.24
C ILE A 1184 59.09 -53.56 28.46
N GLN A 1185 59.80 -53.86 27.38
CA GLN A 1185 61.14 -54.43 27.54
C GLN A 1185 62.18 -53.33 27.74
N ASN A 1186 62.33 -52.45 26.76
CA ASN A 1186 63.21 -51.30 26.91
C ASN A 1186 62.51 -50.29 27.82
N THR A 1187 62.85 -50.28 29.10
CA THR A 1187 62.32 -49.30 30.04
C THR A 1187 63.16 -48.05 30.10
N SER A 1188 64.01 -47.81 29.11
CA SER A 1188 64.85 -46.63 28.99
C SER A 1188 64.68 -46.03 27.60
N GLN A 1189 63.43 -45.87 27.18
CA GLN A 1189 63.11 -45.34 25.87
C GLN A 1189 62.33 -44.05 26.01
N PRO A 1190 62.38 -43.17 25.00
CA PRO A 1190 61.56 -41.95 25.03
C PRO A 1190 60.08 -42.23 24.89
N LEU A 1191 59.27 -41.20 24.84
CA LEU A 1191 57.85 -41.42 24.70
C LEU A 1191 57.30 -40.50 23.61
N LEU A 1192 56.02 -40.65 23.32
CA LEU A 1192 55.41 -40.10 22.11
C LEU A 1192 54.32 -39.12 22.46
N ASP A 1193 54.57 -37.84 22.21
CA ASP A 1193 53.54 -36.81 22.28
C ASP A 1193 52.79 -36.85 20.96
N VAL A 1194 51.58 -37.40 20.98
CA VAL A 1194 50.79 -37.64 19.78
C VAL A 1194 49.46 -36.90 19.87
N ASP A 1195 48.96 -36.48 18.71
CA ASP A 1195 47.64 -35.90 18.57
C ASP A 1195 46.95 -36.59 17.41
N HIS A 1196 45.62 -36.70 17.49
CA HIS A 1196 44.89 -37.49 16.51
C HIS A 1196 44.94 -36.87 15.12
N THR A 1197 44.77 -37.73 14.13
CA THR A 1197 44.66 -37.29 12.75
C THR A 1197 43.26 -36.73 12.51
N SER A 1198 43.12 -35.98 11.42
CA SER A 1198 41.89 -35.25 11.16
C SER A 1198 40.76 -36.21 10.83
N ALA A 1199 39.58 -35.88 11.30
CA ALA A 1199 38.44 -36.77 11.11
C ALA A 1199 37.16 -36.02 10.76
N ARG A 1200 37.25 -34.73 10.50
CA ARG A 1200 36.16 -33.95 9.95
C ARG A 1200 36.76 -33.24 8.75
N LEU A 1201 36.60 -33.83 7.58
CA LEU A 1201 37.46 -33.51 6.44
C LEU A 1201 36.94 -32.36 5.61
N ASN A 1202 35.91 -31.66 6.07
CA ASN A 1202 35.40 -30.45 5.41
C ASN A 1202 36.28 -29.28 5.84
N PHE A 1203 37.36 -29.07 5.11
CA PHE A 1203 38.27 -27.97 5.41
C PHE A 1203 38.00 -26.77 4.54
N LEU A 1204 36.75 -26.51 4.19
CA LEU A 1204 36.43 -25.40 3.30
C LEU A 1204 36.11 -24.11 4.05
N THR A 1205 35.51 -24.21 5.23
CA THR A 1205 35.24 -23.10 6.13
C THR A 1205 36.27 -23.06 7.25
N PRO A 1206 36.75 -21.91 7.70
CA PRO A 1206 37.61 -21.88 8.88
C PRO A 1206 36.77 -22.02 10.13
N ARG A 1207 37.45 -22.35 11.22
CA ARG A 1207 36.78 -22.61 12.49
C ARG A 1207 37.04 -21.52 13.53
N TYR A 1208 37.89 -20.55 13.23
CA TYR A 1208 38.25 -19.48 14.14
C TYR A 1208 37.80 -18.10 13.69
N VAL A 1209 37.23 -17.97 12.50
CA VAL A 1209 36.58 -16.75 12.06
C VAL A 1209 35.27 -17.15 11.42
N ASN A 1210 34.16 -16.59 11.89
CA ASN A 1210 32.88 -16.92 11.30
C ASN A 1210 32.53 -15.96 10.17
N ARG A 1211 31.28 -16.02 9.72
CA ARG A 1211 30.92 -15.57 8.38
C ARG A 1211 30.99 -14.06 8.23
N LYS A 1212 30.69 -13.29 9.27
CA LYS A 1212 30.63 -11.85 9.10
C LYS A 1212 31.97 -11.16 9.39
N GLY A 1213 33.08 -11.91 9.39
CA GLY A 1213 34.37 -11.38 9.78
C GLY A 1213 34.65 -11.41 11.26
N VAL A 1214 33.65 -11.72 12.09
CA VAL A 1214 33.81 -11.79 13.54
C VAL A 1214 34.62 -13.04 13.87
N ALA A 1215 35.59 -12.89 14.78
CA ALA A 1215 36.47 -13.99 15.16
C ALA A 1215 35.96 -14.61 16.46
N LEU A 1216 35.70 -15.91 16.43
CA LEU A 1216 35.02 -16.60 17.52
C LEU A 1216 35.96 -16.77 18.71
N PRO A 1217 35.41 -16.99 19.92
CA PRO A 1217 36.26 -17.05 21.12
C PRO A 1217 37.21 -18.25 21.10
N THR A 1218 38.50 -17.97 21.31
CA THR A 1218 39.52 -18.99 21.45
C THR A 1218 39.57 -19.46 22.90
N SER A 1219 40.63 -20.19 23.24
CA SER A 1219 40.61 -21.10 24.38
C SER A 1219 41.35 -20.56 25.60
N SER A 1220 41.19 -19.27 25.93
CA SER A 1220 41.63 -18.65 27.18
C SER A 1220 43.12 -18.77 27.42
N GLU A 1221 43.56 -18.68 28.67
CA GLU A 1221 44.93 -18.98 29.04
C GLU A 1221 45.07 -20.15 29.98
N GLU A 1222 43.97 -20.60 30.60
CA GLU A 1222 44.04 -21.80 31.42
C GLU A 1222 44.23 -23.03 30.55
N THR A 1223 43.25 -23.31 29.69
CA THR A 1223 43.18 -24.55 28.92
C THR A 1223 44.32 -24.67 27.91
N LYS A 1224 45.01 -23.57 27.62
CA LYS A 1224 46.36 -23.53 27.07
C LYS A 1224 47.34 -23.93 28.16
N ARG A 1225 48.45 -23.21 28.30
CA ARG A 1225 49.67 -23.52 29.06
C ARG A 1225 49.47 -24.11 30.48
N ALA A 1226 48.24 -24.13 31.01
CA ALA A 1226 47.80 -25.13 31.98
C ALA A 1226 47.72 -26.47 31.26
N LYS A 1227 46.61 -27.20 31.41
CA LYS A 1227 46.38 -28.54 30.84
C LYS A 1227 46.98 -28.91 29.47
N ARG A 1228 47.39 -27.93 28.64
CA ARG A 1228 48.40 -28.17 27.61
C ARG A 1228 49.56 -29.03 28.11
N GLU A 1229 50.12 -28.68 29.26
CA GLU A 1229 51.32 -29.32 29.77
C GLU A 1229 51.10 -30.17 31.01
N ASN A 1230 49.89 -30.19 31.55
CA ASN A 1230 49.53 -31.19 32.54
C ASN A 1230 49.50 -32.55 31.86
N LEU A 1231 50.11 -33.55 32.49
CA LEU A 1231 50.26 -34.85 31.84
C LEU A 1231 48.96 -35.66 31.83
N GLU A 1232 47.91 -35.19 32.50
CA GLU A 1232 46.61 -35.83 32.35
C GLU A 1232 46.04 -35.60 30.96
N GLN A 1233 46.13 -34.38 30.45
CA GLN A 1233 45.47 -34.01 29.21
C GLN A 1233 46.40 -34.10 28.01
N LYS A 1234 47.25 -35.12 27.98
CA LYS A 1234 48.07 -35.45 26.83
C LYS A 1234 47.85 -36.91 26.47
N GLN A 1235 48.14 -37.24 25.20
CA GLN A 1235 48.23 -38.61 24.73
C GLN A 1235 49.70 -38.90 24.49
N ILE A 1236 50.26 -39.76 25.32
CA ILE A 1236 51.68 -40.10 25.30
C ILE A 1236 51.75 -41.60 25.07
N LEU A 1237 52.38 -42.04 23.98
CA LEU A 1237 52.42 -43.46 23.65
C LEU A 1237 53.83 -43.99 23.76
N VAL A 1238 53.94 -45.32 23.85
CA VAL A 1238 55.20 -46.02 24.02
C VAL A 1238 55.63 -46.55 22.66
N PRO A 1239 56.82 -46.18 22.15
CA PRO A 1239 57.19 -46.49 20.76
C PRO A 1239 57.29 -47.96 20.41
N GLU A 1240 57.51 -48.85 21.37
CA GLU A 1240 57.47 -50.27 21.05
C GLU A 1240 56.06 -50.83 21.10
N LEU A 1241 55.08 -50.01 21.44
CA LEU A 1241 53.69 -50.43 21.47
C LEU A 1241 52.90 -49.80 20.34
N CYS A 1242 53.57 -49.47 19.24
CA CYS A 1242 52.94 -48.80 18.12
C CYS A 1242 53.57 -49.30 16.82
N THR A 1243 52.75 -49.41 15.78
CA THR A 1243 53.22 -49.76 14.44
C THR A 1243 53.19 -48.53 13.56
N VAL A 1244 54.28 -48.29 12.83
CA VAL A 1244 54.35 -47.14 11.95
C VAL A 1244 53.59 -47.46 10.67
N HIS A 1245 52.47 -46.78 10.46
CA HIS A 1245 51.67 -46.94 9.25
C HIS A 1245 52.47 -46.53 8.03
N PRO A 1246 52.33 -47.23 6.89
CA PRO A 1246 53.14 -46.90 5.71
C PRO A 1246 52.92 -45.51 5.16
N PHE A 1247 51.71 -45.00 5.29
CA PHE A 1247 51.45 -43.59 5.01
C PHE A 1247 52.13 -42.77 6.09
N PRO A 1248 53.06 -41.88 5.76
CA PRO A 1248 53.65 -41.05 6.82
C PRO A 1248 52.70 -39.98 7.32
N ALA A 1249 53.17 -39.08 8.17
CA ALA A 1249 52.29 -38.05 8.68
C ALA A 1249 52.06 -36.94 7.67
N SER A 1250 53.09 -36.55 6.92
CA SER A 1250 52.94 -35.47 5.94
C SER A 1250 52.01 -35.86 4.79
N LEU A 1251 52.20 -37.07 4.29
CA LEU A 1251 51.25 -37.64 3.34
C LEU A 1251 49.88 -37.78 3.95
N TRP A 1252 49.80 -37.97 5.27
CA TRP A 1252 48.48 -37.97 5.89
C TRP A 1252 47.86 -36.57 5.96
N ARG A 1253 48.68 -35.52 6.03
CA ARG A 1253 48.15 -34.16 5.98
C ARG A 1253 47.49 -33.89 4.63
N THR A 1254 48.25 -34.12 3.55
CA THR A 1254 47.67 -33.86 2.24
C THR A 1254 46.56 -34.86 1.91
N ALA A 1255 46.69 -36.09 2.37
CA ALA A 1255 45.69 -37.12 2.11
C ALA A 1255 44.38 -36.81 2.79
N VAL A 1256 44.43 -36.27 4.00
CA VAL A 1256 43.17 -35.94 4.64
C VAL A 1256 42.59 -34.66 4.05
N CYS A 1257 43.42 -33.82 3.42
CA CYS A 1257 42.83 -32.66 2.75
C CYS A 1257 42.21 -33.01 1.40
N LEU A 1258 42.53 -34.17 0.80
CA LEU A 1258 42.05 -34.52 -0.55
C LEU A 1258 40.55 -34.40 -0.83
N PRO A 1259 39.61 -34.91 0.00
CA PRO A 1259 38.20 -34.90 -0.42
C PRO A 1259 37.61 -33.53 -0.73
N CYS A 1260 37.93 -32.51 0.06
CA CYS A 1260 37.42 -31.19 -0.22
C CYS A 1260 38.14 -30.56 -1.40
N ILE A 1261 39.38 -30.97 -1.68
CA ILE A 1261 40.07 -30.52 -2.88
C ILE A 1261 39.32 -31.02 -4.11
N LEU A 1262 38.94 -32.29 -4.11
CA LEU A 1262 38.23 -32.85 -5.25
C LEU A 1262 36.85 -32.25 -5.40
N TYR A 1263 36.19 -31.96 -4.28
CA TYR A 1263 34.88 -31.31 -4.32
C TYR A 1263 34.97 -29.91 -4.91
N ARG A 1264 35.95 -29.13 -4.51
CA ARG A 1264 35.99 -27.77 -5.01
C ARG A 1264 36.47 -27.70 -6.46
N ILE A 1265 37.31 -28.66 -6.88
CA ILE A 1265 37.66 -28.74 -8.30
C ILE A 1265 36.47 -29.15 -9.14
N ASN A 1266 35.65 -30.08 -8.67
CA ASN A 1266 34.44 -30.42 -9.42
C ASN A 1266 33.46 -29.26 -9.47
N GLY A 1267 33.33 -28.51 -8.38
CA GLY A 1267 32.45 -27.34 -8.38
C GLY A 1267 32.89 -26.25 -9.34
N LEU A 1268 34.18 -25.92 -9.32
CA LEU A 1268 34.71 -24.95 -10.28
C LEU A 1268 34.63 -25.45 -11.70
N LEU A 1269 34.62 -26.78 -11.89
CA LEU A 1269 34.46 -27.34 -13.22
C LEU A 1269 33.01 -27.27 -13.70
N LEU A 1270 32.04 -27.50 -12.82
CA LEU A 1270 30.65 -27.31 -13.19
C LEU A 1270 30.36 -25.86 -13.56
N ALA A 1271 30.99 -24.93 -12.84
CA ALA A 1271 30.85 -23.52 -13.20
C ALA A 1271 31.52 -23.21 -14.53
N ASP A 1272 32.69 -23.80 -14.81
CA ASP A 1272 33.28 -23.59 -16.12
C ASP A 1272 32.51 -24.27 -17.23
N ASP A 1273 31.76 -25.31 -16.90
CA ASP A 1273 30.85 -25.93 -17.86
C ASP A 1273 29.73 -24.98 -18.24
N ILE A 1274 29.15 -24.28 -17.26
CA ILE A 1274 28.14 -23.25 -17.54
C ILE A 1274 28.73 -22.16 -18.42
N ARG A 1275 29.96 -21.74 -18.11
CA ARG A 1275 30.61 -20.69 -18.90
C ARG A 1275 30.83 -21.09 -20.35
N LYS A 1276 31.41 -22.28 -20.58
CA LYS A 1276 31.61 -22.78 -21.93
C LYS A 1276 30.31 -23.06 -22.64
N GLN A 1277 29.27 -23.47 -21.90
CA GLN A 1277 27.96 -23.74 -22.47
C GLN A 1277 27.35 -22.49 -23.09
N VAL A 1278 27.33 -21.41 -22.32
CA VAL A 1278 26.73 -20.19 -22.85
C VAL A 1278 27.66 -19.54 -23.88
N SER A 1279 28.98 -19.75 -23.77
CA SER A 1279 29.86 -19.26 -24.81
C SER A 1279 29.77 -20.07 -26.09
N ALA A 1280 29.31 -21.31 -26.00
CA ALA A 1280 29.00 -22.06 -27.19
C ALA A 1280 27.72 -21.54 -27.83
N ASP A 1281 26.70 -21.29 -27.01
CA ASP A 1281 25.39 -20.95 -27.58
C ASP A 1281 25.37 -19.53 -28.15
N LEU A 1282 25.65 -18.52 -27.33
CA LEU A 1282 25.40 -17.15 -27.77
C LEU A 1282 26.66 -16.29 -27.82
N GLY A 1283 27.81 -16.89 -28.11
CA GLY A 1283 29.03 -16.12 -28.30
C GLY A 1283 29.53 -15.45 -27.05
N LEU A 1284 29.04 -15.86 -25.88
CA LEU A 1284 29.18 -15.13 -24.63
C LEU A 1284 30.25 -15.80 -23.78
N GLY A 1285 31.49 -15.44 -24.06
CA GLY A 1285 32.61 -15.99 -23.32
C GLY A 1285 33.66 -16.59 -24.21
N ARG A 1286 34.36 -17.59 -23.69
CA ARG A 1286 35.36 -18.33 -24.43
C ARG A 1286 35.19 -19.80 -24.12
N GLN A 1287 35.70 -20.63 -25.03
CA GLN A 1287 35.56 -22.07 -24.86
C GLN A 1287 36.73 -22.67 -24.08
N GLN A 1288 37.95 -22.21 -24.32
CA GLN A 1288 39.11 -22.61 -23.52
C GLN A 1288 40.22 -21.59 -23.71
N ILE A 1289 41.22 -21.67 -22.83
CA ILE A 1289 42.38 -20.79 -22.89
C ILE A 1289 43.64 -21.64 -22.81
N PHE A 1294 47.22 -16.95 -18.27
CA PHE A 1294 46.00 -16.36 -17.72
C PHE A 1294 45.35 -17.29 -16.70
N GLU A 1295 45.13 -16.76 -15.51
CA GLU A 1295 44.54 -17.52 -14.43
C GLU A 1295 43.34 -16.78 -13.86
N TRP A 1296 42.34 -17.55 -13.45
CA TRP A 1296 41.11 -16.97 -12.93
C TRP A 1296 41.37 -16.29 -11.58
N PRO A 1297 40.54 -15.31 -11.22
CA PRO A 1297 40.62 -14.75 -9.87
C PRO A 1297 40.32 -15.80 -8.80
N MET A 1298 40.97 -15.63 -7.65
CA MET A 1298 40.97 -16.64 -6.62
C MET A 1298 39.61 -16.70 -5.92
N LEU A 1299 39.33 -17.85 -5.33
CA LEU A 1299 38.07 -18.06 -4.65
C LEU A 1299 38.24 -17.64 -3.20
N ASP A 1300 37.65 -16.50 -2.84
CA ASP A 1300 37.77 -15.94 -1.51
C ASP A 1300 36.39 -15.61 -0.98
N PHE A 1301 36.28 -15.57 0.35
CA PHE A 1301 34.98 -15.50 0.99
C PHE A 1301 34.59 -14.07 1.37
N GLY A 1302 35.55 -13.16 1.48
CA GLY A 1302 35.32 -11.82 1.97
C GLY A 1302 35.99 -11.51 3.29
N TRP A 1303 36.54 -12.50 3.97
CA TRP A 1303 37.08 -12.32 5.31
C TRP A 1303 38.10 -13.40 5.65
N GLU A 1523 11.47 21.94 19.97
CA GLU A 1523 11.28 22.17 21.39
C GLU A 1523 9.86 22.71 21.62
N LYS A 1524 9.72 24.03 21.54
CA LYS A 1524 8.43 24.70 21.71
C LYS A 1524 8.06 25.57 20.54
N ARG A 1525 9.05 26.26 19.94
CA ARG A 1525 8.81 27.03 18.73
C ARG A 1525 8.43 26.12 17.57
N GLN A 1526 8.92 24.88 17.58
CA GLN A 1526 8.49 23.87 16.61
C GLN A 1526 6.99 23.66 16.65
N LYS A 1527 6.44 23.39 17.83
CA LYS A 1527 5.00 23.17 17.95
C LYS A 1527 4.21 24.45 17.72
N GLN A 1528 4.76 25.60 18.11
CA GLN A 1528 4.09 26.87 17.84
C GLN A 1528 3.94 27.13 16.34
N LEU A 1529 5.02 26.90 15.59
CA LEU A 1529 4.98 27.09 14.14
C LEU A 1529 4.06 26.06 13.49
N SER A 1530 4.09 24.81 13.97
CA SER A 1530 3.23 23.76 13.42
C SER A 1530 1.76 24.07 13.63
N ILE A 1531 1.40 24.56 14.82
CA ILE A 1531 0.03 24.96 15.11
C ILE A 1531 -0.37 26.13 14.21
N ILE A 1532 0.54 27.08 13.99
CA ILE A 1532 0.26 28.24 13.13
C ILE A 1532 -0.08 27.80 11.70
N GLN A 1533 0.75 26.90 11.16
CA GLN A 1533 0.57 26.47 9.77
C GLN A 1533 -0.72 25.66 9.60
N ALA A 1534 -0.94 24.68 10.49
CA ALA A 1534 -2.15 23.87 10.36
C ALA A 1534 -3.42 24.68 10.59
N THR A 1535 -3.40 25.63 11.55
CA THR A 1535 -4.59 26.45 11.79
C THR A 1535 -4.92 27.35 10.62
N ASN A 1536 -3.94 28.08 10.03
CA ASN A 1536 -4.37 29.01 8.98
C ASN A 1536 -4.79 28.27 7.69
N ALA A 1537 -4.14 27.13 7.42
CA ALA A 1537 -4.57 26.26 6.35
C ALA A 1537 -6.01 25.82 6.52
N ASN A 1538 -6.41 25.48 7.75
CA ASN A 1538 -7.82 25.19 7.93
C ASN A 1538 -8.68 26.45 8.06
N GLU A 1539 -8.07 27.61 8.30
CA GLU A 1539 -8.87 28.81 8.52
C GLU A 1539 -9.44 29.39 7.24
N ARG A 1540 -8.89 29.03 6.08
CA ARG A 1540 -9.61 29.36 4.83
C ARG A 1540 -11.01 28.76 4.82
N GLN A 1541 -11.12 27.48 5.19
CA GLN A 1541 -12.43 26.84 5.28
C GLN A 1541 -13.20 27.31 6.49
N TYR A 1542 -12.51 27.75 7.55
CA TYR A 1542 -13.25 28.37 8.67
C TYR A 1542 -13.85 29.71 8.27
N GLN A 1543 -13.16 30.48 7.41
CA GLN A 1543 -13.73 31.72 6.89
C GLN A 1543 -14.87 31.45 5.93
N GLN A 1544 -14.80 30.35 5.17
CA GLN A 1544 -15.98 29.92 4.42
C GLN A 1544 -17.14 29.58 5.35
N THR A 1545 -16.88 28.85 6.42
CA THR A 1545 -17.99 28.41 7.24
C THR A 1545 -18.45 29.50 8.21
N LYS A 1546 -17.78 30.66 8.23
CA LYS A 1546 -18.33 31.88 8.82
C LYS A 1546 -18.86 32.84 7.76
N ASN A 1547 -19.18 32.34 6.57
CA ASN A 1547 -19.69 33.16 5.47
C ASN A 1547 -20.87 32.46 4.78
N LEU A 1548 -21.86 32.06 5.58
CA LEU A 1548 -23.17 31.68 5.04
C LEU A 1548 -24.15 32.85 5.07
N LEU A 1549 -23.62 34.05 4.84
CA LEU A 1549 -24.28 35.33 5.01
C LEU A 1549 -24.41 36.05 3.67
N ILE A 1550 -24.80 37.29 3.74
CA ILE A 1550 -25.32 38.07 2.63
C ILE A 1550 -24.21 38.89 1.98
N GLY A 1551 -24.33 39.11 0.67
CA GLY A 1551 -23.28 39.71 -0.12
C GLY A 1551 -23.47 41.14 -0.58
N PHE A 1552 -23.91 41.34 -1.82
CA PHE A 1552 -23.86 42.65 -2.47
C PHE A 1552 -25.14 43.44 -2.28
N ASN A 1553 -24.96 44.76 -2.19
CA ASN A 1553 -26.04 45.73 -2.18
C ASN A 1553 -25.51 47.00 -2.85
N PHE A 1554 -26.43 47.80 -3.38
CA PHE A 1554 -26.05 49.04 -4.02
C PHE A 1554 -26.73 50.20 -3.31
N LYS A 1555 -25.96 51.23 -3.00
CA LYS A 1555 -26.50 52.49 -2.51
C LYS A 1555 -26.56 53.49 -3.67
N HIS A 1556 -27.37 53.13 -4.67
CA HIS A 1556 -27.49 53.76 -5.98
C HIS A 1556 -26.19 53.73 -6.79
N GLU A 1557 -25.17 53.02 -6.33
CA GLU A 1557 -23.94 52.83 -7.05
C GLU A 1557 -23.47 51.40 -6.81
N TYR A 1567 -38.90 42.23 -14.17
CA TYR A 1567 -38.66 41.23 -13.14
C TYR A 1567 -39.99 40.70 -12.61
N GLU A 1568 -40.87 41.64 -12.22
CA GLU A 1568 -42.13 41.28 -11.56
C GLU A 1568 -43.03 40.48 -12.49
N GLU A 1569 -42.95 40.76 -13.79
CA GLU A 1569 -43.68 39.98 -14.78
C GLU A 1569 -43.17 38.55 -14.82
N SER A 1570 -41.85 38.37 -14.75
CA SER A 1570 -41.27 37.03 -14.71
C SER A 1570 -41.67 36.30 -13.43
N ILE A 1571 -41.71 37.01 -12.30
CA ILE A 1571 -42.12 36.39 -11.05
C ILE A 1571 -43.56 35.96 -11.12
N ALA A 1572 -44.44 36.80 -11.70
CA ALA A 1572 -45.84 36.44 -11.83
C ALA A 1572 -46.04 35.26 -12.78
N LYS A 1573 -45.24 35.22 -13.84
CA LYS A 1573 -45.25 34.08 -14.76
C LYS A 1573 -44.85 32.79 -14.06
N LEU A 1574 -43.79 32.85 -13.25
CA LEU A 1574 -43.35 31.66 -12.53
C LEU A 1574 -44.32 31.29 -11.42
N LYS A 1575 -44.99 32.27 -10.81
CA LYS A 1575 -46.04 31.98 -9.83
C LYS A 1575 -47.19 31.22 -10.48
N THR A 1576 -47.62 31.67 -11.67
CA THR A 1576 -48.63 30.95 -12.42
C THR A 1576 -48.14 29.58 -12.85
N GLU A 1577 -46.86 29.46 -13.15
CA GLU A 1577 -46.29 28.16 -13.48
C GLU A 1577 -46.33 27.21 -12.29
N ILE A 1578 -46.03 27.71 -11.10
CA ILE A 1578 -46.01 26.86 -9.92
C ILE A 1578 -47.43 26.45 -9.54
N GLU A 1579 -48.38 27.40 -9.53
CA GLU A 1579 -49.74 27.01 -9.16
C GLU A 1579 -50.44 26.23 -10.25
N SER A 1580 -50.04 26.42 -11.51
CA SER A 1580 -50.77 25.90 -12.66
C SER A 1580 -50.11 24.69 -13.30
N GLY A 1581 -48.79 24.58 -13.26
CA GLY A 1581 -48.10 23.48 -13.89
C GLY A 1581 -48.11 22.19 -13.11
N GLY A 1582 -48.84 22.14 -11.99
CA GLY A 1582 -48.88 20.94 -11.17
C GLY A 1582 -47.71 20.78 -10.24
N MET A 1583 -46.79 21.74 -10.19
CA MET A 1583 -45.70 21.69 -9.24
C MET A 1583 -46.22 21.85 -7.81
N LEU A 1584 -47.05 22.86 -7.58
CA LEU A 1584 -47.68 23.02 -6.28
C LEU A 1584 -48.80 22.00 -6.15
N VAL A 1585 -48.57 20.98 -5.33
CA VAL A 1585 -49.68 20.16 -4.88
C VAL A 1585 -50.57 21.01 -3.97
N PRO A 1586 -51.89 20.93 -4.09
CA PRO A 1586 -52.74 21.65 -3.15
C PRO A 1586 -52.76 21.01 -1.77
N HIS A 1587 -53.60 21.50 -0.88
CA HIS A 1587 -53.63 20.98 0.48
C HIS A 1587 -54.60 19.81 0.63
N ASP A 1588 -55.14 19.29 -0.46
CA ASP A 1588 -55.99 18.10 -0.41
C ASP A 1588 -55.66 17.05 -1.44
N GLN A 1589 -54.97 17.39 -2.53
CA GLN A 1589 -54.65 16.40 -3.55
C GLN A 1589 -53.52 15.50 -3.06
N GLN A 1590 -53.70 14.19 -3.20
CA GLN A 1590 -52.68 13.24 -2.80
C GLN A 1590 -51.48 13.35 -3.72
N LEU A 1591 -50.29 13.16 -3.16
CA LEU A 1591 -49.07 13.31 -3.94
C LEU A 1591 -48.90 12.13 -4.90
N VAL A 1592 -48.36 12.40 -6.08
CA VAL A 1592 -48.07 11.36 -7.06
C VAL A 1592 -46.57 11.26 -7.30
N VAL A 1606 -44.01 7.22 -40.06
CA VAL A 1606 -43.06 8.01 -40.81
C VAL A 1606 -42.03 7.11 -41.46
N SER A 1607 -41.92 7.20 -42.78
CA SER A 1607 -41.02 6.32 -43.51
C SER A 1607 -39.57 6.79 -43.37
N MET A 1608 -38.66 5.94 -43.83
CA MET A 1608 -37.24 6.26 -43.79
C MET A 1608 -36.88 7.38 -44.75
N MET A 1609 -37.66 7.54 -45.82
CA MET A 1609 -37.40 8.62 -46.76
C MET A 1609 -37.62 9.98 -46.12
N GLU A 1610 -38.65 10.08 -45.26
CA GLU A 1610 -38.91 11.35 -44.59
C GLU A 1610 -37.81 11.71 -43.60
N LEU A 1611 -37.31 10.73 -42.84
CA LEU A 1611 -36.23 11.00 -41.91
C LEU A 1611 -34.95 11.34 -42.65
N LEU A 1612 -34.68 10.67 -43.77
CA LEU A 1612 -33.55 11.04 -44.61
C LEU A 1612 -33.69 12.45 -45.18
N LYS A 1613 -34.92 12.89 -45.42
CA LYS A 1613 -35.11 14.27 -45.87
C LYS A 1613 -34.84 15.25 -44.72
N GLN A 1614 -35.33 14.94 -43.52
CA GLN A 1614 -35.24 15.87 -42.40
C GLN A 1614 -33.81 15.97 -41.88
N LEU A 1615 -33.23 14.83 -41.51
CA LEU A 1615 -31.87 14.75 -40.97
C LEU A 1615 -30.83 15.21 -41.95
N LEU A 1616 -31.10 15.10 -43.25
CA LEU A 1616 -30.23 15.62 -44.29
C LEU A 1616 -31.02 16.68 -45.05
N PRO A 1617 -31.16 17.89 -44.50
CA PRO A 1617 -31.84 18.95 -45.25
C PRO A 1617 -30.94 19.65 -46.24
N TYR A 1618 -29.63 19.49 -46.10
CA TYR A 1618 -28.64 20.03 -47.02
C TYR A 1618 -28.38 19.10 -48.18
N VAL A 1619 -29.04 17.95 -48.22
CA VAL A 1619 -29.00 17.03 -49.36
C VAL A 1619 -30.43 16.77 -49.80
N ASN A 1620 -30.70 17.07 -51.07
CA ASN A 1620 -32.04 17.19 -51.63
C ASN A 1620 -32.56 15.83 -52.08
N GLU A 1621 -33.63 15.84 -52.90
CA GLU A 1621 -34.20 14.61 -53.42
C GLU A 1621 -33.20 13.86 -54.30
N ASP A 1622 -32.44 14.60 -55.11
CA ASP A 1622 -31.32 14.00 -55.82
C ASP A 1622 -30.19 13.72 -54.84
N VAL A 1623 -29.19 12.95 -55.30
CA VAL A 1623 -28.03 12.45 -54.55
C VAL A 1623 -28.44 11.48 -53.43
N LEU A 1624 -29.39 11.89 -52.57
CA LEU A 1624 -29.88 11.00 -51.51
C LEU A 1624 -30.55 9.76 -52.06
N ALA A 1625 -31.31 9.91 -53.15
CA ALA A 1625 -32.01 8.77 -53.74
C ALA A 1625 -31.03 7.73 -54.26
N LYS A 1626 -29.93 8.18 -54.86
CA LYS A 1626 -28.90 7.24 -55.30
C LYS A 1626 -28.14 6.65 -54.12
N LYS A 1627 -27.84 7.46 -53.11
CA LYS A 1627 -26.97 7.02 -52.04
C LYS A 1627 -27.66 6.02 -51.12
N LEU A 1628 -28.95 6.21 -50.84
CA LEU A 1628 -29.66 5.27 -49.98
C LEU A 1628 -29.84 3.92 -50.65
N GLY A 1629 -30.28 3.93 -51.91
CA GLY A 1629 -30.53 2.69 -52.62
C GLY A 1629 -31.70 1.93 -52.01
N ASP A 1630 -31.59 0.60 -52.04
CA ASP A 1630 -32.57 -0.29 -51.43
C ASP A 1630 -32.17 -0.72 -50.03
N ARG A 1631 -31.08 -0.18 -49.50
CA ARG A 1631 -30.65 -0.51 -48.15
C ARG A 1631 -31.62 0.06 -47.14
N ARG A 1632 -31.85 -0.69 -46.06
CA ARG A 1632 -32.87 -0.31 -45.09
C ARG A 1632 -32.44 0.90 -44.27
N GLU A 1633 -31.18 0.96 -43.90
CA GLU A 1633 -30.68 2.02 -43.04
C GLU A 1633 -29.23 2.25 -43.39
N LEU A 1634 -28.84 3.52 -43.48
CA LEU A 1634 -27.53 3.87 -44.01
C LEU A 1634 -26.40 3.44 -43.10
N LEU A 1635 -25.33 2.96 -43.70
CA LEU A 1635 -24.06 2.87 -43.01
C LEU A 1635 -23.56 4.28 -42.73
N LEU A 1636 -22.76 4.41 -41.65
CA LEU A 1636 -22.25 5.70 -41.21
C LEU A 1636 -21.39 6.37 -42.27
N SER A 1637 -20.76 5.55 -43.12
CA SER A 1637 -20.00 6.03 -44.25
C SER A 1637 -20.84 6.85 -45.21
N ASP A 1638 -22.16 6.67 -45.22
CA ASP A 1638 -22.99 7.49 -46.11
C ASP A 1638 -23.14 8.92 -45.60
N LEU A 1639 -23.31 9.09 -44.28
CA LEU A 1639 -23.28 10.43 -43.69
C LEU A 1639 -21.94 11.09 -43.95
N VAL A 1640 -20.85 10.33 -43.72
CA VAL A 1640 -19.50 10.85 -43.94
C VAL A 1640 -19.30 11.23 -45.40
N GLU A 1641 -19.82 10.41 -46.31
CA GLU A 1641 -19.62 10.63 -47.73
C GLU A 1641 -20.41 11.83 -48.24
N LEU A 1642 -21.66 11.97 -47.80
CA LEU A 1642 -22.49 13.09 -48.23
C LEU A 1642 -21.93 14.41 -47.75
N ASN A 1643 -21.46 14.46 -46.50
CA ASN A 1643 -20.79 15.66 -46.03
C ASN A 1643 -19.49 15.91 -46.81
N ALA A 1644 -18.76 14.84 -47.16
CA ALA A 1644 -17.54 15.02 -47.92
C ALA A 1644 -17.82 15.63 -49.28
N ASP A 1645 -18.92 15.23 -49.91
CA ASP A 1645 -19.32 15.83 -51.20
C ASP A 1645 -19.65 17.31 -51.04
N TRP A 1646 -20.48 17.66 -50.04
CA TRP A 1646 -20.85 19.07 -49.88
C TRP A 1646 -19.65 19.94 -49.55
N VAL A 1647 -18.72 19.41 -48.74
CA VAL A 1647 -17.51 20.16 -48.42
C VAL A 1647 -16.66 20.34 -49.68
N ALA A 1648 -16.66 19.33 -50.56
CA ALA A 1648 -15.91 19.45 -51.80
C ALA A 1648 -16.49 20.50 -52.74
N ARG A 1649 -17.83 20.64 -52.76
CA ARG A 1649 -18.45 21.50 -53.78
C ARG A 1649 -18.20 22.98 -53.54
N HIS A 1650 -18.40 23.46 -52.31
CA HIS A 1650 -18.60 24.88 -52.04
C HIS A 1650 -17.27 25.57 -51.69
N GLU A 1651 -17.37 26.77 -51.12
CA GLU A 1651 -16.24 27.56 -50.64
C GLU A 1651 -15.77 27.01 -49.30
N GLN A 1652 -14.99 27.81 -48.56
CA GLN A 1652 -14.64 27.46 -47.19
C GLN A 1652 -15.73 27.96 -46.25
N GLU A 1653 -16.31 27.05 -45.49
CA GLU A 1653 -17.34 27.38 -44.52
C GLU A 1653 -16.78 28.23 -43.39
N THR A 1654 -17.65 29.01 -42.75
CA THR A 1654 -17.29 29.75 -41.54
C THR A 1654 -18.35 29.49 -40.48
N TYR A 1655 -18.00 28.61 -39.54
CA TYR A 1655 -18.90 28.10 -38.52
C TYR A 1655 -19.10 29.10 -37.37
N ASN A 1656 -19.64 28.66 -36.24
CA ASN A 1656 -19.94 29.60 -35.15
C ASN A 1656 -19.76 28.88 -33.82
N VAL A 1657 -18.75 29.31 -33.05
CA VAL A 1657 -18.10 28.48 -32.03
C VAL A 1657 -19.03 28.14 -30.86
N MET A 1658 -20.02 29.00 -30.59
CA MET A 1658 -21.14 28.74 -29.68
C MET A 1658 -20.61 28.38 -28.28
N GLY A 1659 -21.35 27.62 -27.48
CA GLY A 1659 -21.10 27.52 -26.06
C GLY A 1659 -21.31 28.82 -25.32
N CYS A 1660 -22.06 29.76 -25.92
CA CYS A 1660 -22.15 31.19 -25.51
C CYS A 1660 -20.79 31.83 -25.30
N GLY A 1661 -19.75 31.32 -25.98
CA GLY A 1661 -18.39 31.71 -25.74
C GLY A 1661 -17.57 30.56 -25.17
N ASP A 1662 -16.77 30.88 -24.14
CA ASP A 1662 -15.46 30.31 -23.87
C ASP A 1662 -15.48 28.97 -23.16
N SER A 1663 -16.65 28.46 -22.79
CA SER A 1663 -16.70 27.22 -22.04
C SER A 1663 -16.31 26.04 -22.93
N PHE A 1664 -15.27 25.30 -22.50
CA PHE A 1664 -14.65 24.18 -23.22
C PHE A 1664 -14.02 24.60 -24.54
N ASP A 1665 -13.61 25.86 -24.66
CA ASP A 1665 -12.92 26.36 -25.84
C ASP A 1665 -11.88 27.35 -25.36
N ASN A 1666 -10.84 27.54 -26.19
CA ASN A 1666 -9.70 28.45 -26.01
C ASN A 1666 -8.78 28.02 -24.87
N TYR A 1667 -9.20 27.00 -24.15
CA TYR A 1667 -8.48 26.46 -23.03
C TYR A 1667 -7.96 25.07 -23.35
N ASN A 1668 -8.58 24.37 -24.32
CA ASN A 1668 -8.29 22.96 -24.59
C ASN A 1668 -7.82 22.66 -26.01
N ASP A 1669 -8.65 22.90 -27.05
CA ASP A 1669 -8.53 22.19 -28.33
C ASP A 1669 -8.62 23.10 -29.54
N HIS A 1670 -8.26 24.37 -29.42
CA HIS A 1670 -8.59 25.38 -30.42
C HIS A 1670 -7.37 25.69 -31.29
N HIS A 1671 -7.61 25.76 -32.61
CA HIS A 1671 -6.52 25.86 -33.57
C HIS A 1671 -6.68 26.96 -34.61
N ARG A 1672 -7.89 27.16 -35.11
CA ARG A 1672 -8.20 28.10 -36.19
C ARG A 1672 -9.43 28.88 -35.74
N LEU A 1673 -9.22 29.95 -34.98
CA LEU A 1673 -10.32 30.77 -34.53
C LEU A 1673 -9.95 32.24 -34.62
N ASN A 1674 -10.95 33.07 -34.94
CA ASN A 1674 -10.93 34.49 -34.62
C ASN A 1674 -11.56 34.62 -33.25
N LEU A 1675 -10.72 34.85 -32.23
CA LEU A 1675 -11.20 34.89 -30.86
C LEU A 1675 -12.04 36.11 -30.55
N ASP A 1676 -11.97 37.15 -31.37
CA ASP A 1676 -12.76 38.35 -31.11
C ASP A 1676 -14.24 38.07 -31.29
N GLU A 1677 -14.64 37.48 -32.41
CA GLU A 1677 -16.04 37.29 -32.71
C GLU A 1677 -16.48 35.83 -32.68
N LYS A 1678 -15.59 34.91 -32.32
CA LYS A 1678 -15.89 33.50 -32.05
C LYS A 1678 -16.49 32.78 -33.26
N GLN A 1679 -15.70 32.67 -34.33
CA GLN A 1679 -16.16 32.06 -35.57
C GLN A 1679 -15.15 31.01 -36.04
N LEU A 1680 -15.57 29.75 -36.09
CA LEU A 1680 -14.75 28.64 -36.57
C LEU A 1680 -14.69 28.57 -38.09
N LYS A 1681 -13.57 28.06 -38.59
CA LYS A 1681 -13.31 27.82 -40.00
C LYS A 1681 -12.79 26.42 -40.20
N LEU A 1682 -13.52 25.45 -39.67
CA LEU A 1682 -12.93 24.13 -39.51
C LEU A 1682 -12.93 23.31 -40.81
N GLN A 1683 -12.15 22.23 -40.76
CA GLN A 1683 -12.15 21.17 -41.76
C GLN A 1683 -12.56 19.89 -41.06
N TYR A 1684 -13.50 19.16 -41.65
CA TYR A 1684 -13.95 17.91 -41.07
C TYR A 1684 -12.94 16.78 -41.23
N GLU A 1685 -11.93 16.96 -42.06
CA GLU A 1685 -10.98 15.91 -42.41
C GLU A 1685 -9.57 16.33 -42.02
N ARG A 1686 -8.82 15.39 -41.46
CA ARG A 1686 -7.47 15.66 -40.98
C ARG A 1686 -6.48 15.97 -42.10
N ALA A 1705 32.83 6.42 -13.82
CA ALA A 1705 34.20 6.17 -13.39
C ALA A 1705 34.24 5.80 -11.91
N GLY A 1706 33.69 6.66 -11.07
CA GLY A 1706 33.60 6.38 -9.66
C GLY A 1706 32.44 5.45 -9.41
N PHE A 1707 32.63 4.16 -9.70
CA PHE A 1707 31.58 3.15 -9.78
C PHE A 1707 30.51 3.52 -10.81
N SER A 1708 30.82 3.37 -12.08
CA SER A 1708 29.80 3.46 -13.11
C SER A 1708 28.79 2.33 -12.97
N PHE A 1709 27.56 2.60 -13.43
CA PHE A 1709 26.50 1.60 -13.49
C PHE A 1709 26.33 1.00 -14.86
N ASP A 1710 26.65 1.77 -15.91
CA ASP A 1710 26.50 1.35 -17.29
C ASP A 1710 27.83 0.95 -17.92
N ARG A 1711 28.84 0.69 -17.09
CA ARG A 1711 30.15 0.31 -17.60
C ARG A 1711 30.08 -1.08 -18.19
N GLN A 1712 30.49 -1.19 -19.46
CA GLN A 1712 30.44 -2.46 -20.17
C GLN A 1712 31.84 -2.82 -20.62
N PRO A 1713 32.38 -3.97 -20.23
CA PRO A 1713 33.67 -4.41 -20.75
C PRO A 1713 33.55 -4.82 -22.22
N ASP A 1714 34.70 -4.94 -22.87
CA ASP A 1714 34.71 -5.32 -24.28
C ASP A 1714 34.27 -6.76 -24.41
N LEU A 1715 32.97 -6.96 -24.61
CA LEU A 1715 32.37 -8.28 -24.47
C LEU A 1715 32.78 -9.24 -25.59
N VAL A 1716 33.22 -8.72 -26.73
CA VAL A 1716 33.85 -9.57 -27.73
C VAL A 1716 35.29 -9.85 -27.30
N GLY A 1717 35.66 -11.12 -27.25
CA GLY A 1717 36.91 -11.53 -26.67
C GLY A 1717 36.86 -11.73 -25.18
N HIS A 1718 35.73 -11.49 -24.54
CA HIS A 1718 35.61 -11.65 -23.10
C HIS A 1718 35.59 -13.14 -22.75
N PRO A 1719 36.17 -13.53 -21.62
CA PRO A 1719 36.12 -14.93 -21.21
C PRO A 1719 34.90 -15.29 -20.38
N GLY A 1720 33.91 -14.43 -20.36
CA GLY A 1720 32.77 -14.63 -19.50
C GLY A 1720 33.17 -14.36 -18.06
N PRO A 1721 32.38 -14.81 -17.14
CA PRO A 1721 32.76 -14.68 -15.74
C PRO A 1721 33.84 -15.66 -15.32
N SER A 1722 34.23 -15.58 -14.18
CA SER A 1722 35.11 -16.57 -13.59
C SER A 1722 34.27 -17.69 -12.99
N PRO A 1723 34.80 -18.91 -12.97
CA PRO A 1723 34.04 -20.01 -12.35
C PRO A 1723 33.93 -19.88 -10.86
N SER A 1724 34.74 -19.04 -10.21
CA SER A 1724 34.55 -18.76 -8.80
C SER A 1724 33.27 -17.95 -8.58
N ILE A 1725 33.01 -16.94 -9.41
CA ILE A 1725 31.79 -16.15 -9.28
C ILE A 1725 30.56 -16.93 -9.77
N ILE A 1726 30.70 -17.71 -10.85
CA ILE A 1726 29.61 -18.60 -11.24
C ILE A 1726 29.37 -19.67 -10.17
N LEU A 1727 30.44 -20.15 -9.56
CA LEU A 1727 30.33 -21.12 -8.48
C LEU A 1727 29.64 -20.50 -7.27
N GLN A 1728 29.95 -19.25 -7.01
CA GLN A 1728 29.29 -18.47 -5.97
C GLN A 1728 27.81 -18.34 -6.25
N ALA A 1729 27.44 -18.14 -7.52
CA ALA A 1729 26.05 -18.06 -7.92
C ALA A 1729 25.34 -19.41 -7.84
N LEU A 1730 26.06 -20.50 -8.13
CA LEU A 1730 25.50 -21.84 -8.05
C LEU A 1730 25.42 -22.36 -6.63
N THR A 1731 26.04 -21.67 -5.68
CA THR A 1731 26.13 -22.15 -4.30
C THR A 1731 24.94 -21.62 -3.52
N MET A 1732 24.05 -22.52 -3.13
CA MET A 1732 22.96 -22.12 -2.27
C MET A 1732 23.48 -21.75 -0.89
N SER A 1733 22.59 -21.20 -0.08
CA SER A 1733 22.96 -20.84 1.28
C SER A 1733 22.76 -21.99 2.24
N ASN A 1734 22.20 -23.10 1.78
CA ASN A 1734 22.19 -24.31 2.58
C ASN A 1734 23.55 -24.98 2.61
N ALA A 1735 24.48 -24.53 1.78
CA ALA A 1735 25.81 -25.11 1.72
C ALA A 1735 26.56 -24.95 3.04
N ASN A 1736 26.28 -23.86 3.76
CA ASN A 1736 27.11 -23.36 4.88
C ASN A 1736 28.55 -23.23 4.43
N ASP A 1737 28.73 -22.74 3.23
CA ASP A 1737 30.04 -22.64 2.63
C ASP A 1737 30.57 -21.24 2.87
N GLY A 1738 31.68 -20.91 2.25
CA GLY A 1738 32.11 -19.54 2.33
C GLY A 1738 31.26 -18.68 1.43
N ILE A 1739 31.39 -18.91 0.12
CA ILE A 1739 30.72 -18.11 -0.88
C ILE A 1739 29.23 -18.42 -0.91
N ASN A 1740 28.47 -17.47 -1.47
CA ASN A 1740 27.03 -17.57 -1.42
C ASN A 1740 26.44 -16.68 -2.49
N LEU A 1741 25.26 -17.05 -2.99
CA LEU A 1741 24.68 -16.37 -4.13
C LEU A 1741 23.97 -15.06 -3.81
N GLU A 1742 23.66 -14.79 -2.54
CA GLU A 1742 22.50 -13.97 -2.18
C GLU A 1742 22.63 -12.51 -2.61
N ARG A 1743 23.83 -11.97 -2.55
CA ARG A 1743 24.03 -10.58 -2.94
C ARG A 1743 23.90 -10.40 -4.44
N LEU A 1744 24.44 -11.36 -5.20
CA LEU A 1744 24.17 -11.44 -6.62
C LEU A 1744 22.70 -11.66 -6.90
N GLU A 1745 22.02 -12.41 -6.06
CA GLU A 1745 20.63 -12.77 -6.36
C GLU A 1745 19.70 -11.59 -6.19
N THR A 1746 19.92 -10.75 -5.17
CA THR A 1746 19.16 -9.49 -5.08
C THR A 1746 19.54 -8.54 -6.22
N ILE A 1747 20.83 -8.42 -6.55
CA ILE A 1747 21.20 -7.47 -7.60
C ILE A 1747 20.69 -7.94 -8.97
N GLY A 1748 20.53 -9.24 -9.18
CA GLY A 1748 20.12 -9.75 -10.46
C GLY A 1748 18.63 -9.74 -10.60
N ASP A 1749 17.95 -9.91 -9.47
CA ASP A 1749 16.50 -9.71 -9.42
C ASP A 1749 16.13 -8.27 -9.81
N SER A 1750 16.86 -7.30 -9.27
CA SER A 1750 16.57 -5.92 -9.59
C SER A 1750 16.98 -5.55 -11.02
N PHE A 1751 18.10 -6.08 -11.52
CA PHE A 1751 18.47 -5.79 -12.90
C PHE A 1751 17.53 -6.43 -13.90
N LEU A 1752 17.04 -7.63 -13.61
CA LEU A 1752 16.08 -8.27 -14.49
C LEU A 1752 14.80 -7.47 -14.59
N LYS A 1753 14.26 -7.02 -13.45
CA LYS A 1753 13.04 -6.22 -13.47
C LYS A 1753 13.25 -4.89 -14.19
N TYR A 1754 14.39 -4.23 -13.94
CA TYR A 1754 14.78 -3.05 -14.70
C TYR A 1754 14.81 -3.26 -16.21
N ALA A 1755 15.49 -4.30 -16.68
CA ALA A 1755 15.73 -4.43 -18.11
C ALA A 1755 14.46 -4.81 -18.84
N ILE A 1756 13.64 -5.65 -18.21
CA ILE A 1756 12.35 -6.00 -18.78
C ILE A 1756 11.46 -4.76 -18.90
N THR A 1757 11.45 -3.90 -17.87
CA THR A 1757 10.69 -2.65 -17.93
C THR A 1757 11.16 -1.75 -19.06
N THR A 1758 12.47 -1.61 -19.26
CA THR A 1758 12.97 -0.71 -20.30
C THR A 1758 12.62 -1.23 -21.71
N TYR A 1759 12.71 -2.54 -21.93
CA TYR A 1759 12.28 -3.05 -23.23
C TYR A 1759 10.78 -2.98 -23.42
N LEU A 1760 10.00 -3.11 -22.35
CA LEU A 1760 8.56 -2.93 -22.49
C LEU A 1760 8.20 -1.46 -22.74
N TYR A 1761 9.03 -0.54 -22.32
CA TYR A 1761 8.80 0.85 -22.69
C TYR A 1761 9.17 1.08 -24.15
N ILE A 1762 10.25 0.47 -24.62
CA ILE A 1762 10.66 0.63 -26.02
C ILE A 1762 9.60 0.04 -26.95
N THR A 1763 9.07 -1.12 -26.61
CA THR A 1763 8.29 -1.94 -27.54
C THR A 1763 6.82 -1.57 -27.62
N TYR A 1764 6.13 -1.45 -26.49
CA TYR A 1764 4.69 -1.23 -26.51
C TYR A 1764 4.39 0.27 -26.37
N GLU A 1765 4.71 1.01 -27.44
CA GLU A 1765 4.73 2.48 -27.50
C GLU A 1765 3.42 3.21 -27.23
N ASN A 1766 2.31 2.49 -27.07
CA ASN A 1766 1.04 3.15 -26.73
C ASN A 1766 0.33 2.50 -25.57
N VAL A 1767 0.82 1.38 -25.06
CA VAL A 1767 0.07 0.59 -24.09
C VAL A 1767 0.18 1.22 -22.73
N HIS A 1768 -0.97 1.35 -22.08
CA HIS A 1768 -1.04 1.69 -20.67
C HIS A 1768 -0.19 0.77 -19.81
N GLU A 1769 0.58 1.37 -18.89
CA GLU A 1769 1.60 0.69 -18.11
C GLU A 1769 1.06 -0.26 -17.06
N GLY A 1770 -0.24 -0.31 -16.83
CA GLY A 1770 -0.76 -1.39 -16.03
C GLY A 1770 -0.90 -2.70 -16.76
N LYS A 1771 -0.71 -2.68 -18.08
CA LYS A 1771 -0.54 -3.88 -18.87
C LYS A 1771 0.93 -4.17 -19.18
N LEU A 1772 1.76 -3.13 -19.22
CA LEU A 1772 3.19 -3.35 -19.20
C LEU A 1772 3.64 -4.00 -17.90
N SER A 1773 2.98 -3.67 -16.79
CA SER A 1773 3.26 -4.36 -15.55
C SER A 1773 2.83 -5.81 -15.63
N HIS A 1774 1.73 -6.10 -16.32
CA HIS A 1774 1.29 -7.48 -16.48
C HIS A 1774 2.30 -8.29 -17.29
N LEU A 1775 2.79 -7.72 -18.39
CA LEU A 1775 3.76 -8.42 -19.22
C LEU A 1775 5.09 -8.61 -18.50
N ARG A 1776 5.60 -7.57 -17.83
CA ARG A 1776 6.84 -7.70 -17.05
C ARG A 1776 6.69 -8.72 -15.94
N SER A 1777 5.59 -8.64 -15.18
CA SER A 1777 5.31 -9.59 -14.12
C SER A 1777 5.12 -11.01 -14.63
N LYS A 1778 4.80 -11.18 -15.90
CA LYS A 1778 4.87 -12.53 -16.47
C LYS A 1778 6.32 -12.93 -16.76
N GLN A 1779 7.14 -11.99 -17.21
CA GLN A 1779 8.52 -12.34 -17.55
C GLN A 1779 9.38 -12.56 -16.30
N VAL A 1780 9.11 -11.82 -15.22
CA VAL A 1780 10.03 -11.71 -14.10
C VAL A 1780 9.62 -12.62 -12.92
N ALA A 1781 8.51 -13.34 -13.06
CA ALA A 1781 7.96 -14.13 -11.96
C ALA A 1781 8.88 -15.29 -11.58
N ASN A 1782 8.55 -15.94 -10.47
CA ASN A 1782 9.36 -17.10 -10.08
C ASN A 1782 9.07 -18.32 -10.95
N LEU A 1783 7.83 -18.43 -11.42
CA LEU A 1783 7.46 -19.51 -12.33
C LEU A 1783 8.27 -19.45 -13.61
N ASN A 1784 8.43 -18.25 -14.17
CA ASN A 1784 9.16 -18.13 -15.42
C ASN A 1784 10.64 -18.41 -15.26
N LEU A 1785 11.25 -17.93 -14.18
CA LEU A 1785 12.69 -18.12 -14.06
C LEU A 1785 13.05 -19.53 -13.65
N TYR A 1786 12.22 -20.15 -12.79
CA TYR A 1786 12.34 -21.57 -12.54
C TYR A 1786 12.22 -22.36 -13.84
N ARG A 1787 11.17 -22.08 -14.63
CA ARG A 1787 10.86 -22.88 -15.80
C ARG A 1787 11.95 -22.76 -16.85
N LEU A 1788 12.54 -21.57 -16.98
CA LEU A 1788 13.66 -21.41 -17.91
C LEU A 1788 14.90 -22.13 -17.43
N GLY A 1789 15.23 -22.01 -16.14
CA GLY A 1789 16.43 -22.69 -15.67
C GLY A 1789 16.29 -24.19 -15.59
N ARG A 1790 15.07 -24.68 -15.48
CA ARG A 1790 14.81 -26.11 -15.54
C ARG A 1790 14.86 -26.62 -16.97
N ARG A 1791 14.44 -25.78 -17.94
CA ARG A 1791 14.71 -26.10 -19.34
C ARG A 1791 16.20 -26.20 -19.61
N LYS A 1792 17.00 -25.35 -18.98
CA LYS A 1792 18.46 -25.49 -19.04
C LYS A 1792 19.00 -26.44 -17.98
N ARG A 1793 18.10 -27.04 -17.18
CA ARG A 1793 18.40 -28.09 -16.20
C ARG A 1793 19.43 -27.63 -15.17
N LEU A 1794 19.25 -26.43 -14.63
CA LEU A 1794 20.23 -25.85 -13.73
C LEU A 1794 20.23 -26.51 -12.37
N GLY A 1795 19.18 -27.27 -12.04
CA GLY A 1795 19.19 -28.06 -10.83
C GLY A 1795 20.29 -29.08 -10.78
N GLU A 1796 20.86 -29.45 -11.92
CA GLU A 1796 21.93 -30.43 -11.96
C GLU A 1796 23.30 -29.79 -12.05
N TYR A 1797 23.42 -28.53 -11.67
CA TYR A 1797 24.74 -27.92 -11.55
C TYR A 1797 24.94 -27.22 -10.22
N MET A 1798 23.99 -27.34 -9.30
CA MET A 1798 23.99 -26.52 -8.09
C MET A 1798 24.61 -27.25 -6.92
N ILE A 1799 25.05 -26.46 -5.94
CA ILE A 1799 25.60 -26.93 -4.68
C ILE A 1799 24.60 -26.52 -3.62
N ALA A 1800 23.95 -27.48 -2.99
CA ALA A 1800 22.83 -27.18 -2.11
C ALA A 1800 22.94 -27.84 -0.75
N THR A 1801 24.10 -28.35 -0.37
CA THR A 1801 24.20 -29.21 0.79
C THR A 1801 25.52 -28.94 1.51
N LYS A 1802 25.48 -29.06 2.84
CA LYS A 1802 26.67 -29.09 3.69
C LYS A 1802 27.55 -30.27 3.30
N PHE A 1803 28.74 -29.99 2.76
CA PHE A 1803 29.61 -31.03 2.22
C PHE A 1803 30.27 -31.82 3.34
N GLU A 1804 29.75 -32.99 3.63
CA GLU A 1804 30.40 -33.93 4.53
C GLU A 1804 30.94 -35.07 3.69
N PRO A 1805 32.26 -35.14 3.46
CA PRO A 1805 32.83 -36.15 2.56
C PRO A 1805 32.67 -37.59 3.02
N HIS A 1806 32.15 -37.84 4.20
CA HIS A 1806 31.77 -39.19 4.56
C HIS A 1806 30.30 -39.47 4.31
N ASP A 1807 29.54 -38.50 3.84
CA ASP A 1807 28.10 -38.74 3.72
C ASP A 1807 27.54 -38.45 2.34
N ASN A 1808 28.04 -37.44 1.65
CA ASN A 1808 27.49 -37.11 0.35
C ASN A 1808 28.60 -36.87 -0.66
N TRP A 1809 29.53 -37.81 -0.77
CA TRP A 1809 30.59 -37.65 -1.75
C TRP A 1809 31.00 -38.99 -2.30
N LEU A 1810 31.31 -39.00 -3.60
CA LEU A 1810 31.77 -40.18 -4.32
C LEU A 1810 33.24 -40.04 -4.65
N PRO A 1811 34.14 -40.82 -4.05
CA PRO A 1811 35.56 -40.71 -4.32
C PRO A 1811 35.88 -41.04 -5.77
N PRO A 1812 37.05 -40.62 -6.28
CA PRO A 1812 37.39 -40.92 -7.67
C PRO A 1812 37.48 -42.41 -7.92
N CYS A 1813 37.12 -42.79 -9.14
CA CYS A 1813 37.14 -44.17 -9.62
C CYS A 1813 36.33 -45.12 -8.75
N TYR A 1814 35.31 -44.64 -8.05
CA TYR A 1814 34.43 -45.62 -7.46
C TYR A 1814 33.11 -45.58 -8.20
N TYR A 1815 32.22 -46.49 -7.84
CA TYR A 1815 30.96 -46.64 -8.53
C TYR A 1815 29.85 -46.92 -7.54
N VAL A 1816 28.64 -46.53 -7.91
CA VAL A 1816 27.48 -46.66 -7.05
C VAL A 1816 26.34 -47.21 -7.92
N PRO A 1817 25.55 -48.17 -7.43
CA PRO A 1817 24.51 -48.76 -8.29
C PRO A 1817 23.35 -47.83 -8.60
N LYS A 1818 23.12 -46.79 -7.77
CA LYS A 1818 22.17 -45.70 -7.99
C LYS A 1818 20.70 -46.10 -7.92
N GLU A 1819 20.41 -47.39 -7.79
CA GLU A 1819 19.03 -47.84 -7.65
C GLU A 1819 18.91 -48.87 -6.52
N LEU A 1820 19.99 -49.62 -6.27
CA LEU A 1820 19.98 -50.67 -5.26
C LEU A 1820 19.95 -50.13 -3.85
N GLU A 1821 20.16 -48.82 -3.67
CA GLU A 1821 20.03 -48.17 -2.38
C GLU A 1821 18.64 -48.35 -1.80
N LYS A 1822 17.62 -48.15 -2.63
CA LYS A 1822 16.26 -47.98 -2.13
C LYS A 1822 15.40 -49.22 -2.27
N ALA A 1823 15.74 -50.15 -3.17
CA ALA A 1823 14.84 -51.23 -3.55
C ALA A 1823 15.05 -52.49 -2.72
N LEU A 1824 15.47 -52.35 -1.47
CA LEU A 1824 15.78 -53.51 -0.64
C LEU A 1824 14.86 -53.56 0.57
N ALA A 1837 30.78 -62.14 -4.24
CA ALA A 1837 31.23 -61.77 -5.58
C ALA A 1837 30.05 -61.48 -6.49
N ASP A 1838 28.88 -61.29 -5.87
CA ASP A 1838 27.66 -61.07 -6.62
C ASP A 1838 27.36 -59.60 -6.90
N LEU A 1839 28.12 -58.69 -6.31
CA LEU A 1839 27.78 -57.28 -6.43
C LEU A 1839 28.32 -56.64 -7.70
N LEU A 1840 29.11 -57.37 -8.49
CA LEU A 1840 29.72 -56.82 -9.70
C LEU A 1840 28.97 -57.20 -10.96
N ASP A 1841 27.65 -57.27 -10.92
CA ASP A 1841 26.85 -57.38 -12.13
C ASP A 1841 25.93 -56.20 -12.34
N ILE A 1842 25.94 -55.20 -11.44
CA ILE A 1842 24.89 -54.18 -11.43
C ILE A 1842 25.08 -53.19 -12.56
N LYS A 1843 26.30 -52.67 -12.73
CA LYS A 1843 26.59 -51.89 -13.93
C LYS A 1843 26.61 -52.77 -15.17
N ASN A 1844 26.93 -54.05 -15.00
CA ASN A 1844 27.16 -54.93 -16.13
C ASN A 1844 25.86 -55.32 -16.82
N LEU A 1845 24.83 -55.69 -16.06
CA LEU A 1845 23.61 -56.21 -16.69
C LEU A 1845 22.38 -55.34 -16.45
N SER A 1846 21.97 -55.11 -15.22
CA SER A 1846 20.66 -54.52 -14.92
C SER A 1846 20.62 -54.20 -13.43
N SER A 1847 19.44 -53.78 -12.96
CA SER A 1847 19.22 -53.45 -11.56
C SER A 1847 18.13 -54.29 -10.91
N VAL A 1848 16.98 -54.44 -11.58
CA VAL A 1848 15.86 -55.21 -11.03
C VAL A 1848 16.23 -56.69 -10.90
N GLN A 1849 17.09 -57.19 -11.79
CA GLN A 1849 17.62 -58.54 -11.64
C GLN A 1849 18.50 -58.66 -10.42
N ILE A 1850 19.26 -57.61 -10.07
CA ILE A 1850 20.01 -57.61 -8.82
C ILE A 1850 19.06 -57.58 -7.62
N CYS A 1851 17.97 -56.83 -7.74
CA CYS A 1851 16.99 -56.74 -6.65
C CYS A 1851 16.31 -58.06 -6.39
N GLU A 1852 15.92 -58.78 -7.44
CA GLU A 1852 15.18 -60.03 -7.31
C GLU A 1852 16.05 -61.26 -7.51
N MET A 1853 17.38 -61.10 -7.52
CA MET A 1853 18.27 -62.26 -7.62
C MET A 1853 18.18 -63.13 -6.37
N VAL A 1854 18.06 -62.51 -5.20
CA VAL A 1854 17.90 -63.26 -3.96
C VAL A 1854 16.47 -63.13 -3.45
N ASP A 1883 10.71 -42.92 13.05
CA ASP A 1883 10.44 -41.56 12.61
C ASP A 1883 9.94 -41.54 11.17
N PHE A 1884 8.61 -41.46 11.02
CA PHE A 1884 7.92 -41.25 9.73
C PHE A 1884 8.24 -42.36 8.73
N SER A 1885 7.78 -43.56 9.09
CA SER A 1885 7.84 -44.79 8.28
C SER A 1885 9.31 -45.17 8.06
N CYS A 1886 9.62 -45.79 6.91
CA CYS A 1886 10.96 -46.30 6.67
C CYS A 1886 11.51 -45.91 5.30
N PHE A 1887 10.62 -45.66 4.34
CA PHE A 1887 11.03 -45.36 2.98
C PHE A 1887 11.49 -43.91 2.86
N ILE A 1888 12.66 -43.71 2.27
CA ILE A 1888 13.09 -42.38 1.83
C ILE A 1888 13.61 -42.48 0.41
N PRO A 1889 13.15 -41.64 -0.52
CA PRO A 1889 13.76 -41.63 -1.87
C PRO A 1889 15.09 -40.90 -1.90
N TYR A 1890 15.63 -40.67 -3.11
CA TYR A 1890 16.77 -39.78 -3.35
C TYR A 1890 18.11 -40.32 -2.85
N ASN A 1891 19.18 -40.11 -3.61
CA ASN A 1891 20.46 -40.75 -3.39
C ASN A 1891 21.49 -39.70 -2.97
N LEU A 1892 22.08 -39.88 -1.78
CA LEU A 1892 22.91 -38.85 -1.18
C LEU A 1892 24.18 -38.59 -1.97
N VAL A 1893 24.75 -39.64 -2.54
CA VAL A 1893 26.13 -39.56 -2.99
C VAL A 1893 26.22 -38.85 -4.33
N SER A 1894 25.16 -38.92 -5.14
CA SER A 1894 25.21 -38.37 -6.50
C SER A 1894 23.97 -37.55 -6.89
N GLN A 1895 23.15 -37.12 -5.92
CA GLN A 1895 21.99 -36.28 -6.21
C GLN A 1895 21.92 -35.17 -5.16
N HIS A 1896 21.18 -34.11 -5.44
CA HIS A 1896 20.83 -33.14 -4.39
C HIS A 1896 19.49 -32.48 -4.66
N SER A 1897 18.60 -32.52 -3.67
CA SER A 1897 17.30 -31.85 -3.77
C SER A 1897 17.49 -30.34 -3.80
N ILE A 1898 16.71 -29.67 -4.66
CA ILE A 1898 16.71 -28.22 -4.78
C ILE A 1898 15.27 -27.76 -4.87
N PRO A 1899 14.89 -26.70 -4.15
CA PRO A 1899 13.58 -26.09 -4.37
C PRO A 1899 13.55 -25.37 -5.70
N ASP A 1900 12.33 -25.23 -6.24
CA ASP A 1900 12.18 -24.55 -7.52
C ASP A 1900 12.53 -23.07 -7.39
N LYS A 1901 12.18 -22.44 -6.26
CA LYS A 1901 12.57 -21.06 -6.04
C LYS A 1901 14.06 -20.90 -5.96
N SER A 1902 14.77 -21.92 -5.47
CA SER A 1902 16.22 -21.87 -5.45
C SER A 1902 16.78 -21.92 -6.85
N ILE A 1903 16.09 -22.61 -7.76
CA ILE A 1903 16.47 -22.59 -9.17
C ILE A 1903 16.26 -21.21 -9.75
N ALA A 1904 15.16 -20.56 -9.38
CA ALA A 1904 14.95 -19.17 -9.79
C ALA A 1904 15.98 -18.24 -9.18
N ASP A 1905 16.38 -18.52 -7.94
CA ASP A 1905 17.43 -17.77 -7.25
C ASP A 1905 18.76 -17.90 -7.97
N CYS A 1906 19.10 -19.11 -8.40
CA CYS A 1906 20.32 -19.33 -9.16
C CYS A 1906 20.25 -18.69 -10.54
N VAL A 1907 19.05 -18.62 -11.11
CA VAL A 1907 18.83 -17.88 -12.36
C VAL A 1907 19.14 -16.40 -12.19
N GLU A 1908 18.55 -15.77 -11.17
CA GLU A 1908 18.80 -14.36 -10.90
C GLU A 1908 20.24 -14.13 -10.45
N ALA A 1909 20.81 -15.09 -9.73
CA ALA A 1909 22.20 -15.01 -9.29
C ALA A 1909 23.16 -15.15 -10.45
N LEU A 1910 22.80 -15.94 -11.45
CA LEU A 1910 23.64 -16.05 -12.63
C LEU A 1910 23.55 -14.82 -13.50
N ILE A 1911 22.36 -14.19 -13.54
CA ILE A 1911 22.27 -12.86 -14.14
C ILE A 1911 23.13 -11.89 -13.36
N GLY A 1912 23.17 -12.05 -12.03
CA GLY A 1912 24.07 -11.25 -11.22
C GLY A 1912 25.53 -11.46 -11.55
N ALA A 1913 25.93 -12.72 -11.75
CA ALA A 1913 27.31 -13.03 -12.12
C ALA A 1913 27.68 -12.45 -13.47
N TYR A 1914 26.84 -12.70 -14.48
CA TYR A 1914 27.10 -12.16 -15.81
C TYR A 1914 27.03 -10.64 -15.79
N LEU A 1915 26.19 -10.08 -14.93
CA LEU A 1915 26.12 -8.63 -14.75
C LEU A 1915 27.42 -8.06 -14.23
N ILE A 1916 27.91 -8.59 -13.09
CA ILE A 1916 29.05 -8.01 -12.42
C ILE A 1916 30.35 -8.19 -13.22
N GLU A 1917 30.56 -9.33 -13.91
CA GLU A 1917 31.69 -9.27 -14.86
C GLU A 1917 31.38 -8.61 -16.19
N CYS A 1918 30.49 -9.18 -16.99
CA CYS A 1918 30.39 -8.73 -18.36
C CYS A 1918 29.20 -7.81 -18.62
N GLY A 1919 28.89 -6.93 -17.68
CA GLY A 1919 28.13 -5.74 -17.99
C GLY A 1919 26.63 -5.96 -18.14
N PRO A 1920 25.93 -4.84 -18.34
CA PRO A 1920 24.48 -4.93 -18.63
C PRO A 1920 24.15 -5.68 -19.92
N ARG A 1921 24.95 -5.48 -20.98
CA ARG A 1921 24.74 -6.22 -22.22
C ARG A 1921 24.91 -7.71 -22.01
N GLY A 1922 25.91 -8.09 -21.21
CA GLY A 1922 26.12 -9.51 -20.93
C GLY A 1922 25.00 -10.11 -20.09
N ALA A 1923 24.44 -9.35 -19.16
CA ALA A 1923 23.32 -9.90 -18.42
C ALA A 1923 22.05 -9.98 -19.27
N LEU A 1924 21.89 -9.04 -20.20
CA LEU A 1924 20.80 -9.14 -21.16
C LEU A 1924 20.97 -10.36 -22.06
N LEU A 1925 22.18 -10.60 -22.55
CA LEU A 1925 22.45 -11.76 -23.38
C LEU A 1925 22.37 -13.06 -22.61
N PHE A 1926 22.68 -13.06 -21.32
CA PHE A 1926 22.44 -14.26 -20.53
C PHE A 1926 20.96 -14.51 -20.37
N MET A 1927 20.16 -13.48 -20.20
CA MET A 1927 18.74 -13.79 -20.13
C MET A 1927 18.15 -14.02 -21.51
N ALA A 1928 18.87 -13.68 -22.57
CA ALA A 1928 18.53 -14.11 -23.92
C ALA A 1928 18.87 -15.57 -24.15
N TRP A 1929 20.03 -16.02 -23.65
CA TRP A 1929 20.36 -17.44 -23.69
C TRP A 1929 19.36 -18.25 -22.89
N LEU A 1930 19.03 -17.75 -21.71
CA LEU A 1930 18.20 -18.52 -20.79
C LEU A 1930 16.77 -18.58 -21.25
N GLY A 1931 16.34 -17.61 -22.04
CA GLY A 1931 15.02 -17.70 -22.62
C GLY A 1931 14.19 -16.43 -22.58
N VAL A 1932 14.48 -15.51 -21.65
CA VAL A 1932 13.71 -14.27 -21.58
C VAL A 1932 14.13 -13.44 -22.77
N ARG A 1933 13.37 -13.51 -23.84
CA ARG A 1933 13.70 -12.68 -24.98
C ARG A 1933 13.25 -11.27 -24.65
N VAL A 1934 14.20 -10.37 -24.49
CA VAL A 1934 13.91 -9.01 -24.08
C VAL A 1934 14.74 -8.11 -24.98
N LEU A 1935 15.19 -8.67 -26.10
CA LEU A 1935 15.95 -7.98 -27.13
C LEU A 1935 15.41 -8.30 -28.52
N PRO A 1936 15.65 -7.43 -29.50
CA PRO A 1936 15.19 -7.70 -30.87
C PRO A 1936 16.14 -8.58 -31.68
N ILE A 1937 15.57 -9.23 -32.70
CA ILE A 1937 16.26 -10.23 -33.50
C ILE A 1937 16.41 -9.73 -34.93
N THR A 1938 17.64 -9.73 -35.45
CA THR A 1938 17.94 -9.35 -36.83
C THR A 1938 18.68 -10.50 -37.49
N ARG A 1939 17.93 -11.42 -38.09
CA ARG A 1939 18.49 -12.67 -38.60
C ARG A 1939 19.26 -12.45 -39.89
N GLN A 1940 20.51 -12.91 -39.93
CA GLN A 1940 21.17 -13.14 -41.20
C GLN A 1940 21.00 -14.61 -41.59
N LEU A 1941 21.57 -14.98 -42.73
CA LEU A 1941 21.46 -16.33 -43.27
C LEU A 1941 22.90 -16.79 -43.54
N ASP A 1942 23.50 -17.45 -42.55
CA ASP A 1942 24.90 -17.90 -42.57
C ASP A 1942 25.86 -16.76 -42.87
N GLY A 1943 25.62 -15.61 -42.25
CA GLY A 1943 26.33 -14.39 -42.59
C GLY A 1943 27.78 -14.36 -42.14
N GLY A 1944 28.58 -15.25 -42.69
CA GLY A 1944 29.94 -15.47 -42.24
C GLY A 1944 30.19 -16.95 -42.07
N ASN A 1945 31.01 -17.32 -41.10
CA ASN A 1945 31.23 -18.73 -40.78
C ASN A 1945 30.96 -18.98 -39.30
N GLN A 1946 30.40 -17.98 -38.60
CA GLN A 1946 30.34 -17.91 -37.13
C GLN A 1946 31.74 -18.03 -36.53
N GLU A 1947 32.72 -17.46 -37.23
CA GLU A 1947 34.07 -17.28 -36.74
C GLU A 1947 34.25 -15.90 -36.13
N GLN A 1948 33.67 -14.88 -36.78
CA GLN A 1948 33.63 -13.55 -36.19
C GLN A 1948 32.80 -13.56 -34.93
N ARG A 1949 31.55 -14.05 -35.02
CA ARG A 1949 30.71 -14.46 -33.90
C ARG A 1949 30.48 -13.31 -32.91
N ILE A 1950 29.75 -12.31 -33.37
CA ILE A 1950 29.33 -11.28 -32.43
C ILE A 1950 28.39 -11.92 -31.41
N PRO A 1951 28.48 -11.57 -30.13
CA PRO A 1951 27.65 -12.25 -29.12
C PRO A 1951 26.16 -12.02 -29.34
N GLY A 1952 25.38 -13.03 -29.00
CA GLY A 1952 24.00 -13.07 -29.39
C GLY A 1952 23.81 -14.01 -30.57
N SER A 1953 24.77 -13.99 -31.50
CA SER A 1953 24.63 -14.74 -32.74
C SER A 1953 24.78 -16.21 -32.46
N THR A 1954 23.68 -16.95 -32.55
CA THR A 1954 23.65 -18.37 -32.25
C THR A 1954 24.21 -19.22 -33.38
N LYS A 1955 23.90 -20.52 -33.34
CA LYS A 1955 24.33 -21.56 -34.28
C LYS A 1955 23.93 -21.25 -35.72
N PRO A 1956 24.49 -21.96 -36.69
CA PRO A 1956 23.79 -22.03 -38.00
C PRO A 1956 22.66 -23.05 -37.94
N ASN A 1957 21.65 -22.74 -37.14
CA ASN A 1957 20.66 -23.71 -36.69
C ASN A 1957 19.60 -24.07 -37.73
N ALA A 1958 19.42 -25.38 -37.93
CA ALA A 1958 18.68 -25.98 -39.04
C ALA A 1958 19.19 -25.45 -40.38
N GLU A 1959 18.38 -24.67 -41.08
CA GLU A 1959 18.86 -23.97 -42.27
C GLU A 1959 19.84 -22.88 -41.86
N ASN A 1960 20.88 -22.70 -42.67
CA ASN A 1960 22.06 -21.96 -42.23
C ASN A 1960 21.80 -20.47 -42.07
N VAL A 1961 21.38 -20.08 -40.86
CA VAL A 1961 21.05 -18.71 -40.48
C VAL A 1961 21.74 -18.42 -39.15
N VAL A 1962 21.93 -17.14 -38.85
CA VAL A 1962 22.19 -16.73 -37.48
C VAL A 1962 21.03 -15.85 -37.03
N THR A 1963 20.84 -15.77 -35.72
CA THR A 1963 19.66 -15.17 -35.10
C THR A 1963 20.08 -14.10 -34.10
N VAL A 1964 20.89 -13.14 -34.56
CA VAL A 1964 21.55 -12.17 -33.71
C VAL A 1964 20.56 -11.34 -32.90
N TYR A 1965 20.91 -11.07 -31.64
CA TYR A 1965 20.08 -10.29 -30.71
C TYR A 1965 20.50 -8.83 -30.74
N GLY A 1966 19.57 -7.95 -31.07
CA GLY A 1966 19.91 -6.57 -31.30
C GLY A 1966 19.86 -5.73 -30.04
N ALA A 1967 20.41 -4.52 -30.14
CA ALA A 1967 20.45 -3.62 -29.01
C ALA A 1967 19.10 -2.93 -28.85
N TRP A 1968 19.07 -1.95 -27.97
CA TRP A 1968 17.90 -1.12 -27.63
C TRP A 1968 17.93 0.18 -28.41
N PRO A 1969 16.87 0.48 -29.15
CA PRO A 1969 16.84 1.70 -29.97
C PRO A 1969 16.50 2.93 -29.15
N THR A 1970 16.85 4.09 -29.69
CA THR A 1970 16.37 5.33 -29.11
C THR A 1970 14.90 5.46 -29.46
N PRO A 1971 14.00 5.48 -28.48
CA PRO A 1971 12.57 5.52 -28.81
C PRO A 1971 12.16 6.92 -29.28
N ARG A 1972 11.04 6.95 -30.01
CA ARG A 1972 10.55 8.21 -30.55
C ARG A 1972 9.99 9.07 -29.42
N SER A 1973 10.35 10.34 -29.45
CA SER A 1973 9.99 11.27 -28.39
C SER A 1973 8.48 11.47 -28.35
N PRO A 1974 7.87 11.59 -27.16
CA PRO A 1974 6.41 11.57 -27.08
C PRO A 1974 5.77 12.91 -27.36
N LEU A 1975 6.27 13.63 -28.36
CA LEU A 1975 5.73 14.91 -28.76
C LEU A 1975 4.70 14.63 -29.84
N LEU A 1976 3.43 14.76 -29.50
CA LEU A 1976 2.33 14.38 -30.37
C LEU A 1976 2.11 15.48 -31.40
N HIS A 1977 2.30 15.18 -32.68
CA HIS A 1977 2.05 16.17 -33.71
C HIS A 1977 0.65 16.08 -34.28
N PHE A 1978 -0.34 16.06 -33.40
CA PHE A 1978 -1.73 16.13 -33.83
C PHE A 1978 -2.24 17.55 -33.86
N ALA A 1979 -1.39 18.50 -33.52
CA ALA A 1979 -1.62 19.93 -33.54
C ALA A 1979 -0.47 20.56 -34.31
N PRO A 1980 -0.71 21.64 -35.05
CA PRO A 1980 0.25 22.03 -36.10
C PRO A 1980 1.54 22.68 -35.64
N ASN A 1981 1.68 23.09 -34.39
CA ASN A 1981 2.91 23.78 -33.98
C ASN A 1981 3.40 23.28 -32.63
N ALA A 1982 3.49 21.96 -32.49
CA ALA A 1982 3.77 21.36 -31.18
C ALA A 1982 5.16 21.70 -30.63
N THR A 1983 6.11 22.10 -31.48
CA THR A 1983 7.40 22.55 -30.97
C THR A 1983 7.30 23.94 -30.35
N GLU A 1984 6.52 24.83 -30.96
CA GLU A 1984 6.34 26.16 -30.37
C GLU A 1984 5.48 26.09 -29.11
N GLU A 1985 4.49 25.20 -29.07
CA GLU A 1985 3.73 25.02 -27.85
C GLU A 1985 4.54 24.29 -26.77
N LEU A 1986 5.54 23.51 -27.14
CA LEU A 1986 6.44 22.96 -26.14
C LEU A 1986 7.37 24.02 -25.59
N ASP A 1987 7.86 24.92 -26.46
CA ASP A 1987 8.63 26.07 -26.00
C ASP A 1987 7.82 26.96 -25.08
N GLN A 1988 6.50 27.06 -25.31
CA GLN A 1988 5.65 27.96 -24.53
C GLN A 1988 4.98 27.32 -23.32
N LEU A 1989 4.93 26.00 -23.23
CA LEU A 1989 4.28 25.37 -22.09
C LEU A 1989 5.30 25.00 -21.02
N LEU A 1990 6.58 25.26 -21.26
CA LEU A 1990 7.68 25.02 -20.34
C LEU A 1990 8.52 26.26 -20.15
N SER A 1991 7.88 27.43 -20.13
CA SER A 1991 8.62 28.65 -19.84
C SER A 1991 8.99 28.68 -18.37
N GLY A 1992 10.29 28.69 -18.10
CA GLY A 1992 10.76 28.83 -16.73
C GLY A 1992 11.01 27.54 -15.98
N PHE A 1993 11.06 26.39 -16.65
CA PHE A 1993 11.57 25.21 -15.97
C PHE A 1993 13.08 25.16 -15.95
N GLU A 1994 13.78 26.19 -16.44
CA GLU A 1994 15.23 26.17 -16.39
C GLU A 1994 15.74 26.27 -14.97
N GLU A 1995 15.06 27.05 -14.13
CA GLU A 1995 15.39 27.06 -12.70
C GLU A 1995 15.10 25.71 -12.07
N PHE A 1996 14.11 25.00 -12.57
CA PHE A 1996 13.86 23.64 -12.11
C PHE A 1996 14.96 22.67 -12.56
N GLU A 1997 15.41 22.81 -13.79
CA GLU A 1997 16.51 21.98 -14.28
C GLU A 1997 17.77 22.22 -13.46
N GLU A 1998 18.05 23.48 -13.12
CA GLU A 1998 19.14 23.76 -12.19
C GLU A 1998 18.87 23.17 -10.82
N SER A 1999 17.60 23.11 -10.41
CA SER A 1999 17.22 22.43 -9.18
C SER A 1999 17.40 20.92 -9.24
N LEU A 2000 17.66 20.34 -10.43
CA LEU A 2000 18.17 18.98 -10.44
C LEU A 2000 19.37 18.73 -11.33
N GLY A 2001 19.88 19.75 -12.01
CA GLY A 2001 21.22 19.66 -12.57
C GLY A 2001 21.38 18.94 -13.89
N TYR A 2002 20.31 18.41 -14.48
CA TYR A 2002 20.40 17.80 -15.80
C TYR A 2002 19.41 18.49 -16.73
N LYS A 2003 19.93 19.01 -17.84
CA LYS A 2003 19.11 19.64 -18.86
C LYS A 2003 18.54 18.56 -19.78
N PHE A 2004 17.22 18.45 -19.81
CA PHE A 2004 16.56 17.58 -20.76
C PHE A 2004 16.81 18.07 -22.17
N ARG A 2005 17.25 17.18 -23.05
CA ARG A 2005 17.56 17.56 -24.43
C ARG A 2005 16.39 17.34 -25.37
N ASP A 2006 15.38 16.61 -24.93
CA ASP A 2006 14.11 16.49 -25.64
C ASP A 2006 13.06 16.78 -24.57
N ARG A 2007 12.64 18.04 -24.50
CA ARG A 2007 11.96 18.55 -23.32
C ARG A 2007 10.57 17.99 -23.13
N SER A 2008 10.01 17.30 -24.13
CA SER A 2008 8.72 16.65 -23.99
C SER A 2008 8.77 15.49 -23.02
N TYR A 2009 9.96 14.97 -22.74
CA TYR A 2009 10.10 14.07 -21.59
C TYR A 2009 9.88 14.82 -20.29
N LEU A 2010 10.43 16.04 -20.20
CA LEU A 2010 10.30 16.83 -18.97
C LEU A 2010 8.87 17.28 -18.76
N LEU A 2011 8.25 17.84 -19.80
CA LEU A 2011 6.84 18.18 -19.74
C LEU A 2011 5.99 16.95 -19.50
N GLN A 2012 6.36 15.82 -20.09
CA GLN A 2012 5.60 14.59 -19.90
C GLN A 2012 5.67 14.12 -18.46
N ALA A 2013 6.85 14.26 -17.84
CA ALA A 2013 7.03 13.82 -16.46
C ALA A 2013 6.34 14.76 -15.49
N MET A 2014 6.23 16.04 -15.84
CA MET A 2014 5.58 17.03 -15.01
C MET A 2014 4.08 17.13 -15.23
N THR A 2015 3.54 16.48 -16.25
CA THR A 2015 2.14 16.66 -16.63
C THR A 2015 1.29 15.67 -15.88
N HIS A 2016 0.45 16.17 -14.99
CA HIS A 2016 -0.52 15.32 -14.37
C HIS A 2016 -1.59 14.93 -15.38
N ALA A 2017 -2.31 13.86 -15.09
CA ALA A 2017 -3.36 13.36 -15.99
C ALA A 2017 -4.52 14.33 -16.13
N SER A 2018 -4.66 15.29 -15.22
CA SER A 2018 -5.69 16.31 -15.27
C SER A 2018 -5.24 17.58 -15.94
N TYR A 2019 -3.96 17.72 -16.26
CA TYR A 2019 -3.49 18.96 -16.88
C TYR A 2019 -3.89 18.99 -18.35
N THR A 2020 -5.19 19.18 -18.56
CA THR A 2020 -5.81 19.17 -19.87
C THR A 2020 -5.36 20.25 -20.86
N PRO A 2021 -4.75 21.38 -20.48
CA PRO A 2021 -4.10 22.21 -21.49
C PRO A 2021 -3.01 21.52 -22.26
N ASN A 2022 -2.46 20.43 -21.78
CA ASN A 2022 -1.37 19.75 -22.48
C ASN A 2022 -1.94 18.88 -23.59
N ARG A 2023 -1.54 19.19 -24.81
CA ARG A 2023 -1.95 18.49 -26.01
C ARG A 2023 -0.76 17.88 -26.72
N LEU A 2024 0.39 17.85 -26.05
CA LEU A 2024 1.64 17.54 -26.72
C LEU A 2024 2.26 16.23 -26.31
N THR A 2025 1.91 15.69 -25.14
CA THR A 2025 2.48 14.44 -24.65
C THR A 2025 1.37 13.63 -24.03
N ASP A 2026 1.76 12.59 -23.31
CA ASP A 2026 0.90 11.79 -22.45
C ASP A 2026 0.99 12.40 -21.04
N CYS A 2027 0.51 11.69 -20.02
CA CYS A 2027 0.77 12.06 -18.64
C CYS A 2027 2.12 11.46 -18.22
N TYR A 2028 2.43 11.48 -16.92
CA TYR A 2028 3.69 10.92 -16.46
C TYR A 2028 3.65 9.43 -16.16
N GLN A 2029 2.47 8.79 -16.26
CA GLN A 2029 2.27 7.48 -15.66
C GLN A 2029 3.19 6.41 -16.25
N ARG A 2030 3.49 6.51 -17.54
CA ARG A 2030 4.39 5.55 -18.15
C ARG A 2030 5.82 5.79 -17.70
N LEU A 2031 6.22 7.05 -17.58
CA LEU A 2031 7.55 7.36 -17.06
C LEU A 2031 7.67 7.02 -15.57
N GLU A 2032 6.59 7.14 -14.82
CA GLU A 2032 6.59 6.71 -13.43
C GLU A 2032 6.84 5.21 -13.31
N PHE A 2033 6.18 4.43 -14.18
CA PHE A 2033 6.43 2.99 -14.25
C PHE A 2033 7.88 2.66 -14.63
N LEU A 2034 8.45 3.40 -15.56
CA LEU A 2034 9.83 3.11 -15.95
C LEU A 2034 10.83 3.57 -14.89
N GLY A 2035 10.62 4.76 -14.33
CA GLY A 2035 11.56 5.32 -13.38
C GLY A 2035 11.56 4.65 -12.04
N ASP A 2036 10.46 3.98 -11.68
CA ASP A 2036 10.54 3.14 -10.50
C ASP A 2036 11.53 2.00 -10.67
N ALA A 2037 11.50 1.32 -11.82
CA ALA A 2037 12.44 0.23 -12.07
C ALA A 2037 13.85 0.74 -12.11
N VAL A 2038 14.07 1.89 -12.73
CA VAL A 2038 15.41 2.49 -12.79
C VAL A 2038 15.91 2.84 -11.38
N LEU A 2039 15.06 3.45 -10.56
CA LEU A 2039 15.47 3.90 -9.23
C LEU A 2039 15.70 2.71 -8.29
N ASP A 2040 14.83 1.71 -8.36
CA ASP A 2040 14.98 0.49 -7.58
C ASP A 2040 16.30 -0.20 -7.90
N TYR A 2041 16.65 -0.31 -9.19
CA TYR A 2041 17.91 -0.92 -9.55
C TYR A 2041 19.11 -0.11 -9.08
N LEU A 2042 19.05 1.22 -9.25
CA LEU A 2042 20.20 2.05 -8.90
C LEU A 2042 20.48 2.01 -7.40
N ILE A 2043 19.42 2.04 -6.59
CA ILE A 2043 19.61 1.97 -5.15
C ILE A 2043 20.12 0.60 -4.73
N THR A 2044 19.56 -0.48 -5.28
CA THR A 2044 20.04 -1.82 -4.93
C THR A 2044 21.49 -2.04 -5.35
N ARG A 2045 21.88 -1.54 -6.52
CA ARG A 2045 23.26 -1.63 -6.96
C ARG A 2045 24.19 -0.74 -6.14
N HIS A 2046 23.69 0.38 -5.62
CA HIS A 2046 24.53 1.24 -4.78
C HIS A 2046 24.79 0.59 -3.43
N LEU A 2047 23.74 0.07 -2.81
CA LEU A 2047 23.92 -0.60 -1.54
C LEU A 2047 24.60 -1.95 -1.68
N TYR A 2048 24.70 -2.50 -2.88
CA TYR A 2048 25.56 -3.67 -3.08
C TYR A 2048 27.02 -3.30 -2.89
N GLU A 2049 27.44 -2.17 -3.42
CA GLU A 2049 28.85 -1.82 -3.56
C GLU A 2049 29.44 -1.08 -2.37
N ASP A 2050 28.65 -0.82 -1.34
CA ASP A 2050 29.20 -0.29 -0.10
C ASP A 2050 30.10 -1.33 0.56
N PRO A 2051 31.33 -0.96 0.94
CA PRO A 2051 32.27 -1.95 1.48
C PRO A 2051 31.89 -2.53 2.83
N ARG A 2052 30.79 -2.09 3.43
CA ARG A 2052 30.25 -2.77 4.61
C ARG A 2052 29.67 -4.13 4.27
N GLN A 2053 29.40 -4.38 2.99
CA GLN A 2053 28.95 -5.66 2.45
C GLN A 2053 27.66 -6.12 3.14
N HIS A 2054 26.62 -5.36 2.84
CA HIS A 2054 25.31 -5.54 3.44
C HIS A 2054 24.76 -6.93 3.13
N SER A 2055 23.94 -7.42 4.03
CA SER A 2055 23.26 -8.69 3.86
C SER A 2055 22.10 -8.49 2.89
N PRO A 2056 21.35 -9.54 2.55
CA PRO A 2056 20.06 -9.31 1.88
C PRO A 2056 19.10 -8.42 2.65
N GLY A 2057 18.92 -8.69 3.96
CA GLY A 2057 18.01 -7.89 4.75
C GLY A 2057 18.45 -6.45 4.95
N ALA A 2058 19.75 -6.25 5.13
CA ALA A 2058 20.28 -4.89 5.28
C ALA A 2058 20.07 -4.09 4.02
N LEU A 2059 20.35 -4.68 2.87
CA LEU A 2059 20.21 -3.97 1.60
C LEU A 2059 18.73 -3.72 1.29
N THR A 2060 17.85 -4.66 1.61
CA THR A 2060 16.42 -4.48 1.36
C THR A 2060 15.84 -3.39 2.25
N ASP A 2061 16.15 -3.43 3.55
CA ASP A 2061 15.59 -2.41 4.44
C ASP A 2061 16.20 -1.06 4.21
N LEU A 2062 17.47 -1.01 3.81
CA LEU A 2062 18.05 0.29 3.52
C LEU A 2062 17.59 0.83 2.17
N ARG A 2063 17.15 -0.04 1.25
CA ARG A 2063 16.49 0.45 0.05
C ARG A 2063 15.09 0.94 0.35
N SER A 2064 14.32 0.17 1.13
CA SER A 2064 12.96 0.56 1.48
C SER A 2064 12.93 1.85 2.29
N ALA A 2065 13.97 2.12 3.05
CA ALA A 2065 14.12 3.43 3.66
C ALA A 2065 14.59 4.48 2.66
N LEU A 2066 15.45 4.11 1.72
CA LEU A 2066 15.87 5.08 0.71
C LEU A 2066 14.86 5.27 -0.41
N VAL A 2067 14.10 4.24 -0.77
CA VAL A 2067 13.08 4.32 -1.81
C VAL A 2067 11.74 4.06 -1.15
N ASN A 2068 10.90 5.08 -1.11
CA ASN A 2068 9.71 5.17 -0.30
C ASN A 2068 9.00 6.41 -0.78
N ASN A 2069 7.69 6.35 -1.00
CA ASN A 2069 7.03 7.51 -1.58
C ASN A 2069 6.95 8.67 -0.61
N THR A 2070 7.07 8.41 0.69
CA THR A 2070 7.15 9.50 1.66
C THR A 2070 8.52 10.19 1.61
N ILE A 2071 9.60 9.42 1.53
CA ILE A 2071 10.93 9.98 1.29
C ILE A 2071 10.99 10.61 -0.08
N PHE A 2072 10.29 10.03 -1.04
CA PHE A 2072 10.26 10.55 -2.39
C PHE A 2072 9.57 11.91 -2.43
N ALA A 2073 8.48 12.07 -1.69
CA ALA A 2073 7.78 13.34 -1.66
C ALA A 2073 8.53 14.37 -0.84
N SER A 2074 9.20 13.94 0.23
CA SER A 2074 9.97 14.87 1.04
C SER A 2074 11.19 15.40 0.27
N LEU A 2075 11.86 14.56 -0.49
CA LEU A 2075 12.96 15.04 -1.32
C LEU A 2075 12.48 15.77 -2.55
N ALA A 2076 11.26 15.48 -3.00
CA ALA A 2076 10.61 16.26 -4.04
C ALA A 2076 10.38 17.69 -3.59
N VAL A 2077 9.76 17.85 -2.42
CA VAL A 2077 9.50 19.17 -1.86
C VAL A 2077 10.79 19.87 -1.50
N ARG A 2078 11.74 19.14 -0.92
CA ARG A 2078 12.98 19.74 -0.44
C ARG A 2078 13.83 20.25 -1.59
N HIS A 2079 14.01 19.44 -2.63
CA HIS A 2079 14.91 19.84 -3.69
C HIS A 2079 14.20 20.55 -4.82
N GLY A 2080 12.97 20.96 -4.59
CA GLY A 2080 12.34 21.93 -5.47
C GLY A 2080 11.43 21.36 -6.52
N PHE A 2081 10.64 20.34 -6.18
CA PHE A 2081 9.60 19.95 -7.12
C PHE A 2081 8.36 20.75 -6.70
N HIS A 2082 7.17 20.38 -7.15
CA HIS A 2082 5.87 20.87 -6.68
C HIS A 2082 5.62 22.35 -7.00
N LYS A 2083 6.66 23.08 -7.38
CA LYS A 2083 6.57 24.39 -7.96
C LYS A 2083 6.64 24.31 -9.47
N PHE A 2084 6.75 23.10 -9.99
CA PHE A 2084 6.80 22.85 -11.41
C PHE A 2084 5.95 21.66 -11.83
N PHE A 2085 5.43 20.88 -10.91
CA PHE A 2085 4.48 19.83 -11.21
C PHE A 2085 3.16 20.44 -11.65
N ARG A 2086 2.90 20.42 -12.95
CA ARG A 2086 1.76 21.11 -13.54
C ARG A 2086 0.53 20.21 -13.50
N HIS A 2087 -0.37 20.52 -12.60
CA HIS A 2087 -1.64 19.85 -12.48
C HIS A 2087 -2.73 20.90 -12.55
N LEU A 2088 -3.98 20.45 -12.60
CA LEU A 2088 -5.11 21.32 -12.39
C LEU A 2088 -6.08 20.62 -11.48
N SER A 2089 -5.58 20.04 -10.50
CA SER A 2089 -6.49 19.42 -9.57
C SER A 2089 -6.64 20.32 -8.35
N PRO A 2090 -7.85 20.52 -7.88
CA PRO A 2090 -8.04 21.30 -6.66
C PRO A 2090 -7.53 20.62 -5.39
N GLY A 2091 -7.95 19.37 -5.19
CA GLY A 2091 -7.59 18.66 -3.97
C GLY A 2091 -6.10 18.41 -3.86
N LEU A 2092 -5.46 18.11 -4.98
CA LEU A 2092 -4.02 17.94 -4.95
C LEU A 2092 -3.31 19.25 -4.66
N ASN A 2093 -3.89 20.38 -5.05
CA ASN A 2093 -3.31 21.66 -4.69
C ASN A 2093 -3.43 21.91 -3.20
N ASP A 2094 -4.54 21.47 -2.61
CA ASP A 2094 -4.71 21.55 -1.15
C ASP A 2094 -3.65 20.73 -0.43
N VAL A 2095 -3.43 19.50 -0.89
CA VAL A 2095 -2.49 18.61 -0.24
C VAL A 2095 -1.05 19.11 -0.38
N ILE A 2096 -0.69 19.60 -1.56
CA ILE A 2096 0.62 20.20 -1.76
C ILE A 2096 0.78 21.45 -0.90
N ASP A 2097 -0.29 22.24 -0.77
CA ASP A 2097 -0.29 23.45 0.07
C ASP A 2097 0.08 23.14 1.51
N ARG A 2098 -0.62 22.19 2.11
CA ARG A 2098 -0.38 21.87 3.51
C ARG A 2098 0.97 21.20 3.72
N PHE A 2099 1.37 20.31 2.79
CA PHE A 2099 2.62 19.59 2.96
C PHE A 2099 3.82 20.52 2.80
N VAL A 2100 3.81 21.45 1.86
CA VAL A 2100 4.95 22.36 1.78
C VAL A 2100 4.92 23.42 2.87
N ARG A 2101 3.73 23.72 3.42
CA ARG A 2101 3.63 24.56 4.60
C ARG A 2101 4.40 23.93 5.76
N ILE A 2102 4.17 22.64 5.99
CA ILE A 2102 4.89 21.90 7.02
C ILE A 2102 6.37 21.74 6.66
N GLN A 2103 6.70 21.48 5.40
CA GLN A 2103 8.11 21.31 5.06
C GLN A 2103 8.90 22.61 5.05
N GLN A 2104 8.25 23.76 5.08
CA GLN A 2104 9.00 24.96 5.37
C GLN A 2104 9.01 25.31 6.85
N GLU A 2105 8.10 24.74 7.64
CA GLU A 2105 8.29 24.73 9.09
C GLU A 2105 9.56 23.99 9.47
N ASN A 2106 9.73 22.77 8.95
CA ASN A 2106 10.82 21.90 9.35
C ASN A 2106 12.15 22.24 8.70
N GLY A 2107 12.19 23.21 7.79
CA GLY A 2107 13.43 23.57 7.13
C GLY A 2107 13.96 22.49 6.20
N HIS A 2108 13.06 21.80 5.50
CA HIS A 2108 13.36 20.72 4.56
C HIS A 2108 14.08 19.56 5.25
N CYS A 2109 13.42 19.02 6.27
CA CYS A 2109 13.87 17.84 6.98
C CYS A 2109 12.72 16.84 7.06
N ILE A 2110 13.09 15.58 7.31
CA ILE A 2110 12.14 14.49 7.41
C ILE A 2110 11.65 14.31 8.84
N ASP A 2123 -7.46 12.92 21.35
CA ASP A 2123 -8.35 12.52 20.27
C ASP A 2123 -7.60 11.71 19.23
N ASP A 2124 -7.62 12.18 17.99
CA ASP A 2124 -7.00 11.50 16.86
C ASP A 2124 -5.79 12.29 16.39
N ALA A 2125 -4.65 11.62 16.26
CA ALA A 2125 -3.52 12.22 15.59
C ALA A 2125 -3.87 12.45 14.12
N GLU A 2126 -3.36 13.54 13.57
CA GLU A 2126 -3.65 13.88 12.18
C GLU A 2126 -2.35 14.41 11.60
N ASP A 2127 -1.55 13.51 11.04
CA ASP A 2127 -0.38 13.95 10.31
C ASP A 2127 -0.82 14.54 8.99
N VAL A 2128 -0.02 15.47 8.48
CA VAL A 2128 -0.35 16.12 7.23
C VAL A 2128 -0.18 15.13 6.09
N GLU A 2129 -1.06 15.21 5.10
CA GLU A 2129 -1.04 14.26 4.00
C GLU A 2129 0.19 14.42 3.15
N VAL A 2130 0.82 13.29 2.86
CA VAL A 2130 1.98 13.23 1.98
C VAL A 2130 1.43 13.13 0.56
N PRO A 2131 1.77 14.05 -0.32
CA PRO A 2131 1.22 14.06 -1.68
C PRO A 2131 1.88 13.00 -2.52
N LYS A 2132 1.11 11.97 -2.89
CA LYS A 2132 1.68 10.82 -3.58
C LYS A 2132 2.15 11.18 -4.98
N ALA A 2133 1.49 12.15 -5.62
CA ALA A 2133 1.89 12.61 -6.94
C ALA A 2133 3.27 13.24 -6.94
N LEU A 2134 3.72 13.73 -5.79
CA LEU A 2134 5.09 14.22 -5.68
C LEU A 2134 6.10 13.09 -5.65
N GLY A 2135 5.77 11.97 -5.03
CA GLY A 2135 6.63 10.80 -5.13
C GLY A 2135 6.66 10.24 -6.53
N ASP A 2136 5.50 10.20 -7.19
CA ASP A 2136 5.40 9.75 -8.57
C ASP A 2136 6.18 10.66 -9.51
N VAL A 2137 6.22 11.96 -9.24
CA VAL A 2137 6.99 12.79 -10.17
C VAL A 2137 8.47 12.73 -9.81
N PHE A 2138 8.81 12.37 -8.56
CA PHE A 2138 10.20 12.04 -8.23
C PHE A 2138 10.68 10.83 -9.03
N GLU A 2139 9.84 9.79 -9.16
CA GLU A 2139 10.17 8.64 -10.01
C GLU A 2139 10.18 8.98 -11.49
N SER A 2140 9.20 9.77 -11.94
CA SER A 2140 9.05 10.02 -13.37
C SER A 2140 10.16 10.87 -13.91
N ILE A 2141 10.73 11.75 -13.08
CA ILE A 2141 11.91 12.46 -13.51
C ILE A 2141 13.09 11.51 -13.69
N ALA A 2142 13.16 10.44 -12.90
CA ALA A 2142 14.19 9.43 -13.12
C ALA A 2142 13.96 8.69 -14.43
N GLY A 2143 12.73 8.28 -14.69
CA GLY A 2143 12.42 7.62 -15.94
C GLY A 2143 12.66 8.50 -17.16
N ALA A 2144 12.35 9.78 -17.04
CA ALA A 2144 12.56 10.70 -18.15
C ALA A 2144 14.03 11.04 -18.36
N ILE A 2145 14.81 11.10 -17.28
CA ILE A 2145 16.25 11.32 -17.42
C ILE A 2145 16.92 10.05 -17.96
N PHE A 2146 16.38 8.89 -17.63
CA PHE A 2146 16.84 7.65 -18.26
C PHE A 2146 16.62 7.68 -19.76
N LEU A 2147 15.35 7.77 -20.19
CA LEU A 2147 14.99 7.72 -21.61
C LEU A 2147 15.61 8.85 -22.39
N ASP A 2148 15.70 10.03 -21.80
CA ASP A 2148 16.21 11.18 -22.52
C ASP A 2148 17.70 11.10 -22.77
N SER A 2149 18.40 10.20 -22.09
CA SER A 2149 19.86 10.14 -22.16
C SER A 2149 20.36 8.90 -22.89
N ASN A 2150 19.62 8.47 -23.92
CA ASN A 2150 19.87 7.24 -24.68
C ASN A 2150 19.96 6.02 -23.76
N MET A 2151 19.15 6.04 -22.70
CA MET A 2151 19.09 5.00 -21.68
C MET A 2151 20.46 4.77 -21.01
N SER A 2152 20.87 5.79 -20.24
CA SER A 2152 22.03 5.72 -19.35
C SER A 2152 21.59 5.75 -17.89
N LEU A 2153 22.31 5.02 -17.04
CA LEU A 2153 22.08 4.96 -15.60
C LEU A 2153 23.05 5.79 -14.78
N ASP A 2154 24.07 6.39 -15.40
CA ASP A 2154 24.95 7.32 -14.71
C ASP A 2154 24.60 8.76 -14.99
N VAL A 2155 23.49 9.00 -15.65
CA VAL A 2155 22.87 10.31 -15.65
C VAL A 2155 21.70 10.36 -14.67
N VAL A 2156 21.01 9.24 -14.45
CA VAL A 2156 19.99 9.20 -13.41
C VAL A 2156 20.63 9.22 -12.04
N TRP A 2157 21.68 8.42 -11.85
CA TRP A 2157 22.29 8.30 -10.54
C TRP A 2157 23.05 9.55 -10.13
N HIS A 2158 23.62 10.28 -11.06
CA HIS A 2158 24.29 11.54 -10.71
C HIS A 2158 23.32 12.49 -10.03
N VAL A 2159 22.16 12.67 -10.65
CA VAL A 2159 21.12 13.55 -10.14
C VAL A 2159 20.58 13.03 -8.81
N TYR A 2160 20.29 11.74 -8.75
CA TYR A 2160 19.60 11.25 -7.58
C TYR A 2160 20.53 10.89 -6.42
N SER A 2161 21.83 10.74 -6.68
CA SER A 2161 22.80 10.68 -5.59
C SER A 2161 23.01 12.08 -5.04
N ASN A 2162 23.08 13.10 -5.90
CA ASN A 2162 23.17 14.46 -5.42
C ASN A 2162 21.94 14.86 -4.60
N MET A 2163 20.79 14.25 -4.87
CA MET A 2163 19.64 14.52 -4.02
C MET A 2163 19.63 13.70 -2.74
N MET A 2164 19.82 12.38 -2.83
CA MET A 2164 19.55 11.52 -1.69
C MET A 2164 20.78 11.07 -0.93
N SER A 2165 21.98 11.56 -1.27
CA SER A 2165 23.17 11.11 -0.55
C SER A 2165 23.26 11.53 0.92
N PRO A 2166 22.73 12.69 1.35
CA PRO A 2166 22.53 12.85 2.80
C PRO A 2166 21.65 11.79 3.41
N GLU A 2167 20.61 11.38 2.69
CA GLU A 2167 19.71 10.36 3.22
C GLU A 2167 20.37 8.99 3.17
N ILE A 2168 21.18 8.74 2.13
CA ILE A 2168 21.93 7.48 2.06
C ILE A 2168 22.88 7.37 3.25
N GLU A 2169 23.65 8.42 3.51
CA GLU A 2169 24.66 8.35 4.55
C GLU A 2169 24.05 8.37 5.94
N GLN A 2170 22.96 9.11 6.13
CA GLN A 2170 22.30 9.12 7.43
C GLN A 2170 21.62 7.79 7.72
N PHE A 2171 20.97 7.17 6.74
CA PHE A 2171 20.30 5.92 7.02
C PHE A 2171 21.26 4.74 6.91
N SER A 2172 22.49 4.98 6.47
CA SER A 2172 23.50 3.93 6.41
C SER A 2172 24.06 3.64 7.80
N ASN A 2173 24.24 4.67 8.61
CA ASN A 2173 24.83 4.54 9.93
C ASN A 2173 23.81 4.20 11.01
N SER A 2174 22.53 4.22 10.69
CA SER A 2174 21.47 3.92 11.63
C SER A 2174 20.44 3.11 10.86
N VAL A 2175 19.25 2.91 11.42
CA VAL A 2175 18.16 2.30 10.66
C VAL A 2175 16.89 3.10 10.86
N PRO A 2176 16.33 3.74 9.82
CA PRO A 2176 15.10 4.51 9.99
C PRO A 2176 13.88 3.67 10.27
N LYS A 2177 13.64 2.69 9.39
CA LYS A 2177 12.45 1.86 9.28
C LYS A 2177 11.20 2.67 8.97
N SER A 2178 10.21 2.00 8.40
CA SER A 2178 8.90 2.61 8.32
C SER A 2178 8.30 2.65 9.71
N PRO A 2179 7.48 3.68 10.02
CA PRO A 2179 6.86 3.76 11.35
C PRO A 2179 5.99 2.58 11.67
N ILE A 2180 5.33 2.04 10.65
CA ILE A 2180 4.46 0.89 10.82
C ILE A 2180 5.26 -0.37 11.17
N ARG A 2181 6.34 -0.66 10.44
CA ARG A 2181 7.19 -1.80 10.80
C ARG A 2181 7.88 -1.58 12.14
N GLU A 2182 8.38 -0.37 12.38
CA GLU A 2182 9.14 -0.10 13.59
C GLU A 2182 8.27 -0.25 14.83
N LEU A 2183 7.03 0.22 14.77
CA LEU A 2183 6.12 -0.05 15.88
C LEU A 2183 5.80 -1.52 15.98
N LEU A 2184 5.53 -2.18 14.84
CA LEU A 2184 5.01 -3.54 14.89
C LEU A 2184 6.08 -4.54 15.28
N GLU A 2185 7.35 -4.16 15.21
CA GLU A 2185 8.42 -5.04 15.69
C GLU A 2185 9.02 -4.60 17.01
N LEU A 2186 8.85 -3.34 17.40
CA LEU A 2186 9.32 -2.93 18.72
C LEU A 2186 8.40 -3.44 19.81
N GLU A 2187 7.16 -3.75 19.46
CA GLU A 2187 6.23 -4.48 20.32
C GLU A 2187 5.78 -5.66 19.50
N PRO A 2188 6.57 -6.73 19.44
CA PRO A 2188 6.59 -7.60 18.25
C PRO A 2188 5.33 -8.42 18.06
N GLU A 2189 4.76 -8.94 19.13
CA GLU A 2189 3.48 -9.62 19.05
C GLU A 2189 2.39 -8.80 19.71
N THR A 2190 2.58 -7.50 19.77
CA THR A 2190 1.77 -6.61 20.58
C THR A 2190 1.18 -5.41 19.85
N ALA A 2191 1.95 -4.75 18.99
CA ALA A 2191 1.43 -3.62 18.22
C ALA A 2191 0.57 -4.17 17.09
N LYS A 2192 -0.73 -4.24 17.31
CA LYS A 2192 -1.69 -4.78 16.35
C LYS A 2192 -2.54 -3.67 15.74
N PHE A 2193 -2.47 -3.53 14.42
CA PHE A 2193 -3.22 -2.50 13.71
C PHE A 2193 -4.53 -3.07 13.19
N GLY A 2194 -5.62 -2.33 13.45
CA GLY A 2194 -6.96 -2.83 13.21
C GLY A 2194 -7.56 -2.35 11.91
N LYS A 2195 -8.78 -2.84 11.66
CA LYS A 2195 -9.51 -2.52 10.45
C LYS A 2195 -9.87 -1.03 10.42
N PRO A 2196 -9.86 -0.40 9.25
CA PRO A 2196 -10.20 1.02 9.19
C PRO A 2196 -11.69 1.23 9.38
N GLU A 2197 -12.03 2.42 9.86
CA GLU A 2197 -13.42 2.84 9.96
C GLU A 2197 -13.54 4.24 9.39
N LYS A 2198 -14.56 4.44 8.56
CA LYS A 2198 -14.74 5.71 7.86
C LYS A 2198 -15.45 6.72 8.75
N LEU A 2199 -15.03 7.97 8.63
CA LEU A 2199 -15.48 9.05 9.51
C LEU A 2199 -16.87 9.53 9.09
N ALA A 2200 -17.27 10.67 9.65
CA ALA A 2200 -18.49 11.34 9.20
C ALA A 2200 -18.30 12.03 7.86
N ASP A 2201 -17.10 12.51 7.56
CA ASP A 2201 -16.88 13.31 6.37
C ASP A 2201 -17.00 12.47 5.10
N GLY A 2202 -16.62 11.20 5.15
CA GLY A 2202 -16.72 10.34 3.99
C GLY A 2202 -15.56 10.43 3.02
N ARG A 2203 -14.56 11.24 3.30
CA ARG A 2203 -13.30 11.18 2.58
C ARG A 2203 -12.12 11.01 3.53
N ARG A 2204 -12.38 10.74 4.80
CA ARG A 2204 -11.37 10.50 5.80
C ARG A 2204 -11.65 9.17 6.50
N VAL A 2205 -10.59 8.59 7.07
CA VAL A 2205 -10.64 7.27 7.67
C VAL A 2205 -9.62 7.21 8.81
N ARG A 2206 -9.95 6.42 9.83
CA ARG A 2206 -9.31 6.43 11.14
C ARG A 2206 -8.86 5.04 11.53
N VAL A 2207 -7.60 4.93 11.94
CA VAL A 2207 -6.94 3.67 12.26
C VAL A 2207 -6.47 3.73 13.71
N THR A 2208 -6.81 2.71 14.50
CA THR A 2208 -6.38 2.63 15.90
C THR A 2208 -5.54 1.39 16.12
N VAL A 2209 -4.38 1.58 16.76
CA VAL A 2209 -3.49 0.49 17.15
C VAL A 2209 -3.42 0.41 18.67
N ASP A 2210 -3.60 -0.80 19.19
CA ASP A 2210 -3.53 -1.06 20.64
C ASP A 2210 -2.18 -1.69 20.94
N VAL A 2211 -1.24 -0.89 21.43
CA VAL A 2211 -0.05 -1.46 22.03
C VAL A 2211 -0.47 -2.05 23.37
N PHE A 2212 -0.58 -3.38 23.43
CA PHE A 2212 -1.42 -4.08 24.41
C PHE A 2212 -0.99 -3.83 25.85
N CYS A 2213 -1.99 -3.51 26.69
CA CYS A 2213 -1.82 -3.07 28.07
C CYS A 2213 -0.92 -1.84 28.17
N LYS A 2214 -0.87 -1.05 27.10
CA LYS A 2214 -0.18 0.24 27.10
C LYS A 2214 -0.96 1.33 26.38
N GLY A 2215 -1.96 1.01 25.57
CA GLY A 2215 -2.85 2.01 25.03
C GLY A 2215 -3.28 1.90 23.57
N THR A 2216 -4.47 2.40 23.28
CA THR A 2216 -4.97 2.55 21.91
C THR A 2216 -4.64 3.95 21.41
N PHE A 2217 -4.09 4.04 20.21
CA PHE A 2217 -3.66 5.30 19.62
C PHE A 2217 -4.17 5.41 18.19
N ARG A 2218 -4.67 6.59 17.82
CA ARG A 2218 -5.57 6.76 16.69
C ARG A 2218 -5.04 7.79 15.71
N GLY A 2219 -5.23 7.51 14.42
CA GLY A 2219 -4.78 8.42 13.38
C GLY A 2219 -5.80 8.49 12.28
N ILE A 2220 -5.72 9.57 11.50
CA ILE A 2220 -6.66 9.79 10.40
C ILE A 2220 -5.91 10.19 9.13
N GLY A 2221 -6.54 9.92 8.01
CA GLY A 2221 -6.02 10.28 6.70
C GLY A 2221 -7.07 9.92 5.68
N ARG A 2222 -6.83 10.29 4.42
CA ARG A 2222 -7.83 10.01 3.40
C ARG A 2222 -7.96 8.52 3.13
N ASN A 2223 -6.83 7.80 3.09
CA ASN A 2223 -6.81 6.40 2.77
C ASN A 2223 -6.24 5.58 3.93
N TYR A 2224 -6.38 4.27 3.80
CA TYR A 2224 -5.99 3.32 4.83
C TYR A 2224 -4.48 3.33 5.09
N ARG A 2225 -3.69 3.63 4.06
CA ARG A 2225 -2.24 3.57 4.15
C ARG A 2225 -1.68 4.68 5.03
N ILE A 2226 -2.03 5.92 4.71
CA ILE A 2226 -1.58 7.05 5.51
C ILE A 2226 -2.25 7.03 6.88
N ALA A 2227 -3.39 6.36 7.01
CA ALA A 2227 -4.02 6.25 8.32
C ALA A 2227 -3.27 5.29 9.24
N LYS A 2228 -2.83 4.12 8.76
CA LYS A 2228 -1.96 3.29 9.60
C LYS A 2228 -0.61 3.94 9.86
N CYS A 2229 -0.04 4.62 8.86
CA CYS A 2229 1.24 5.30 9.06
C CYS A 2229 1.15 6.37 10.14
N THR A 2230 0.09 7.16 10.13
CA THR A 2230 -0.13 8.17 11.15
C THR A 2230 -0.37 7.54 12.53
N ALA A 2231 -1.13 6.44 12.60
CA ALA A 2231 -1.36 5.77 13.88
C ALA A 2231 -0.06 5.22 14.45
N ALA A 2232 0.82 4.71 13.58
CA ALA A 2232 2.12 4.24 14.00
C ALA A 2232 3.01 5.35 14.52
N LYS A 2233 3.01 6.51 13.85
CA LYS A 2233 3.76 7.65 14.36
C LYS A 2233 3.23 8.13 15.70
N CYS A 2234 1.91 8.02 15.90
CA CYS A 2234 1.28 8.37 17.17
C CYS A 2234 1.76 7.49 18.31
N ALA A 2235 1.70 6.17 18.13
CA ALA A 2235 2.16 5.29 19.19
C ALA A 2235 3.67 5.34 19.36
N LEU A 2236 4.43 5.62 18.28
CA LEU A 2236 5.89 5.70 18.38
C LEU A 2236 6.33 6.89 19.23
N ARG A 2237 5.83 8.09 18.95
CA ARG A 2237 6.21 9.21 19.80
C ARG A 2237 5.48 9.19 21.13
N GLN A 2238 4.41 8.41 21.26
CA GLN A 2238 3.81 8.19 22.58
C GLN A 2238 4.73 7.40 23.48
N LEU A 2239 5.23 6.26 23.01
CA LEU A 2239 6.05 5.37 23.84
C LEU A 2239 7.51 5.81 23.78
N LYS A 2240 7.76 7.00 24.32
CA LYS A 2240 9.10 7.59 24.32
C LYS A 2240 9.17 8.71 25.36
N ALA C 132 24.77 -46.41 33.09
CA ALA C 132 23.33 -46.37 33.38
C ALA C 132 22.60 -45.48 32.39
N MET C 133 22.68 -44.16 32.59
CA MET C 133 22.02 -43.19 31.73
C MET C 133 22.91 -42.73 30.59
N LYS C 134 23.86 -43.55 30.17
CA LYS C 134 24.63 -43.28 28.98
C LYS C 134 23.73 -43.36 27.75
N THR C 135 24.08 -42.59 26.72
CA THR C 135 23.33 -42.69 25.48
C THR C 135 23.64 -44.02 24.80
N PRO C 136 22.66 -44.58 24.08
CA PRO C 136 22.89 -45.85 23.37
C PRO C 136 24.00 -45.81 22.33
N VAL C 137 24.33 -44.65 21.75
CA VAL C 137 25.52 -44.61 20.91
C VAL C 137 26.79 -44.80 21.75
N SER C 138 26.85 -44.19 22.93
CA SER C 138 27.99 -44.40 23.80
C SER C 138 27.94 -45.77 24.46
N ILE C 139 26.74 -46.32 24.67
CA ILE C 139 26.61 -47.68 25.21
C ILE C 139 27.14 -48.70 24.20
N LEU C 140 26.82 -48.53 22.92
CA LEU C 140 27.35 -49.40 21.89
C LEU C 140 28.85 -49.22 21.71
N GLN C 141 29.33 -47.97 21.82
CA GLN C 141 30.76 -47.71 21.75
C GLN C 141 31.50 -48.37 22.91
N GLU C 142 30.90 -48.37 24.10
CA GLU C 142 31.48 -49.08 25.25
C GLU C 142 31.51 -50.58 25.03
N LEU C 143 30.42 -51.16 24.53
CA LEU C 143 30.41 -52.61 24.26
C LEU C 143 31.37 -53.01 23.17
N LEU C 144 31.71 -52.11 22.25
CA LEU C 144 32.69 -52.46 21.23
C LEU C 144 34.13 -52.20 21.64
N SER C 145 34.39 -51.12 22.39
CA SER C 145 35.77 -50.75 22.72
C SER C 145 36.40 -51.72 23.70
N ARG C 146 35.61 -52.54 24.40
CA ARG C 146 36.16 -53.61 25.20
C ARG C 146 36.47 -54.85 24.37
N ARG C 147 36.10 -54.87 23.09
CA ARG C 147 36.31 -56.04 22.26
C ARG C 147 37.09 -55.67 21.00
N GLY C 148 37.94 -54.66 21.10
CA GLY C 148 38.64 -54.17 19.91
C GLY C 148 37.76 -53.19 19.17
N ILE C 149 37.58 -53.45 17.86
CA ILE C 149 36.51 -53.03 16.96
C ILE C 149 35.86 -51.67 17.21
N THR C 150 36.08 -50.72 16.29
CA THR C 150 35.39 -49.45 16.36
C THR C 150 34.34 -49.36 15.26
N PRO C 151 33.08 -49.06 15.59
CA PRO C 151 32.04 -48.97 14.55
C PRO C 151 32.23 -47.77 13.65
N GLY C 152 31.46 -47.78 12.57
CA GLY C 152 31.44 -46.69 11.60
C GLY C 152 30.03 -46.37 11.14
N TYR C 153 29.67 -45.10 11.17
CA TYR C 153 28.32 -44.65 10.82
C TYR C 153 28.34 -44.00 9.45
N GLU C 154 27.40 -44.39 8.59
CA GLU C 154 27.28 -43.83 7.26
C GLU C 154 25.83 -43.39 7.04
N LEU C 155 25.65 -42.19 6.52
CA LEU C 155 24.33 -41.61 6.37
C LEU C 155 23.67 -42.17 5.12
N VAL C 156 22.56 -42.89 5.31
CA VAL C 156 21.85 -43.48 4.17
C VAL C 156 21.12 -42.40 3.39
N GLN C 157 20.22 -41.67 4.04
CA GLN C 157 19.33 -40.78 3.30
C GLN C 157 18.84 -39.64 4.17
N ILE C 158 19.00 -38.41 3.68
CA ILE C 158 18.35 -37.25 4.29
C ILE C 158 17.23 -36.83 3.35
N GLU C 159 16.17 -36.28 3.93
CA GLU C 159 14.96 -35.95 3.18
C GLU C 159 14.47 -34.61 3.67
N GLY C 160 14.64 -33.59 2.84
CA GLY C 160 14.18 -32.25 3.13
C GLY C 160 12.75 -31.98 2.73
N ALA C 161 11.79 -32.46 3.52
CA ALA C 161 10.37 -32.29 3.19
C ALA C 161 9.88 -30.88 3.49
N ILE C 162 8.56 -30.73 3.52
CA ILE C 162 7.94 -29.40 3.54
C ILE C 162 8.19 -28.67 4.86
N HIS C 163 8.39 -29.38 5.96
CA HIS C 163 8.43 -28.73 7.27
C HIS C 163 9.60 -29.15 8.15
N GLU C 164 10.23 -30.30 7.91
CA GLU C 164 11.41 -30.71 8.65
C GLU C 164 12.19 -31.71 7.81
N PRO C 165 13.51 -31.77 7.96
CA PRO C 165 14.28 -32.84 7.30
C PRO C 165 14.51 -34.04 8.20
N THR C 166 14.43 -35.23 7.60
CA THR C 166 14.74 -36.46 8.30
C THR C 166 16.12 -36.96 7.87
N PHE C 167 16.80 -37.63 8.80
CA PHE C 167 18.14 -38.17 8.59
C PHE C 167 18.12 -39.64 8.90
N ARG C 168 18.79 -40.43 8.07
CA ARG C 168 18.82 -41.88 8.20
C ARG C 168 20.26 -42.35 8.03
N PHE C 169 20.83 -42.87 9.13
CA PHE C 169 22.18 -43.40 9.24
C PHE C 169 22.20 -44.91 9.09
N ARG C 170 23.36 -45.44 8.69
CA ARG C 170 23.65 -46.87 8.71
C ARG C 170 24.92 -47.07 9.53
N VAL C 171 24.87 -48.00 10.46
CA VAL C 171 26.02 -48.35 11.29
C VAL C 171 26.45 -49.77 10.93
N SER C 172 27.76 -49.95 10.75
CA SER C 172 28.32 -51.23 10.35
C SER C 172 29.21 -51.78 11.46
N PHE C 173 29.57 -53.05 11.29
CA PHE C 173 30.18 -53.86 12.34
C PHE C 173 31.11 -54.85 11.66
N LYS C 174 32.36 -54.42 11.47
CA LYS C 174 33.54 -55.15 10.99
C LYS C 174 33.41 -55.78 9.60
N ASP C 175 34.53 -56.28 9.07
CA ASP C 175 34.54 -56.92 7.76
C ASP C 175 35.21 -58.28 7.79
N LYS C 176 35.34 -58.89 8.96
CA LYS C 176 36.11 -60.13 9.09
C LYS C 176 35.26 -61.31 9.54
N ASP C 177 34.42 -61.15 10.55
CA ASP C 177 33.70 -62.28 11.14
C ASP C 177 32.31 -61.82 11.59
N THR C 178 31.27 -62.29 10.87
CA THR C 178 29.86 -61.94 11.02
C THR C 178 29.69 -60.42 10.97
N PRO C 179 29.76 -59.82 9.78
CA PRO C 179 29.72 -58.36 9.66
C PRO C 179 28.34 -57.77 9.91
N PHE C 180 28.00 -57.46 11.16
CA PHE C 180 26.65 -56.95 11.45
C PHE C 180 26.45 -55.55 10.86
N THR C 181 25.20 -55.19 10.64
CA THR C 181 24.87 -53.86 10.15
C THR C 181 23.43 -53.53 10.51
N ALA C 182 23.13 -52.24 10.55
CA ALA C 182 21.79 -51.75 10.83
C ALA C 182 21.65 -50.34 10.29
N MET C 183 20.41 -49.86 10.23
CA MET C 183 20.13 -48.48 9.87
C MET C 183 19.03 -47.95 10.76
N GLY C 184 19.01 -46.62 10.91
CA GLY C 184 18.04 -45.96 11.78
C GLY C 184 17.87 -44.53 11.34
N ALA C 185 16.85 -43.88 11.91
CA ALA C 185 16.46 -42.57 11.40
C ALA C 185 15.80 -41.75 12.49
N GLY C 186 15.84 -40.43 12.28
CA GLY C 186 15.22 -39.47 13.17
C GLY C 186 15.29 -38.10 12.58
N ARG C 187 14.63 -37.15 13.23
CA ARG C 187 14.56 -35.79 12.71
C ARG C 187 15.77 -34.94 13.08
N SER C 188 16.75 -35.53 13.76
CA SER C 188 18.00 -34.87 14.06
C SER C 188 19.11 -35.88 13.81
N LYS C 189 20.32 -35.36 13.51
CA LYS C 189 21.45 -36.25 13.22
C LYS C 189 21.82 -37.07 14.43
N LYS C 190 21.88 -36.46 15.61
CA LYS C 190 22.20 -37.19 16.82
C LYS C 190 21.07 -38.15 17.20
N GLU C 191 19.82 -37.76 16.97
CA GLU C 191 18.70 -38.66 17.22
C GLU C 191 18.72 -39.86 16.28
N ALA C 192 19.13 -39.65 15.03
CA ALA C 192 19.22 -40.74 14.06
C ALA C 192 20.36 -41.68 14.36
N LYS C 193 21.52 -41.13 14.73
CA LYS C 193 22.66 -41.95 15.13
C LYS C 193 22.33 -42.75 16.39
N HIS C 194 21.62 -42.12 17.33
CA HIS C 194 21.11 -42.82 18.51
C HIS C 194 20.15 -43.94 18.16
N ALA C 195 19.23 -43.70 17.22
CA ALA C 195 18.26 -44.74 16.87
C ALA C 195 18.93 -45.90 16.13
N ALA C 196 19.94 -45.60 15.31
CA ALA C 196 20.69 -46.65 14.64
C ALA C 196 21.44 -47.52 15.64
N ALA C 197 22.09 -46.89 16.62
CA ALA C 197 22.81 -47.65 17.63
C ALA C 197 21.85 -48.43 18.53
N ARG C 198 20.67 -47.86 18.81
CA ARG C 198 19.69 -48.59 19.62
C ARG C 198 19.14 -49.80 18.89
N ALA C 199 18.92 -49.68 17.58
CA ALA C 199 18.50 -50.82 16.78
C ALA C 199 19.59 -51.88 16.74
N LEU C 200 20.85 -51.47 16.69
CA LEU C 200 21.94 -52.47 16.72
C LEU C 200 22.04 -53.15 18.08
N ILE C 201 21.78 -52.42 19.17
CA ILE C 201 21.75 -53.03 20.50
C ILE C 201 20.64 -54.07 20.57
N ASP C 202 19.45 -53.73 20.06
CA ASP C 202 18.35 -54.69 20.06
C ASP C 202 18.63 -55.87 19.14
N LYS C 203 19.39 -55.66 18.07
CA LYS C 203 19.81 -56.76 17.21
C LYS C 203 20.77 -57.70 17.94
N LEU C 204 21.70 -57.14 18.72
CA LEU C 204 22.65 -57.94 19.46
C LEU C 204 22.15 -58.34 20.85
N ILE C 205 20.84 -58.38 21.05
CA ILE C 205 20.27 -58.95 22.26
C ILE C 205 19.29 -60.07 21.89
N ASN C 250 7.06 -27.55 12.53
CA ASN C 250 6.73 -27.57 13.95
C ASN C 250 6.78 -26.15 14.52
N PRO C 251 5.62 -25.47 14.56
CA PRO C 251 5.59 -24.06 15.01
C PRO C 251 5.96 -23.84 16.47
N ILE C 252 5.24 -24.47 17.42
CA ILE C 252 5.20 -24.17 18.86
C ILE C 252 4.63 -22.78 19.16
N GLY C 253 5.05 -21.76 18.41
CA GLY C 253 4.56 -20.40 18.59
C GLY C 253 3.13 -20.11 18.19
N TRP C 254 2.31 -21.15 18.05
CA TRP C 254 0.86 -20.96 18.13
C TRP C 254 0.45 -20.41 19.49
N LEU C 255 1.22 -20.71 20.53
CA LEU C 255 1.05 -20.07 21.84
C LEU C 255 1.23 -18.56 21.72
N GLN C 256 2.27 -18.12 21.01
CA GLN C 256 2.51 -16.68 20.90
C GLN C 256 1.53 -16.01 19.93
N GLU C 257 1.09 -16.74 18.90
CA GLU C 257 0.01 -16.23 18.05
C GLU C 257 -1.29 -16.06 18.84
N MET C 258 -1.61 -17.02 19.72
CA MET C 258 -2.78 -16.91 20.58
C MET C 258 -2.63 -15.78 21.58
N CYS C 259 -1.41 -15.53 22.08
CA CYS C 259 -1.17 -14.37 22.92
C CYS C 259 -1.39 -13.08 22.15
N MET C 260 -1.01 -13.05 20.87
CA MET C 260 -1.30 -11.90 20.02
C MET C 260 -2.80 -11.75 19.77
N GLN C 261 -3.54 -12.85 19.79
CA GLN C 261 -4.98 -12.78 19.52
C GLN C 261 -5.75 -12.12 20.65
N ARG C 262 -5.43 -12.46 21.89
CA ARG C 262 -6.19 -11.99 23.05
C ARG C 262 -5.60 -10.74 23.68
N ARG C 263 -4.93 -9.91 22.87
CA ARG C 263 -4.53 -8.54 23.22
C ARG C 263 -3.55 -8.49 24.39
N TRP C 264 -2.44 -9.22 24.27
CA TRP C 264 -1.48 -9.36 25.35
C TRP C 264 -0.06 -9.05 24.89
N PRO C 265 0.79 -8.60 25.81
CA PRO C 265 2.25 -8.58 25.56
C PRO C 265 2.80 -10.00 25.52
N PRO C 266 3.98 -10.22 24.92
CA PRO C 266 4.45 -11.58 24.72
C PRO C 266 4.82 -12.24 26.04
N PRO C 267 4.72 -13.58 26.12
CA PRO C 267 5.08 -14.26 27.36
C PRO C 267 6.58 -14.27 27.60
N SER C 268 6.94 -14.44 28.86
CA SER C 268 8.34 -14.49 29.29
C SER C 268 8.52 -15.71 30.19
N TYR C 269 9.00 -16.80 29.61
CA TYR C 269 9.51 -17.91 30.38
C TYR C 269 10.86 -17.54 31.00
N GLU C 270 11.08 -17.99 32.24
CA GLU C 270 12.27 -17.60 32.98
C GLU C 270 13.00 -18.83 33.50
N THR C 271 14.33 -18.72 33.54
CA THR C 271 15.21 -19.80 34.01
C THR C 271 15.08 -19.90 35.53
N GLU C 272 14.29 -20.87 35.99
CA GLU C 272 14.02 -20.99 37.42
C GLU C 272 15.19 -21.62 38.17
N THR C 273 15.54 -22.86 37.82
CA THR C 273 16.62 -23.53 38.54
C THR C 273 17.27 -24.59 37.65
N GLU C 274 18.43 -25.07 38.12
CA GLU C 274 19.26 -26.01 37.37
C GLU C 274 19.99 -26.91 38.36
N VAL C 275 20.53 -28.00 37.84
CA VAL C 275 21.28 -28.97 38.65
C VAL C 275 22.76 -28.67 38.50
N GLY C 276 23.51 -28.79 39.60
CA GLY C 276 24.90 -28.38 39.63
C GLY C 276 25.85 -29.25 38.81
N LEU C 277 25.47 -30.49 38.51
CA LEU C 277 26.32 -31.35 37.70
C LEU C 277 26.37 -30.81 36.27
N PRO C 278 27.52 -30.85 35.61
CA PRO C 278 27.65 -30.21 34.30
C PRO C 278 27.06 -31.01 33.15
N HIS C 279 27.21 -32.33 33.17
CA HIS C 279 26.82 -33.15 32.04
C HIS C 279 25.47 -33.81 32.20
N GLU C 280 24.88 -33.77 33.37
CA GLU C 280 23.57 -34.35 33.62
C GLU C 280 22.71 -33.38 34.43
N ARG C 281 22.66 -32.12 33.99
CA ARG C 281 21.82 -31.12 34.63
C ARG C 281 20.45 -31.09 33.98
N LEU C 282 19.40 -31.21 34.79
CA LEU C 282 18.03 -31.17 34.31
C LEU C 282 17.43 -29.83 34.74
N PHE C 283 17.22 -28.95 33.76
CA PHE C 283 16.73 -27.60 34.03
C PHE C 283 15.25 -27.64 34.38
N THR C 284 14.84 -26.68 35.22
CA THR C 284 13.43 -26.36 35.45
C THR C 284 13.23 -24.89 35.10
N ILE C 285 12.29 -24.64 34.19
CA ILE C 285 12.05 -23.31 33.63
C ILE C 285 10.57 -23.00 33.76
N ALA C 286 10.24 -21.85 34.32
CA ALA C 286 8.85 -21.46 34.55
C ALA C 286 8.48 -20.30 33.63
N CYS C 287 7.26 -20.36 33.09
CA CYS C 287 6.68 -19.31 32.28
C CYS C 287 5.44 -18.78 32.98
N SER C 288 5.43 -17.48 33.24
CA SER C 288 4.32 -16.83 33.90
C SER C 288 3.87 -15.61 33.10
N ILE C 289 2.55 -15.45 33.00
CA ILE C 289 1.93 -14.28 32.41
C ILE C 289 0.86 -13.78 33.37
N LEU C 290 0.04 -12.83 32.92
CA LEU C 290 -0.94 -12.19 33.79
C LEU C 290 -2.03 -13.13 34.28
N ASN C 291 -2.18 -14.31 33.69
CA ASN C 291 -3.26 -15.21 34.07
C ASN C 291 -2.82 -16.38 34.92
N TYR C 292 -1.85 -17.19 34.47
CA TYR C 292 -1.42 -18.36 35.22
C TYR C 292 0.11 -18.46 35.22
N ARG C 293 0.61 -19.54 35.82
CA ARG C 293 2.02 -19.89 35.86
C ARG C 293 2.18 -21.37 35.53
N GLU C 294 3.20 -21.71 34.73
CA GLU C 294 3.54 -23.10 34.47
C GLU C 294 5.06 -23.25 34.48
N MET C 295 5.52 -24.49 34.35
CA MET C 295 6.95 -24.79 34.39
C MET C 295 7.20 -26.08 33.64
N GLY C 296 8.48 -26.38 33.45
CA GLY C 296 8.89 -27.56 32.73
C GLY C 296 10.30 -28.00 33.05
N LYS C 297 10.51 -29.30 33.20
CA LYS C 297 11.81 -29.88 33.49
C LYS C 297 12.32 -30.60 32.24
N GLY C 298 13.57 -30.32 31.86
CA GLY C 298 14.14 -30.90 30.67
C GLY C 298 15.59 -31.30 30.87
N LYS C 299 16.02 -32.27 30.06
CA LYS C 299 17.42 -32.68 30.08
C LYS C 299 18.32 -31.59 29.52
N SER C 300 17.79 -30.74 28.65
CA SER C 300 18.42 -29.49 28.26
C SER C 300 17.41 -28.38 28.50
N LYS C 301 17.87 -27.12 28.45
CA LYS C 301 16.93 -26.05 28.76
C LYS C 301 15.99 -25.75 27.60
N LYS C 302 16.37 -26.13 26.37
CA LYS C 302 15.48 -25.94 25.23
C LYS C 302 14.25 -26.84 25.35
N ILE C 303 14.47 -28.14 25.58
CA ILE C 303 13.36 -29.05 25.80
C ILE C 303 12.65 -28.74 27.12
N ALA C 304 13.32 -28.08 28.06
CA ALA C 304 12.64 -27.56 29.24
C ALA C 304 11.65 -26.46 28.85
N LYS C 305 12.05 -25.56 27.94
CA LYS C 305 11.12 -24.56 27.44
C LYS C 305 9.99 -25.19 26.64
N ARG C 306 10.27 -26.26 25.89
CA ARG C 306 9.20 -26.91 25.13
C ARG C 306 8.17 -27.54 26.04
N LEU C 307 8.63 -28.21 27.09
CA LEU C 307 7.68 -28.83 28.02
C LEU C 307 6.92 -27.77 28.82
N ALA C 308 7.61 -26.70 29.23
CA ALA C 308 6.95 -25.61 29.94
C ALA C 308 5.94 -24.89 29.06
N ALA C 309 6.29 -24.60 27.81
CA ALA C 309 5.38 -23.93 26.89
C ALA C 309 4.23 -24.83 26.49
N HIS C 310 4.45 -26.14 26.39
CA HIS C 310 3.34 -27.06 26.17
C HIS C 310 2.38 -27.08 27.36
N ARG C 311 2.92 -27.08 28.58
CA ARG C 311 2.05 -27.04 29.76
C ARG C 311 1.33 -25.71 29.89
N MET C 312 1.98 -24.60 29.52
CA MET C 312 1.32 -23.29 29.60
C MET C 312 0.30 -23.10 28.48
N TRP C 313 0.59 -23.63 27.29
CA TRP C 313 -0.38 -23.63 26.21
C TRP C 313 -1.58 -24.49 26.57
N MET C 314 -1.33 -25.62 27.24
CA MET C 314 -2.40 -26.45 27.76
C MET C 314 -3.22 -25.72 28.81
N ARG C 315 -2.54 -24.98 29.70
CA ARG C 315 -3.21 -24.24 30.76
C ARG C 315 -4.08 -23.12 30.20
N LEU C 316 -3.59 -22.40 29.19
CA LEU C 316 -4.36 -21.31 28.58
C LEU C 316 -5.38 -21.81 27.57
N GLN C 317 -5.23 -23.03 27.05
CA GLN C 317 -6.19 -23.55 26.09
C GLN C 317 -7.20 -24.48 26.75
N GLU C 318 -7.07 -24.74 28.04
CA GLU C 318 -8.12 -25.40 28.80
C GLU C 318 -9.08 -24.37 29.39
N THR C 319 -8.55 -23.42 30.17
CA THR C 319 -9.34 -22.32 30.71
C THR C 319 -8.65 -21.02 30.30
N PRO C 320 -9.02 -20.44 29.14
CA PRO C 320 -8.51 -19.14 28.72
C PRO C 320 -8.97 -18.00 29.62
N THR C 358 -38.50 11.45 27.99
CA THR C 358 -37.32 10.61 27.91
C THR C 358 -37.42 9.48 28.93
N GLN C 359 -36.41 8.60 28.91
CA GLN C 359 -36.35 7.51 29.88
C GLN C 359 -36.18 8.03 31.30
N HIS C 360 -35.47 9.15 31.46
CA HIS C 360 -35.39 9.83 32.75
C HIS C 360 -36.76 10.32 33.17
N SER C 361 -37.52 10.89 32.23
CA SER C 361 -38.86 11.36 32.51
C SER C 361 -39.80 10.21 32.84
N ASN C 362 -39.63 9.07 32.15
CA ASN C 362 -40.43 7.89 32.47
C ASN C 362 -40.08 7.33 33.84
N LYS C 363 -38.80 7.38 34.22
CA LYS C 363 -38.41 6.96 35.57
C LYS C 363 -39.01 7.87 36.63
N VAL C 364 -39.01 9.19 36.37
CA VAL C 364 -39.64 10.15 37.27
C VAL C 364 -41.13 9.88 37.41
N SER C 365 -41.78 9.58 36.28
CA SER C 365 -43.20 9.22 36.30
C SER C 365 -43.44 7.94 37.09
N GLN C 366 -42.51 6.98 37.00
CA GLN C 366 -42.66 5.71 37.71
C GLN C 366 -42.57 5.90 39.22
N PHE C 367 -41.53 6.57 39.72
CA PHE C 367 -41.50 6.62 41.18
C PHE C 367 -42.43 7.69 41.73
N HIS C 368 -42.86 8.66 40.91
CA HIS C 368 -43.94 9.52 41.36
C HIS C 368 -45.27 8.78 41.38
N LYS C 369 -45.45 7.78 40.51
CA LYS C 369 -46.58 6.88 40.65
C LYS C 369 -46.50 6.09 41.95
N THR C 370 -45.29 5.66 42.33
CA THR C 370 -45.14 4.95 43.61
C THR C 370 -45.45 5.86 44.80
N LEU C 371 -45.00 7.11 44.75
CA LEU C 371 -45.33 8.04 45.84
C LEU C 371 -46.80 8.44 45.80
N LYS C 372 -47.42 8.41 44.62
CA LYS C 372 -48.87 8.57 44.51
C LYS C 372 -49.60 7.42 45.20
N ASN C 373 -49.14 6.19 44.96
CA ASN C 373 -49.72 5.02 45.59
C ASN C 373 -49.50 5.05 47.10
N ALA C 374 -48.43 5.68 47.55
CA ALA C 374 -48.20 5.88 48.98
C ALA C 374 -48.90 7.10 49.54
N THR C 375 -49.46 7.98 48.70
CA THR C 375 -50.13 9.18 49.21
C THR C 375 -51.38 8.85 50.01
N GLY C 376 -52.44 8.36 49.35
CA GLY C 376 -53.68 8.03 50.02
C GLY C 376 -54.87 8.78 49.41
N LYS C 377 -55.82 9.13 50.27
CA LYS C 377 -57.14 9.59 49.84
C LYS C 377 -57.13 11.01 49.29
N LYS C 378 -56.13 11.81 49.64
CA LYS C 378 -56.10 13.21 49.21
C LYS C 378 -55.87 13.36 47.72
N LEU C 379 -55.32 12.36 47.04
CA LEU C 379 -55.24 12.41 45.58
C LEU C 379 -56.63 12.34 44.94
N LEU C 380 -57.46 11.41 45.42
CA LEU C 380 -58.81 11.30 44.88
C LEU C 380 -59.68 12.48 45.29
N LYS C 381 -59.47 13.01 46.51
CA LYS C 381 -60.14 14.26 46.90
C LYS C 381 -59.70 15.42 46.01
N LEU C 382 -58.41 15.46 45.67
CA LEU C 382 -57.88 16.46 44.76
C LEU C 382 -58.50 16.35 43.37
N GLN C 383 -58.66 15.11 42.89
CA GLN C 383 -59.29 14.88 41.60
C GLN C 383 -60.75 15.35 41.61
N LYS C 384 -61.49 15.00 42.66
CA LYS C 384 -62.92 15.26 42.69
C LYS C 384 -63.27 16.61 43.33
N THR C 385 -62.29 17.53 43.41
CA THR C 385 -62.56 18.90 43.84
C THR C 385 -62.00 19.86 42.80
N CYS C 386 -62.82 20.82 42.41
CA CYS C 386 -62.35 21.87 41.51
C CYS C 386 -61.44 22.81 42.27
N LEU C 387 -60.27 23.09 41.70
CA LEU C 387 -59.26 23.93 42.32
C LEU C 387 -59.40 25.40 41.94
N LYS C 388 -60.44 25.76 41.19
CA LYS C 388 -60.68 27.17 40.89
C LYS C 388 -61.01 27.95 42.16
N ASN C 389 -61.81 27.35 43.05
CA ASN C 389 -62.13 28.01 44.31
C ASN C 389 -60.91 28.01 45.22
N ASN C 390 -60.71 29.12 45.91
CA ASN C 390 -59.68 29.23 46.93
C ASN C 390 -60.20 28.91 48.32
N LYS C 391 -61.47 28.49 48.43
CA LYS C 391 -62.05 28.14 49.71
C LYS C 391 -61.42 26.90 50.32
N ILE C 392 -60.85 26.02 49.50
CA ILE C 392 -59.99 24.95 50.01
C ILE C 392 -58.60 25.54 50.22
N ASP C 393 -58.01 25.27 51.38
CA ASP C 393 -56.73 25.86 51.72
C ASP C 393 -55.62 25.10 51.02
N TYR C 394 -54.94 25.76 50.08
CA TYR C 394 -53.96 25.09 49.24
C TYR C 394 -52.72 24.71 50.03
N ILE C 395 -52.19 25.64 50.82
CA ILE C 395 -50.96 25.40 51.57
C ILE C 395 -51.19 24.37 52.66
N LYS C 396 -52.34 24.47 53.35
CA LYS C 396 -52.68 23.52 54.39
C LYS C 396 -52.89 22.12 53.83
N LEU C 397 -53.56 22.01 52.67
CA LEU C 397 -53.80 20.69 52.11
C LEU C 397 -52.52 20.08 51.55
N LEU C 398 -51.61 20.92 51.03
CA LEU C 398 -50.31 20.40 50.60
C LEU C 398 -49.49 19.93 51.79
N GLY C 399 -49.58 20.62 52.92
CA GLY C 399 -48.97 20.13 54.14
C GLY C 399 -49.62 18.86 54.67
N GLU C 400 -50.93 18.72 54.50
CA GLU C 400 -51.62 17.48 54.84
C GLU C 400 -51.12 16.31 54.00
N ILE C 401 -50.90 16.56 52.70
CA ILE C 401 -50.35 15.55 51.81
C ILE C 401 -48.92 15.21 52.22
N ALA C 402 -48.16 16.21 52.69
CA ALA C 402 -46.81 15.97 53.21
C ALA C 402 -46.84 15.05 54.42
N THR C 403 -47.68 15.38 55.41
CA THR C 403 -47.82 14.54 56.60
C THR C 403 -48.37 13.16 56.26
N GLU C 404 -49.16 13.07 55.19
CA GLU C 404 -49.79 11.82 54.79
C GLU C 404 -48.81 10.88 54.09
N ASN C 405 -47.90 11.43 53.27
CA ASN C 405 -47.09 10.63 52.36
C ASN C 405 -45.59 10.79 52.71
N GLN C 406 -45.30 10.89 54.01
CA GLN C 406 -43.95 10.74 54.58
C GLN C 406 -42.94 11.78 54.08
N PHE C 407 -43.39 12.84 53.41
CA PHE C 407 -42.48 13.85 52.89
C PHE C 407 -42.81 15.18 53.56
N GLU C 408 -42.11 16.23 53.15
CA GLU C 408 -42.40 17.58 53.58
C GLU C 408 -42.47 18.49 52.36
N VAL C 409 -43.15 19.61 52.54
CA VAL C 409 -43.27 20.59 51.48
C VAL C 409 -42.28 21.72 51.74
N THR C 410 -41.92 22.46 50.69
CA THR C 410 -41.04 23.60 50.88
C THR C 410 -41.62 24.78 50.11
N TYR C 411 -41.60 25.95 50.72
CA TYR C 411 -42.12 27.17 50.12
C TYR C 411 -41.00 28.20 50.11
N VAL C 412 -40.67 28.73 48.93
CA VAL C 412 -39.64 29.74 48.80
C VAL C 412 -40.26 30.97 48.14
N ASP C 413 -40.30 32.07 48.87
CA ASP C 413 -40.71 33.37 48.34
C ASP C 413 -39.47 34.25 48.35
N ILE C 414 -38.84 34.40 47.18
CA ILE C 414 -37.61 35.17 47.10
C ILE C 414 -37.93 36.66 47.24
N GLU C 415 -37.00 37.40 47.84
CA GLU C 415 -37.30 38.70 48.43
C GLU C 415 -37.56 39.81 47.42
N GLU C 416 -37.12 39.68 46.17
CA GLU C 416 -37.24 40.79 45.24
C GLU C 416 -38.67 40.90 44.69
N LYS C 417 -38.89 41.94 43.89
CA LYS C 417 -40.18 42.16 43.23
C LYS C 417 -40.00 42.19 41.73
N THR C 418 -41.03 41.79 41.01
CA THR C 418 -40.95 41.55 39.58
C THR C 418 -41.01 42.89 38.82
N PHE C 419 -40.99 42.79 37.50
CA PHE C 419 -41.30 43.95 36.68
C PHE C 419 -42.75 44.35 36.82
N SER C 420 -43.64 43.37 37.02
CA SER C 420 -45.04 43.64 37.28
C SER C 420 -45.30 44.12 38.70
N GLY C 421 -44.29 44.09 39.57
CA GLY C 421 -44.49 44.49 40.94
C GLY C 421 -45.26 43.51 41.78
N GLN C 422 -45.26 42.23 41.41
CA GLN C 422 -45.99 41.21 42.12
C GLN C 422 -45.01 40.31 42.90
N PHE C 423 -45.57 39.36 43.64
CA PHE C 423 -44.80 38.41 44.41
C PHE C 423 -44.97 37.02 43.81
N GLN C 424 -43.97 36.17 44.00
CA GLN C 424 -44.07 34.81 43.52
C GLN C 424 -43.45 33.84 44.52
N CYS C 425 -43.86 32.58 44.41
CA CYS C 425 -43.36 31.51 45.27
C CYS C 425 -43.13 30.25 44.45
N LEU C 426 -42.13 29.48 44.88
CA LEU C 426 -41.83 28.18 44.32
C LEU C 426 -42.00 27.14 45.42
N VAL C 427 -42.79 26.09 45.15
CA VAL C 427 -42.95 25.00 46.10
C VAL C 427 -42.10 23.82 45.64
N GLN C 428 -41.32 23.27 46.57
CA GLN C 428 -40.39 22.18 46.31
C GLN C 428 -40.88 20.94 47.05
N LEU C 429 -41.03 19.85 46.32
CA LEU C 429 -41.46 18.59 46.91
C LEU C 429 -40.22 17.89 47.47
N SER C 430 -40.12 17.82 48.79
CA SER C 430 -38.97 17.19 49.42
C SER C 430 -39.05 15.68 49.26
N THR C 431 -38.75 15.22 48.04
CA THR C 431 -38.74 13.82 47.67
C THR C 431 -37.48 13.58 46.85
N LEU C 432 -37.43 12.43 46.16
CA LEU C 432 -36.26 12.08 45.37
C LEU C 432 -35.90 13.07 44.25
N PRO C 433 -36.85 13.64 43.42
CA PRO C 433 -36.37 14.53 42.35
C PRO C 433 -36.14 15.93 42.87
N VAL C 434 -35.86 16.87 41.98
CA VAL C 434 -35.62 18.24 42.37
C VAL C 434 -36.93 18.95 42.75
N GLY C 435 -37.84 19.16 41.80
CA GLY C 435 -39.22 19.49 42.10
C GLY C 435 -39.48 20.95 42.36
N VAL C 436 -40.17 21.65 41.46
CA VAL C 436 -40.64 23.02 41.64
C VAL C 436 -41.99 23.15 40.95
N CYS C 437 -42.99 23.64 41.67
CA CYS C 437 -44.20 24.18 41.06
C CYS C 437 -44.29 25.67 41.37
N HIS C 438 -44.65 26.47 40.37
CA HIS C 438 -44.55 27.91 40.45
C HIS C 438 -45.90 28.52 40.80
N GLY C 439 -45.86 29.74 41.34
CA GLY C 439 -47.09 30.48 41.54
C GLY C 439 -46.78 31.92 41.83
N SER C 440 -47.77 32.78 41.61
CA SER C 440 -47.58 34.19 41.83
C SER C 440 -48.90 34.83 42.25
N GLY C 441 -48.79 36.02 42.83
CA GLY C 441 -49.93 36.79 43.24
C GLY C 441 -49.55 38.23 43.51
N PRO C 442 -50.53 39.08 43.81
CA PRO C 442 -50.21 40.45 44.21
C PRO C 442 -49.53 40.54 45.56
N THR C 443 -49.82 39.60 46.45
CA THR C 443 -49.22 39.53 47.77
C THR C 443 -48.33 38.30 47.86
N ALA C 444 -47.58 38.22 48.97
CA ALA C 444 -46.74 37.06 49.22
C ALA C 444 -47.58 35.82 49.51
N ALA C 445 -48.62 35.98 50.35
CA ALA C 445 -49.42 34.83 50.76
C ALA C 445 -50.26 34.29 49.61
N ASP C 446 -50.80 35.18 48.77
CA ASP C 446 -51.53 34.72 47.59
C ASP C 446 -50.61 34.04 46.59
N ALA C 447 -49.36 34.51 46.48
CA ALA C 447 -48.38 33.84 45.63
C ALA C 447 -48.04 32.45 46.13
N GLN C 448 -47.89 32.30 47.45
CA GLN C 448 -47.62 30.98 48.02
C GLN C 448 -48.83 30.06 47.88
N ARG C 449 -50.05 30.62 48.00
CA ARG C 449 -51.26 29.85 47.79
C ARG C 449 -51.39 29.39 46.34
N HIS C 450 -51.02 30.26 45.39
CA HIS C 450 -51.07 29.86 43.98
C HIS C 450 -49.97 28.86 43.62
N ALA C 451 -48.82 28.97 44.29
CA ALA C 451 -47.78 27.94 44.12
C ALA C 451 -48.24 26.59 44.65
N ALA C 452 -48.88 26.58 45.82
CA ALA C 452 -49.46 25.34 46.34
C ALA C 452 -50.62 24.86 45.47
N GLN C 453 -51.32 25.79 44.82
CA GLN C 453 -52.37 25.44 43.86
C GLN C 453 -51.78 24.72 42.64
N ASN C 454 -50.64 25.20 42.15
CA ASN C 454 -49.98 24.51 41.04
C ASN C 454 -49.37 23.17 41.49
N ALA C 455 -48.96 23.06 42.75
CA ALA C 455 -48.55 21.76 43.27
C ALA C 455 -49.73 20.80 43.31
N LEU C 456 -50.91 21.30 43.69
CA LEU C 456 -52.13 20.51 43.62
C LEU C 456 -52.46 20.13 42.17
N GLU C 457 -52.20 21.04 41.23
CA GLU C 457 -52.36 20.72 39.81
C GLU C 457 -51.41 19.60 39.37
N TYR C 458 -50.18 19.66 39.86
CA TYR C 458 -49.17 18.65 39.55
C TYR C 458 -49.59 17.28 40.04
N LEU C 459 -49.95 17.19 41.32
CA LEU C 459 -50.43 15.93 41.88
C LEU C 459 -51.73 15.49 41.24
N LYS C 460 -52.58 16.44 40.84
CA LYS C 460 -53.86 16.13 40.22
C LYS C 460 -53.67 15.48 38.86
N ILE C 461 -52.85 16.10 38.00
CA ILE C 461 -52.63 15.53 36.68
C ILE C 461 -51.78 14.27 36.76
N MET C 462 -51.02 14.10 37.85
CA MET C 462 -50.38 12.80 38.06
C MET C 462 -51.41 11.74 38.42
N THR C 463 -52.44 12.12 39.19
CA THR C 463 -53.32 11.15 39.85
C THR C 463 -54.20 10.40 38.85
N LYS C 464 -54.80 11.13 37.91
CA LYS C 464 -55.89 10.57 37.11
C LYS C 464 -55.42 9.46 36.20
N LYS C 465 -56.17 8.36 36.19
CA LYS C 465 -55.74 7.13 35.54
C LYS C 465 -56.90 6.49 34.79
#